data_8PBA
#
_entry.id   8PBA
#
_cell.length_a   1.00
_cell.length_b   1.00
_cell.length_c   1.00
_cell.angle_alpha   90.00
_cell.angle_beta   90.00
_cell.angle_gamma   90.00
#
_symmetry.space_group_name_H-M   'P 1'
#
_entity_poly.entity_id   1
_entity_poly.type   'polypeptide(L)'
_entity_poly.pdbx_seq_one_letter_code
;MMFNFYQFLYNLQNVSPFIDFSVLKQLTHTKMRENEPARFETRSFSQLIDHARSWKTEVRGMTTQGFTKISLMRAEKDRL
NMYAISSVPGTNTQSIFSVTIPLELVEKAQVADRKFELKLKSGYNVDSYIRKTPPSAEFTLQCERQRSQVVTGISDYEIR
NGKMILMAGDQLFRYNPLNEALAAIPIAVPDDQSSTEPMDISEGSITSGTKGSGSEAPQSSTVPPVTRIPIKKPTTSTEK
PATAPPTNNFVSSAKVCPADSSLLAYVLNKQVYIEKNGKIIHRTSSNSKHITNGVPSYIVQEELERFEGIWWSESKTRLL
YEHVNEEKVAESQFGVNGDPPVAPMKYPRAGTKNAYSTLRMVILENGKAYDVPLKDEVIYKHCPFYEYITRAGFFSDGTT
VWVQVMSRDQAQCSLLLIPYTDFLLPEELGGSIKEDNLQLSTDLNMGVWDDKSHEETMEKPPRGKLRGTVQIHKARNDYW
INTHNAIYPLKITDEEHPMYEFIYCLEKPNGSCLALISAELDQNGYCRHTEEKLLMAENFSINKSMGIVVDEVRELVYYV
ANESHPTEWNICVSHYRTGQHAQLTESGICFKSERANGKLALDLDHGFACYMTSVGSPAECRFYSFRWKENEVLPSTVYA
ANITVSGHPGQPDLHFDSPEMIEFQSKKTGLMHYAMILRPSNFDPYKKYPVFHYVYGGPGIQIVHNDFSWIQYIRFCRLG
YVVVFIDNRGSAHRGIEFERHIHKKMGTVEVEDQVEGLQMLAERTGGFMDMSRVVVHGWSYGGYMALQMIAKHPNIYRAA
IAGGAVSDWRLYDTAYTERYMGYPLEEHVYGASSITGLVEKLPDEPNRLMLVHGLMDENVHFAHLTHLVDECIKKGKWHE
LVIFPNERHGVRNNDASIYLDARMMYFAQQAIQGFGPTTAAPRQGPLWSHPQFEK
;
_entity_poly.pdbx_strand_id   A,B
#
# COMPACT_ATOMS: atom_id res chain seq x y z
N GLU A 34 -35.93 28.63 20.14
CA GLU A 34 -34.52 28.98 20.36
C GLU A 34 -33.95 28.10 21.47
N ASN A 35 -32.65 27.79 21.37
CA ASN A 35 -31.92 26.98 22.36
C ASN A 35 -30.53 27.53 22.61
N GLU A 36 -30.03 27.29 23.81
CA GLU A 36 -28.70 27.70 24.21
C GLU A 36 -27.66 26.70 23.71
N PRO A 37 -26.59 27.12 23.04
CA PRO A 37 -25.50 26.26 22.65
C PRO A 37 -24.93 25.61 23.89
N ALA A 38 -24.81 24.30 23.88
CA ALA A 38 -24.21 23.61 25.00
C ALA A 38 -22.72 23.87 24.96
N ARG A 39 -22.09 23.95 26.11
CA ARG A 39 -20.65 24.03 26.07
C ARG A 39 -20.16 22.73 25.47
N PHE A 40 -19.22 22.80 24.55
CA PHE A 40 -18.61 21.59 24.09
C PHE A 40 -17.27 21.44 24.75
N GLU A 41 -17.06 20.31 25.41
CA GLU A 41 -15.82 20.11 26.12
C GLU A 41 -14.77 19.50 25.22
N THR A 42 -13.71 20.24 24.99
CA THR A 42 -12.63 19.77 24.16
C THR A 42 -11.63 19.02 25.00
N ARG A 43 -10.81 18.21 24.35
CA ARG A 43 -9.75 17.50 25.07
C ARG A 43 -8.61 17.05 24.17
N SER A 44 -7.49 16.73 24.80
CA SER A 44 -6.27 16.30 24.14
C SER A 44 -6.38 14.91 23.55
N PHE A 45 -5.60 14.67 22.50
CA PHE A 45 -5.56 13.37 21.88
C PHE A 45 -5.28 12.29 22.90
N SER A 46 -4.38 12.56 23.83
CA SER A 46 -4.00 11.57 24.82
C SER A 46 -5.17 11.24 25.74
N GLN A 47 -6.10 12.18 25.87
CA GLN A 47 -7.26 12.01 26.72
C GLN A 47 -8.33 11.22 25.99
N LEU A 48 -8.33 11.32 24.66
CA LEU A 48 -9.26 10.55 23.86
C LEU A 48 -8.82 9.09 23.83
N ILE A 49 -7.50 8.87 23.87
CA ILE A 49 -6.97 7.52 23.95
C ILE A 49 -7.38 6.84 25.24
N ASP A 50 -7.28 7.57 26.36
CA ASP A 50 -7.67 6.98 27.63
C ASP A 50 -9.16 6.75 27.70
N HIS A 51 -9.93 7.60 27.06
CA HIS A 51 -11.37 7.44 27.05
C HIS A 51 -11.75 6.18 26.31
N ALA A 52 -11.20 6.01 25.12
CA ALA A 52 -11.52 4.84 24.31
C ALA A 52 -11.03 3.57 24.98
N ARG A 53 -9.90 3.66 25.66
CA ARG A 53 -9.32 2.49 26.32
C ARG A 53 -10.13 2.05 27.53
N SER A 54 -10.53 3.02 28.35
CA SER A 54 -11.32 2.70 29.53
C SER A 54 -12.68 2.19 29.11
N TRP A 55 -13.21 2.77 28.05
CA TRP A 55 -14.51 2.38 27.55
C TRP A 55 -14.57 0.93 27.14
N LYS A 56 -13.55 0.44 26.43
CA LYS A 56 -13.62 -0.93 25.99
C LYS A 56 -13.66 -1.88 27.17
N THR A 57 -12.99 -1.51 28.24
CA THR A 57 -13.07 -2.32 29.44
C THR A 57 -14.50 -2.34 29.98
N GLU A 58 -15.15 -1.17 29.97
CA GLU A 58 -16.52 -1.05 30.47
C GLU A 58 -17.59 -1.65 29.56
N VAL A 59 -17.41 -1.55 28.26
CA VAL A 59 -18.46 -2.01 27.35
C VAL A 59 -18.61 -3.51 27.43
N ARG A 60 -17.51 -4.19 27.69
CA ARG A 60 -17.54 -5.64 27.86
C ARG A 60 -18.25 -6.02 29.15
N GLY A 61 -18.37 -5.07 30.06
CA GLY A 61 -18.99 -5.31 31.34
C GLY A 61 -20.50 -5.19 31.23
N MET A 62 -20.98 -4.80 30.05
CA MET A 62 -22.41 -4.65 29.85
C MET A 62 -23.02 -5.94 29.33
N THR A 63 -22.18 -6.93 29.10
CA THR A 63 -22.64 -8.19 28.57
C THR A 63 -22.12 -9.35 29.38
N THR A 64 -22.57 -10.54 29.05
CA THR A 64 -22.12 -11.75 29.72
C THR A 64 -21.72 -12.77 28.68
N GLN A 65 -21.06 -13.83 29.12
CA GLN A 65 -20.75 -14.88 28.18
C GLN A 65 -22.03 -15.53 27.71
N GLY A 66 -22.20 -15.61 26.40
CA GLY A 66 -23.36 -16.24 25.82
C GLY A 66 -22.95 -17.46 25.04
N PHE A 67 -23.85 -17.94 24.20
CA PHE A 67 -23.54 -19.11 23.40
C PHE A 67 -23.87 -18.90 21.93
N THR A 68 -23.05 -19.53 21.09
CA THR A 68 -23.00 -19.21 19.66
C THR A 68 -23.90 -20.09 18.81
N LYS A 69 -24.44 -21.14 19.41
CA LYS A 69 -25.41 -21.98 18.73
C LYS A 69 -26.43 -22.47 19.72
N ILE A 70 -27.68 -22.56 19.29
CA ILE A 70 -28.71 -23.18 20.11
C ILE A 70 -29.38 -24.30 19.33
N SER A 71 -29.53 -25.45 19.95
CA SER A 71 -30.28 -26.54 19.32
C SER A 71 -30.99 -27.37 20.37
N LEU A 72 -32.12 -27.96 20.00
CA LEU A 72 -32.81 -28.86 20.89
C LEU A 72 -32.87 -30.25 20.29
N MET A 73 -32.80 -31.28 21.14
CA MET A 73 -33.04 -32.62 20.67
C MET A 73 -33.91 -33.41 21.63
N ARG A 74 -34.68 -34.32 21.08
CA ARG A 74 -35.44 -35.26 21.86
C ARG A 74 -34.67 -36.55 22.04
N ALA A 75 -33.83 -36.60 23.06
CA ALA A 75 -33.02 -37.79 23.31
C ALA A 75 -33.93 -38.96 23.61
N GLU A 76 -35.02 -38.68 24.31
CA GLU A 76 -36.03 -39.67 24.66
C GLU A 76 -37.40 -39.07 24.48
N LYS A 77 -38.41 -39.90 24.29
CA LYS A 77 -39.75 -39.39 24.06
C LYS A 77 -40.18 -38.44 25.17
N ASP A 78 -39.78 -38.72 26.40
CA ASP A 78 -40.18 -37.92 27.54
C ASP A 78 -39.13 -36.89 27.99
N ARG A 79 -38.07 -36.69 27.22
CA ARG A 79 -37.07 -35.71 27.61
C ARG A 79 -36.58 -34.85 26.46
N LEU A 80 -36.48 -33.56 26.72
CA LEU A 80 -35.97 -32.61 25.75
C LEU A 80 -34.69 -32.00 26.30
N ASN A 81 -33.64 -32.04 25.50
CA ASN A 81 -32.33 -31.58 25.93
C ASN A 81 -31.81 -30.44 25.08
N MET A 82 -31.47 -29.34 25.72
CA MET A 82 -30.92 -28.21 25.00
C MET A 82 -29.41 -28.24 24.99
N TYR A 83 -28.84 -27.97 23.83
CA TYR A 83 -27.40 -27.92 23.67
C TYR A 83 -26.97 -26.57 23.10
N ALA A 84 -25.81 -26.10 23.51
CA ALA A 84 -25.27 -24.86 22.96
C ALA A 84 -23.75 -24.79 23.10
N ILE A 85 -23.12 -23.95 22.29
CA ILE A 85 -21.67 -23.78 22.37
C ILE A 85 -21.25 -22.54 23.12
N SER A 86 -20.41 -22.75 24.14
CA SER A 86 -19.97 -21.67 25.02
C SER A 86 -18.54 -21.92 25.48
N SER A 87 -17.91 -20.88 26.00
CA SER A 87 -16.57 -21.04 26.54
C SER A 87 -16.60 -21.70 27.91
N VAL A 88 -15.51 -22.38 28.24
CA VAL A 88 -15.29 -22.95 29.57
C VAL A 88 -14.95 -21.81 30.52
N PRO A 89 -15.62 -21.68 31.66
CA PRO A 89 -15.46 -20.59 32.59
C PRO A 89 -14.00 -20.41 32.97
N GLY A 90 -13.55 -19.16 32.92
CA GLY A 90 -12.17 -18.79 33.25
C GLY A 90 -11.28 -18.75 32.01
N THR A 91 -11.75 -19.31 30.90
CA THR A 91 -10.97 -19.34 29.67
C THR A 91 -11.83 -19.08 28.43
N ASN A 92 -11.17 -19.05 27.28
CA ASN A 92 -11.84 -18.83 26.00
C ASN A 92 -11.97 -20.10 25.17
N THR A 93 -11.67 -21.24 25.79
CA THR A 93 -11.75 -22.54 25.12
C THR A 93 -13.21 -22.93 24.93
N GLN A 94 -13.56 -23.36 23.73
CA GLN A 94 -14.95 -23.69 23.43
C GLN A 94 -15.27 -25.15 23.68
N SER A 95 -16.50 -25.39 24.12
CA SER A 95 -16.99 -26.75 24.33
C SER A 95 -18.52 -26.78 24.22
N ILE A 96 -19.07 -27.98 24.14
CA ILE A 96 -20.51 -28.15 24.06
C ILE A 96 -21.11 -28.33 25.45
N PHE A 97 -22.11 -27.52 25.74
CA PHE A 97 -22.82 -27.50 27.01
C PHE A 97 -24.26 -27.93 26.82
N SER A 98 -24.89 -28.49 27.86
CA SER A 98 -26.29 -28.85 27.75
C SER A 98 -27.06 -28.78 29.06
N VAL A 99 -28.38 -28.67 28.94
CA VAL A 99 -29.28 -28.75 30.10
C VAL A 99 -30.52 -29.57 29.76
N THR A 100 -31.01 -30.33 30.72
CA THR A 100 -32.26 -31.05 30.53
C THR A 100 -33.42 -30.13 30.85
N ILE A 101 -34.38 -30.06 29.93
CA ILE A 101 -35.56 -29.23 30.14
C ILE A 101 -36.61 -30.01 30.93
N PRO A 102 -37.07 -29.48 32.07
CA PRO A 102 -38.04 -30.07 32.96
C PRO A 102 -39.42 -29.91 32.37
N LEU A 103 -39.74 -30.75 31.38
CA LEU A 103 -40.90 -30.50 30.54
C LEU A 103 -42.21 -30.45 31.32
N GLU A 104 -42.35 -31.28 32.34
CA GLU A 104 -43.63 -31.29 33.07
C GLU A 104 -43.84 -29.96 33.79
N LEU A 105 -42.77 -29.45 34.36
CA LEU A 105 -42.75 -28.17 35.04
C LEU A 105 -43.02 -27.03 34.07
N VAL A 106 -42.43 -27.14 32.89
CA VAL A 106 -42.60 -26.15 31.83
C VAL A 106 -44.03 -26.16 31.29
N GLU A 107 -44.62 -27.35 31.15
CA GLU A 107 -45.97 -27.53 30.64
C GLU A 107 -47.00 -26.84 31.54
N LYS A 108 -46.72 -26.81 32.84
CA LYS A 108 -47.66 -26.22 33.78
C LYS A 108 -47.46 -24.72 33.91
N ALA A 109 -46.43 -24.18 33.26
CA ALA A 109 -46.19 -22.75 33.31
C ALA A 109 -47.00 -22.07 32.22
N GLN A 110 -48.32 -22.19 32.30
CA GLN A 110 -49.20 -21.73 31.23
C GLN A 110 -49.66 -20.28 31.42
N VAL A 111 -49.21 -19.68 32.51
CA VAL A 111 -49.55 -18.31 32.85
C VAL A 111 -48.27 -17.51 33.05
N ALA A 112 -48.40 -16.20 33.19
CA ALA A 112 -47.22 -15.35 33.38
C ALA A 112 -46.75 -15.44 34.83
N ASP A 113 -46.22 -16.60 35.16
CA ASP A 113 -45.73 -16.97 36.48
C ASP A 113 -44.26 -16.59 36.60
N ARG A 114 -43.67 -16.87 37.75
CA ARG A 114 -42.24 -16.69 37.88
C ARG A 114 -41.58 -17.61 36.87
N LYS A 115 -40.59 -17.09 36.17
CA LYS A 115 -39.92 -17.87 35.14
C LYS A 115 -38.79 -18.68 35.72
N PHE A 116 -38.55 -19.83 35.11
CA PHE A 116 -37.54 -20.75 35.60
C PHE A 116 -36.22 -20.50 34.94
N GLU A 117 -35.14 -20.71 35.68
CA GLU A 117 -33.84 -20.67 35.04
C GLU A 117 -33.31 -22.07 34.82
N LEU A 118 -32.72 -22.26 33.66
CA LEU A 118 -32.03 -23.50 33.34
C LEU A 118 -30.56 -23.20 33.20
N LYS A 119 -29.73 -23.94 33.91
CA LYS A 119 -28.29 -23.72 33.83
C LYS A 119 -27.61 -24.77 32.98
N LEU A 120 -26.94 -24.28 31.95
CA LEU A 120 -26.26 -25.12 30.99
C LEU A 120 -24.93 -25.57 31.58
N LYS A 121 -24.55 -26.83 31.36
CA LYS A 121 -23.29 -27.36 31.89
C LYS A 121 -22.44 -28.00 30.80
N SER A 122 -21.13 -27.88 30.93
CA SER A 122 -20.24 -28.46 29.93
C SER A 122 -20.30 -29.98 29.96
N GLY A 123 -20.07 -30.60 28.80
CA GLY A 123 -20.02 -32.06 28.65
C GLY A 123 -21.39 -32.62 28.32
N SER A 253 -18.42 -27.37 9.44
CA SER A 253 -17.54 -27.86 8.38
C SER A 253 -17.57 -29.39 8.21
N ALA A 254 -18.36 -30.08 9.04
CA ALA A 254 -18.51 -31.54 9.01
C ALA A 254 -19.93 -31.94 9.37
N LYS A 255 -20.39 -33.03 8.76
CA LYS A 255 -21.73 -33.53 9.02
C LYS A 255 -21.76 -35.04 9.16
N VAL A 256 -22.70 -35.53 9.95
CA VAL A 256 -22.98 -36.96 10.01
C VAL A 256 -24.25 -37.24 9.23
N CYS A 257 -24.20 -38.21 8.34
CA CYS A 257 -25.34 -38.49 7.48
C CYS A 257 -26.52 -38.95 8.32
N PRO A 258 -27.69 -38.31 8.22
CA PRO A 258 -28.90 -38.65 8.95
C PRO A 258 -29.30 -40.09 8.70
N ALA A 259 -29.01 -40.60 7.51
CA ALA A 259 -29.35 -41.96 7.14
C ALA A 259 -28.44 -42.99 7.79
N ASP A 260 -27.24 -42.58 8.17
CA ASP A 260 -26.23 -43.52 8.65
C ASP A 260 -25.23 -42.85 9.59
N SER A 261 -25.30 -43.21 10.87
CA SER A 261 -24.51 -42.58 11.90
C SER A 261 -23.02 -42.90 11.80
N SER A 262 -22.66 -43.92 11.03
CA SER A 262 -21.26 -44.32 10.88
C SER A 262 -20.55 -43.51 9.81
N LEU A 263 -21.33 -42.75 9.03
CA LEU A 263 -20.78 -41.98 7.92
C LEU A 263 -20.64 -40.51 8.24
N LEU A 264 -19.47 -39.96 7.92
CA LEU A 264 -19.21 -38.55 8.08
C LEU A 264 -18.72 -37.96 6.77
N ALA A 265 -19.00 -36.69 6.57
CA ALA A 265 -18.46 -35.99 5.43
C ALA A 265 -18.06 -34.58 5.82
N TYR A 266 -16.98 -34.11 5.26
CA TYR A 266 -16.46 -32.81 5.63
C TYR A 266 -15.57 -32.21 4.57
N VAL A 267 -15.32 -30.92 4.69
CA VAL A 267 -14.38 -30.28 3.80
C VAL A 267 -13.08 -29.98 4.52
N LEU A 268 -12.01 -30.54 3.99
CA LEU A 268 -10.69 -30.36 4.56
C LEU A 268 -9.76 -29.81 3.50
N ASN A 269 -9.16 -28.66 3.78
CA ASN A 269 -8.30 -28.01 2.82
C ASN A 269 -9.01 -27.79 1.48
N LYS A 270 -10.28 -27.42 1.57
CA LYS A 270 -11.12 -27.13 0.41
C LYS A 270 -11.33 -28.30 -0.55
N GLN A 271 -11.30 -29.52 -0.01
CA GLN A 271 -11.66 -30.72 -0.76
C GLN A 271 -12.62 -31.58 0.06
N VAL A 272 -13.46 -32.35 -0.61
CA VAL A 272 -14.49 -33.12 0.07
C VAL A 272 -14.02 -34.50 0.45
N TYR A 273 -14.23 -34.86 1.72
CA TYR A 273 -13.84 -36.17 2.21
C TYR A 273 -15.02 -36.91 2.80
N ILE A 274 -15.05 -38.21 2.56
CA ILE A 274 -16.02 -39.09 3.18
C ILE A 274 -15.34 -40.15 4.01
N GLU A 275 -15.78 -40.26 5.25
CA GLU A 275 -15.15 -41.08 6.26
C GLU A 275 -16.12 -42.07 6.90
N LYS A 276 -15.66 -43.30 7.09
CA LYS A 276 -16.44 -44.30 7.82
C LYS A 276 -15.70 -44.82 9.02
N ASN A 277 -16.29 -44.62 10.17
CA ASN A 277 -15.71 -45.12 11.41
C ASN A 277 -14.26 -44.67 11.56
N GLY A 278 -13.97 -43.43 11.18
CA GLY A 278 -12.64 -42.86 11.32
C GLY A 278 -11.72 -43.05 10.11
N LYS A 279 -12.16 -43.83 9.12
CA LYS A 279 -11.32 -44.07 7.94
C LYS A 279 -11.83 -43.33 6.72
N ILE A 280 -10.93 -42.75 5.95
CA ILE A 280 -11.35 -42.09 4.72
C ILE A 280 -11.54 -43.12 3.63
N ILE A 281 -12.72 -43.12 3.02
CA ILE A 281 -13.00 -44.08 1.96
C ILE A 281 -13.05 -43.40 0.60
N HIS A 282 -13.28 -42.10 0.62
CA HIS A 282 -13.32 -41.32 -0.62
C HIS A 282 -12.88 -39.89 -0.40
N ARG A 283 -12.16 -39.33 -1.35
CA ARG A 283 -11.86 -37.92 -1.33
C ARG A 283 -11.86 -37.34 -2.73
N THR A 284 -12.16 -36.06 -2.83
CA THR A 284 -11.97 -35.37 -4.08
C THR A 284 -10.55 -34.86 -4.16
N SER A 285 -10.08 -34.55 -5.36
CA SER A 285 -8.75 -33.98 -5.52
C SER A 285 -8.74 -32.95 -6.63
N SER A 286 -7.77 -32.04 -6.57
CA SER A 286 -7.57 -31.09 -7.64
C SER A 286 -6.09 -30.92 -7.92
N ASN A 287 -5.77 -30.49 -9.12
CA ASN A 287 -4.38 -30.26 -9.53
C ASN A 287 -3.98 -28.80 -9.35
N SER A 288 -4.88 -28.02 -8.77
CA SER A 288 -4.64 -26.59 -8.57
C SER A 288 -5.39 -26.06 -7.37
N LYS A 289 -4.84 -25.02 -6.77
CA LYS A 289 -5.49 -24.35 -5.65
C LYS A 289 -6.71 -23.57 -6.09
N HIS A 290 -6.82 -23.34 -7.39
CA HIS A 290 -7.91 -22.57 -7.96
C HIS A 290 -9.07 -23.46 -8.38
N ILE A 291 -8.93 -24.77 -8.16
CA ILE A 291 -10.04 -25.67 -8.38
C ILE A 291 -10.43 -26.25 -7.05
N THR A 292 -11.67 -26.01 -6.66
CA THR A 292 -12.12 -26.29 -5.31
C THR A 292 -13.38 -27.13 -5.28
N ASN A 293 -13.53 -27.94 -4.23
CA ASN A 293 -14.73 -28.75 -4.09
C ASN A 293 -15.24 -28.76 -2.65
N GLY A 294 -16.53 -28.48 -2.48
CA GLY A 294 -17.17 -28.51 -1.17
C GLY A 294 -17.26 -27.13 -0.53
N VAL A 295 -16.58 -26.16 -1.10
CA VAL A 295 -16.60 -24.80 -0.60
C VAL A 295 -17.21 -23.91 -1.66
N PRO A 296 -18.23 -23.11 -1.32
CA PRO A 296 -18.88 -22.19 -2.22
C PRO A 296 -17.88 -21.22 -2.78
N SER A 297 -18.09 -20.83 -4.03
CA SER A 297 -17.20 -19.88 -4.65
C SER A 297 -17.21 -18.58 -3.86
N TYR A 298 -16.09 -17.87 -3.87
CA TYR A 298 -15.94 -16.68 -3.04
C TYR A 298 -17.10 -15.71 -3.16
N ILE A 299 -17.52 -15.42 -4.37
CA ILE A 299 -18.56 -14.44 -4.57
C ILE A 299 -19.88 -14.95 -4.02
N VAL A 300 -20.07 -16.26 -4.12
CA VAL A 300 -21.30 -16.86 -3.65
C VAL A 300 -21.35 -16.86 -2.13
N GLN A 301 -20.23 -17.14 -1.50
CA GLN A 301 -20.16 -17.13 -0.05
C GLN A 301 -20.22 -15.71 0.50
N GLU A 302 -19.60 -14.79 -0.22
CA GLU A 302 -19.50 -13.41 0.22
C GLU A 302 -20.77 -12.60 0.01
N GLU A 303 -21.39 -12.72 -1.16
CA GLU A 303 -22.54 -11.88 -1.47
C GLU A 303 -23.87 -12.63 -1.52
N LEU A 304 -23.83 -13.89 -1.92
CA LEU A 304 -25.07 -14.63 -2.09
C LEU A 304 -25.33 -15.49 -0.86
N GLU A 305 -24.46 -15.33 0.12
CA GLU A 305 -24.58 -15.93 1.44
C GLU A 305 -24.81 -17.41 1.50
N ARG A 306 -24.02 -18.18 0.78
CA ARG A 306 -24.06 -19.62 0.98
C ARG A 306 -22.75 -20.07 1.58
N PHE A 307 -22.83 -20.73 2.72
CA PHE A 307 -21.62 -21.07 3.45
C PHE A 307 -21.29 -22.54 3.40
N GLU A 308 -22.05 -23.31 2.62
CA GLU A 308 -21.81 -24.73 2.56
C GLU A 308 -21.88 -25.27 1.15
N GLY A 309 -21.03 -26.24 0.86
CA GLY A 309 -21.07 -26.96 -0.39
C GLY A 309 -21.34 -28.45 -0.19
N ILE A 310 -21.66 -28.86 1.03
CA ILE A 310 -21.86 -30.28 1.35
C ILE A 310 -23.26 -30.61 1.84
N TRP A 311 -23.90 -31.57 1.18
CA TRP A 311 -25.21 -32.00 1.64
C TRP A 311 -25.37 -33.52 1.66
N TRP A 312 -26.07 -34.02 2.66
CA TRP A 312 -26.44 -35.43 2.73
C TRP A 312 -27.90 -35.65 2.39
N SER A 313 -28.20 -36.79 1.78
CA SER A 313 -29.58 -37.26 1.72
C SER A 313 -30.01 -37.76 3.09
N GLU A 314 -31.27 -37.56 3.42
CA GLU A 314 -31.82 -37.99 4.70
C GLU A 314 -32.07 -39.50 4.79
N SER A 315 -32.46 -40.08 3.67
CA SER A 315 -32.89 -41.47 3.63
C SER A 315 -31.79 -42.45 3.23
N LYS A 316 -30.74 -41.95 2.59
CA LYS A 316 -29.80 -42.85 1.95
C LYS A 316 -28.36 -42.35 1.96
N THR A 317 -27.43 -43.26 1.76
CA THR A 317 -26.01 -42.94 1.83
C THR A 317 -25.48 -42.31 0.54
N ARG A 318 -25.98 -41.12 0.24
CA ARG A 318 -25.59 -40.36 -0.94
C ARG A 318 -25.31 -38.91 -0.60
N LEU A 319 -24.25 -38.36 -1.19
CA LEU A 319 -23.81 -37.00 -0.88
C LEU A 319 -23.73 -36.11 -2.13
N LEU A 320 -24.13 -34.86 -1.96
CA LEU A 320 -24.06 -33.85 -3.02
C LEU A 320 -23.04 -32.77 -2.67
N TYR A 321 -22.26 -32.31 -3.64
CA TYR A 321 -21.36 -31.21 -3.36
C TYR A 321 -21.06 -30.28 -4.55
N GLU A 322 -20.57 -29.09 -4.23
CA GLU A 322 -20.21 -28.07 -5.22
C GLU A 322 -18.80 -28.18 -5.80
N HIS A 323 -18.70 -27.92 -7.11
CA HIS A 323 -17.45 -27.79 -7.88
C HIS A 323 -17.19 -26.34 -8.28
N VAL A 324 -16.00 -25.83 -7.98
CA VAL A 324 -15.64 -24.44 -8.27
C VAL A 324 -14.37 -24.29 -9.12
N ASN A 325 -14.46 -23.48 -10.18
CA ASN A 325 -13.32 -23.20 -11.04
C ASN A 325 -12.98 -21.69 -11.13
N GLU A 326 -11.87 -21.30 -10.50
CA GLU A 326 -11.48 -19.89 -10.37
C GLU A 326 -10.41 -19.45 -11.38
N GLU A 327 -10.09 -20.31 -12.34
CA GLU A 327 -8.92 -20.07 -13.17
C GLU A 327 -8.96 -18.78 -13.99
N LYS A 328 -10.16 -18.30 -14.34
CA LYS A 328 -10.26 -17.08 -15.14
C LYS A 328 -10.62 -15.87 -14.29
N VAL A 329 -10.66 -16.05 -12.98
CA VAL A 329 -10.99 -14.97 -12.09
C VAL A 329 -9.79 -14.05 -11.91
N ALA A 330 -10.03 -12.74 -12.00
CA ALA A 330 -8.97 -11.75 -11.90
C ALA A 330 -8.27 -11.80 -10.56
N GLU A 331 -6.96 -11.55 -10.58
CA GLU A 331 -6.15 -11.54 -9.37
C GLU A 331 -6.19 -10.21 -8.63
N SER A 332 -5.99 -10.29 -7.33
CA SER A 332 -5.77 -9.14 -6.48
C SER A 332 -4.60 -9.37 -5.54
N GLN A 333 -3.61 -8.50 -5.61
CA GLN A 333 -2.45 -8.64 -4.77
C GLN A 333 -2.67 -7.97 -3.42
N PHE A 334 -2.26 -8.63 -2.35
CA PHE A 334 -2.25 -8.00 -1.04
C PHE A 334 -0.89 -8.11 -0.41
N GLY A 335 -0.57 -7.16 0.44
CA GLY A 335 0.71 -7.15 1.12
C GLY A 335 1.26 -5.74 1.26
N VAL A 336 2.51 -5.65 1.66
CA VAL A 336 3.13 -4.35 1.87
C VAL A 336 4.24 -4.14 0.87
N ASN A 337 4.21 -3.00 0.19
CA ASN A 337 5.22 -2.78 -0.84
C ASN A 337 6.62 -2.81 -0.29
N GLY A 338 7.47 -3.55 -0.97
CA GLY A 338 8.85 -3.75 -0.58
C GLY A 338 9.06 -5.11 0.08
N ASP A 339 7.98 -5.74 0.50
CA ASP A 339 8.03 -7.07 1.10
C ASP A 339 7.86 -8.13 0.03
N PRO A 340 8.26 -9.37 0.30
CA PRO A 340 8.11 -10.50 -0.59
C PRO A 340 6.65 -10.68 -0.98
N PRO A 341 6.37 -11.10 -2.22
CA PRO A 341 5.07 -11.43 -2.75
C PRO A 341 4.45 -12.60 -2.02
N VAL A 342 3.14 -12.59 -1.92
CA VAL A 342 2.38 -13.71 -1.37
C VAL A 342 1.32 -14.11 -2.38
N ALA A 343 0.75 -15.30 -2.21
CA ALA A 343 -0.22 -15.79 -3.17
C ALA A 343 -1.31 -14.75 -3.39
N PRO A 344 -1.64 -14.42 -4.65
CA PRO A 344 -2.70 -13.54 -5.06
C PRO A 344 -4.06 -14.07 -4.66
N MET A 345 -4.96 -13.15 -4.37
CA MET A 345 -6.35 -13.44 -4.09
C MET A 345 -7.12 -13.50 -5.39
N LYS A 346 -8.06 -14.41 -5.51
CA LYS A 346 -8.93 -14.39 -6.67
C LYS A 346 -10.20 -13.60 -6.36
N TYR A 347 -10.37 -12.52 -7.09
CA TYR A 347 -11.45 -11.58 -6.83
C TYR A 347 -12.10 -11.09 -8.11
N PRO A 348 -13.35 -11.45 -8.37
CA PRO A 348 -14.14 -10.98 -9.48
C PRO A 348 -14.39 -9.49 -9.31
N ARG A 349 -14.47 -8.78 -10.41
CA ARG A 349 -14.81 -7.36 -10.41
C ARG A 349 -15.98 -7.11 -11.35
N ALA A 350 -16.66 -6.01 -11.15
CA ALA A 350 -17.75 -5.69 -12.04
C ALA A 350 -17.25 -5.68 -13.48
N GLY A 351 -17.99 -6.33 -14.36
CA GLY A 351 -17.65 -6.41 -15.78
C GLY A 351 -16.64 -7.51 -16.10
N THR A 352 -16.22 -8.25 -15.09
CA THR A 352 -15.21 -9.31 -15.24
C THR A 352 -15.82 -10.70 -15.06
N LYS A 353 -15.10 -11.73 -15.49
CA LYS A 353 -15.57 -13.10 -15.36
C LYS A 353 -15.52 -13.62 -13.94
N ASN A 354 -16.50 -14.43 -13.59
CA ASN A 354 -16.57 -15.06 -12.28
C ASN A 354 -16.11 -16.50 -12.33
N ALA A 355 -16.13 -17.16 -11.19
CA ALA A 355 -15.79 -18.58 -11.13
C ALA A 355 -16.91 -19.39 -11.76
N TYR A 356 -16.53 -20.50 -12.38
CA TYR A 356 -17.51 -21.42 -12.94
C TYR A 356 -17.93 -22.47 -11.91
N SER A 357 -19.23 -22.76 -11.84
CA SER A 357 -19.70 -23.73 -10.86
C SER A 357 -20.56 -24.83 -11.46
N THR A 358 -20.43 -26.03 -10.88
CA THR A 358 -21.27 -27.19 -11.22
C THR A 358 -21.41 -28.09 -9.99
N LEU A 359 -22.47 -28.90 -9.94
CA LEU A 359 -22.60 -29.84 -8.83
C LEU A 359 -22.12 -31.25 -9.20
N ARG A 360 -21.72 -31.99 -8.18
CA ARG A 360 -21.31 -33.38 -8.31
C ARG A 360 -21.90 -34.23 -7.18
N MET A 361 -21.97 -35.53 -7.39
CA MET A 361 -22.39 -36.46 -6.33
C MET A 361 -21.39 -37.53 -6.00
N VAL A 362 -21.40 -37.95 -4.75
CA VAL A 362 -20.72 -39.18 -4.37
C VAL A 362 -21.75 -40.20 -3.90
N ILE A 363 -21.79 -41.33 -4.56
CA ILE A 363 -22.74 -42.37 -4.21
C ILE A 363 -22.02 -43.48 -3.48
N LEU A 364 -22.48 -43.81 -2.27
CA LEU A 364 -21.80 -44.82 -1.48
C LEU A 364 -22.62 -46.10 -1.41
N GLU A 365 -22.13 -47.14 -2.09
CA GLU A 365 -22.80 -48.42 -2.12
C GLU A 365 -22.00 -49.47 -1.37
N ASN A 366 -22.38 -49.74 -0.14
CA ASN A 366 -21.66 -50.72 0.67
C ASN A 366 -20.18 -50.40 0.79
N GLY A 367 -19.86 -49.12 0.90
CA GLY A 367 -18.47 -48.69 1.05
C GLY A 367 -17.80 -48.40 -0.30
N LYS A 368 -18.49 -48.69 -1.39
CA LYS A 368 -17.96 -48.43 -2.72
C LYS A 368 -18.39 -47.07 -3.22
N ALA A 369 -17.46 -46.12 -3.24
CA ALA A 369 -17.80 -44.77 -3.65
C ALA A 369 -17.75 -44.61 -5.16
N TYR A 370 -18.70 -43.85 -5.68
CA TYR A 370 -18.69 -43.42 -7.07
C TYR A 370 -18.72 -41.91 -7.09
N ASP A 371 -17.91 -41.29 -7.94
CA ASP A 371 -17.88 -39.84 -7.99
C ASP A 371 -18.38 -39.36 -9.35
N VAL A 372 -19.60 -38.82 -9.35
CA VAL A 372 -20.32 -38.57 -10.59
C VAL A 372 -20.65 -37.09 -10.83
N PRO A 373 -20.21 -36.52 -11.95
CA PRO A 373 -20.49 -35.16 -12.37
C PRO A 373 -21.93 -35.03 -12.82
N LEU A 374 -22.47 -33.82 -12.71
CA LEU A 374 -23.75 -33.52 -13.34
C LEU A 374 -23.52 -33.30 -14.83
N LYS A 375 -24.47 -33.72 -15.64
CA LYS A 375 -24.35 -33.46 -17.07
C LYS A 375 -24.32 -31.94 -17.24
N ASP A 376 -23.42 -31.47 -18.10
CA ASP A 376 -23.07 -30.06 -18.17
C ASP A 376 -24.20 -29.10 -18.52
N GLU A 377 -25.13 -29.55 -19.35
CA GLU A 377 -26.19 -28.67 -19.81
C GLU A 377 -27.48 -28.81 -19.02
N VAL A 378 -27.44 -29.58 -17.94
CA VAL A 378 -28.66 -29.82 -17.17
C VAL A 378 -29.24 -28.53 -16.64
N ILE A 379 -28.39 -27.62 -16.19
CA ILE A 379 -28.88 -26.35 -15.71
C ILE A 379 -29.05 -25.38 -16.85
N TYR A 380 -28.01 -25.26 -17.66
CA TYR A 380 -27.96 -24.26 -18.71
C TYR A 380 -29.11 -24.38 -19.69
N LYS A 381 -29.46 -25.61 -20.05
CA LYS A 381 -30.50 -25.83 -21.04
C LYS A 381 -31.85 -25.28 -20.60
N HIS A 382 -32.11 -25.33 -19.29
CA HIS A 382 -33.37 -24.87 -18.75
C HIS A 382 -33.23 -23.44 -18.24
N CYS A 383 -31.99 -22.99 -18.13
CA CYS A 383 -31.66 -21.70 -17.55
C CYS A 383 -30.63 -20.97 -18.41
N PRO A 384 -31.03 -20.38 -19.54
CA PRO A 384 -30.20 -19.79 -20.59
C PRO A 384 -29.39 -18.60 -20.08
N PHE A 385 -29.82 -18.05 -18.96
CA PHE A 385 -29.20 -16.88 -18.37
C PHE A 385 -28.33 -17.23 -17.18
N TYR A 386 -28.15 -18.51 -16.94
CA TYR A 386 -27.46 -19.00 -15.75
C TYR A 386 -26.07 -18.44 -15.55
N GLU A 387 -25.84 -17.89 -14.35
CA GLU A 387 -24.54 -17.43 -13.92
C GLU A 387 -24.15 -18.10 -12.62
N TYR A 388 -25.08 -18.10 -11.66
CA TYR A 388 -24.77 -18.57 -10.33
C TYR A 388 -25.66 -19.71 -9.91
N ILE A 389 -25.12 -20.59 -9.10
CA ILE A 389 -25.94 -21.46 -8.28
C ILE A 389 -26.04 -20.74 -6.96
N THR A 390 -27.25 -20.43 -6.52
CA THR A 390 -27.38 -19.66 -5.31
C THR A 390 -27.78 -20.55 -4.16
N ARG A 391 -28.53 -21.60 -4.46
CA ARG A 391 -28.90 -22.56 -3.43
C ARG A 391 -28.96 -23.96 -4.02
N ALA A 392 -28.77 -24.97 -3.19
CA ALA A 392 -28.87 -26.34 -3.63
C ALA A 392 -29.17 -27.27 -2.48
N GLY A 393 -29.73 -28.43 -2.78
CA GLY A 393 -29.90 -29.46 -1.77
C GLY A 393 -30.71 -30.63 -2.28
N PHE A 394 -30.91 -31.63 -1.43
CA PHE A 394 -31.68 -32.79 -1.79
C PHE A 394 -33.17 -32.53 -1.66
N PHE A 395 -33.93 -33.22 -2.48
CA PHE A 395 -35.37 -33.24 -2.40
C PHE A 395 -35.77 -34.34 -1.44
N SER A 396 -37.06 -34.52 -1.20
CA SER A 396 -37.47 -35.50 -0.23
C SER A 396 -37.08 -36.90 -0.68
N ASP A 397 -36.80 -37.74 0.31
CA ASP A 397 -36.42 -39.14 0.12
C ASP A 397 -35.07 -39.31 -0.56
N GLY A 398 -34.36 -38.21 -0.78
CA GLY A 398 -32.97 -38.28 -1.24
C GLY A 398 -32.86 -38.73 -2.69
N THR A 399 -33.96 -38.66 -3.43
CA THR A 399 -33.96 -39.22 -4.78
C THR A 399 -33.60 -38.21 -5.85
N THR A 400 -33.78 -36.95 -5.52
CA THR A 400 -33.65 -35.88 -6.49
C THR A 400 -32.89 -34.71 -5.90
N VAL A 401 -32.25 -33.93 -6.75
CA VAL A 401 -31.51 -32.75 -6.32
C VAL A 401 -32.09 -31.49 -6.94
N TRP A 402 -32.35 -30.47 -6.14
CA TRP A 402 -32.84 -29.21 -6.69
C TRP A 402 -31.78 -28.14 -6.55
N VAL A 403 -31.79 -27.21 -7.48
CA VAL A 403 -30.95 -26.04 -7.35
C VAL A 403 -31.75 -24.79 -7.62
N GLN A 404 -31.29 -23.69 -7.05
CA GLN A 404 -31.82 -22.38 -7.36
C GLN A 404 -30.73 -21.61 -8.05
N VAL A 405 -31.03 -21.08 -9.22
CA VAL A 405 -30.02 -20.39 -10.00
C VAL A 405 -30.47 -19.00 -10.41
N MET A 406 -29.49 -18.15 -10.71
CA MET A 406 -29.78 -16.77 -11.10
C MET A 406 -28.97 -16.27 -12.26
N SER A 407 -29.51 -15.24 -12.89
CA SER A 407 -28.85 -14.48 -13.93
C SER A 407 -27.76 -13.62 -13.34
N ARG A 408 -26.88 -13.13 -14.19
CA ARG A 408 -25.73 -12.38 -13.72
C ARG A 408 -26.10 -11.15 -12.93
N ASP A 409 -27.13 -10.45 -13.36
CA ASP A 409 -27.56 -9.24 -12.68
C ASP A 409 -28.61 -9.55 -11.63
N GLN A 410 -28.88 -10.83 -11.47
CA GLN A 410 -29.82 -11.32 -10.49
C GLN A 410 -31.22 -10.75 -10.68
N ALA A 411 -31.56 -10.40 -11.91
CA ALA A 411 -32.90 -9.96 -12.22
C ALA A 411 -33.83 -11.15 -12.47
N GLN A 412 -33.24 -12.31 -12.72
CA GLN A 412 -34.01 -13.51 -13.00
C GLN A 412 -33.59 -14.61 -12.07
N CYS A 413 -34.55 -15.41 -11.66
CA CYS A 413 -34.26 -16.54 -10.79
C CYS A 413 -35.14 -17.73 -11.12
N SER A 414 -34.54 -18.91 -11.09
CA SER A 414 -35.30 -20.12 -11.34
C SER A 414 -34.97 -21.21 -10.36
N LEU A 415 -35.96 -21.99 -10.00
CA LEU A 415 -35.76 -23.18 -9.22
C LEU A 415 -36.00 -24.38 -10.12
N LEU A 416 -35.02 -25.27 -10.18
CA LEU A 416 -35.15 -26.44 -11.04
C LEU A 416 -34.82 -27.71 -10.30
N LEU A 417 -35.62 -28.73 -10.58
CA LEU A 417 -35.53 -30.01 -9.91
C LEU A 417 -34.88 -31.04 -10.83
N ILE A 418 -33.76 -31.58 -10.39
CA ILE A 418 -32.90 -32.47 -11.18
C ILE A 418 -32.89 -33.92 -10.67
N PRO A 419 -33.38 -34.89 -11.45
CA PRO A 419 -33.43 -36.30 -11.14
C PRO A 419 -32.06 -36.95 -11.24
N TYR A 420 -31.96 -38.15 -10.70
CA TYR A 420 -30.71 -38.91 -10.68
C TYR A 420 -30.18 -39.24 -12.07
N THR A 421 -31.08 -39.38 -13.04
CA THR A 421 -30.72 -39.79 -14.38
C THR A 421 -30.04 -38.67 -15.18
N ASP A 422 -30.06 -37.46 -14.63
CA ASP A 422 -29.44 -36.35 -15.33
C ASP A 422 -28.00 -36.12 -14.87
N PHE A 423 -27.52 -37.01 -14.01
CA PHE A 423 -26.10 -37.08 -13.69
C PHE A 423 -25.44 -37.98 -14.71
N LEU A 424 -24.17 -37.75 -15.03
CA LEU A 424 -23.53 -38.50 -16.09
C LEU A 424 -23.55 -40.00 -15.79
N LEU A 425 -23.17 -40.34 -14.57
CA LEU A 425 -23.19 -41.71 -14.08
C LEU A 425 -22.23 -42.61 -14.86
N PRO A 426 -21.75 -43.69 -14.25
CA PRO A 426 -21.18 -44.84 -14.92
C PRO A 426 -22.33 -45.56 -15.58
N GLU A 427 -22.07 -46.27 -16.68
CA GLU A 427 -23.16 -46.93 -17.40
C GLU A 427 -23.90 -47.94 -16.53
N GLU A 428 -23.21 -48.54 -15.56
CA GLU A 428 -23.84 -49.52 -14.69
C GLU A 428 -24.92 -48.90 -13.80
N LEU A 429 -24.81 -47.61 -13.52
CA LEU A 429 -25.83 -46.90 -12.76
C LEU A 429 -26.81 -46.15 -13.68
N GLY A 430 -26.32 -45.73 -14.85
CA GLY A 430 -27.08 -44.98 -15.84
C GLY A 430 -26.90 -45.60 -17.22
N PRO A 461 -56.71 -33.80 -15.45
CA PRO A 461 -55.80 -33.48 -16.53
C PRO A 461 -54.71 -34.57 -16.67
N PRO A 462 -54.05 -34.71 -17.84
CA PRO A 462 -52.99 -35.67 -18.12
C PRO A 462 -51.65 -35.22 -17.58
N ARG A 463 -51.59 -35.04 -16.26
CA ARG A 463 -50.37 -34.61 -15.59
C ARG A 463 -49.38 -35.75 -15.37
N GLY A 464 -48.10 -35.41 -15.34
CA GLY A 464 -47.05 -36.43 -15.27
C GLY A 464 -46.20 -36.40 -14.00
N LYS A 465 -44.98 -36.92 -14.15
CA LYS A 465 -43.99 -37.07 -13.10
C LYS A 465 -42.68 -36.43 -13.51
N LEU A 466 -41.67 -36.53 -12.65
CA LEU A 466 -40.39 -35.90 -12.94
C LEU A 466 -39.63 -36.70 -13.97
N ARG A 467 -40.00 -36.45 -15.23
CA ARG A 467 -39.47 -37.14 -16.39
C ARG A 467 -37.98 -36.82 -16.57
N GLY A 468 -37.60 -35.61 -16.21
CA GLY A 468 -36.22 -35.14 -16.36
C GLY A 468 -36.10 -33.78 -15.68
N THR A 469 -34.92 -33.18 -15.73
CA THR A 469 -34.75 -31.87 -15.11
C THR A 469 -35.73 -30.87 -15.68
N VAL A 470 -36.39 -30.15 -14.79
CA VAL A 470 -37.36 -29.13 -15.18
C VAL A 470 -37.39 -27.97 -14.19
N GLN A 471 -37.66 -26.77 -14.69
CA GLN A 471 -37.95 -25.65 -13.79
C GLN A 471 -39.28 -25.89 -13.10
N ILE A 472 -39.31 -25.70 -11.79
CA ILE A 472 -40.56 -25.81 -11.06
C ILE A 472 -41.03 -24.45 -10.56
N HIS A 473 -40.16 -23.45 -10.69
CA HIS A 473 -40.55 -22.06 -10.48
C HIS A 473 -39.66 -21.09 -11.23
N LYS A 474 -40.26 -20.04 -11.76
CA LYS A 474 -39.49 -18.94 -12.33
C LYS A 474 -39.98 -17.60 -11.82
N ALA A 475 -39.04 -16.69 -11.60
CA ALA A 475 -39.36 -15.35 -11.18
C ALA A 475 -38.53 -14.34 -11.94
N ARG A 476 -39.12 -13.18 -12.18
CA ARG A 476 -38.39 -12.09 -12.81
C ARG A 476 -38.71 -10.77 -12.14
N ASN A 477 -37.73 -9.91 -12.10
CA ASN A 477 -37.90 -8.60 -11.51
C ASN A 477 -37.31 -7.54 -12.43
N ASP A 478 -37.81 -6.33 -12.32
CA ASP A 478 -37.31 -5.24 -13.15
C ASP A 478 -36.05 -4.65 -12.57
N TYR A 479 -35.72 -5.05 -11.36
CA TYR A 479 -34.58 -4.50 -10.66
C TYR A 479 -33.66 -5.62 -10.20
N TRP A 480 -34.12 -6.41 -9.25
CA TRP A 480 -33.37 -7.57 -8.80
C TRP A 480 -34.20 -8.49 -7.92
N ILE A 481 -33.75 -9.73 -7.81
CA ILE A 481 -34.29 -10.69 -6.88
C ILE A 481 -33.24 -11.00 -5.83
N ASN A 482 -33.62 -10.89 -4.58
CA ASN A 482 -32.69 -11.14 -3.49
C ASN A 482 -32.63 -12.62 -3.16
N THR A 483 -31.50 -13.06 -2.63
CA THR A 483 -31.38 -14.44 -2.20
C THR A 483 -31.95 -14.61 -0.81
N HIS A 484 -32.26 -15.83 -0.46
CA HIS A 484 -32.82 -16.15 0.83
C HIS A 484 -32.65 -17.63 1.13
N ASN A 485 -32.92 -18.00 2.36
CA ASN A 485 -32.84 -19.40 2.74
C ASN A 485 -34.18 -20.07 2.94
N ALA A 486 -35.25 -19.44 2.49
CA ALA A 486 -36.58 -20.01 2.67
C ALA A 486 -36.94 -20.94 1.54
N ILE A 487 -36.14 -21.98 1.35
CA ILE A 487 -36.44 -23.02 0.38
C ILE A 487 -36.54 -24.34 1.10
N TYR A 488 -37.66 -25.02 0.93
CA TYR A 488 -37.80 -26.31 1.57
C TYR A 488 -38.73 -27.21 0.78
N PRO A 489 -38.26 -28.38 0.31
CA PRO A 489 -39.04 -29.34 -0.41
C PRO A 489 -40.04 -29.96 0.52
N LEU A 490 -41.26 -30.16 0.06
CA LEU A 490 -42.24 -30.87 0.87
C LEU A 490 -42.37 -32.29 0.42
N LYS A 491 -42.73 -33.15 1.35
CA LYS A 491 -42.99 -34.54 1.02
C LYS A 491 -44.19 -34.63 0.12
N ILE A 492 -44.12 -35.44 -0.92
CA ILE A 492 -45.27 -35.60 -1.80
C ILE A 492 -46.32 -36.49 -1.14
N THR A 493 -47.57 -36.04 -1.19
CA THR A 493 -48.67 -36.79 -0.59
C THR A 493 -49.03 -38.01 -1.42
N ASP A 494 -49.05 -37.84 -2.74
CA ASP A 494 -49.47 -38.90 -3.66
C ASP A 494 -48.33 -39.31 -4.56
N GLU A 495 -47.90 -40.56 -4.45
CA GLU A 495 -46.80 -41.03 -5.28
C GLU A 495 -47.24 -41.14 -6.74
N GLU A 496 -48.53 -41.41 -6.95
CA GLU A 496 -49.09 -41.48 -8.30
C GLU A 496 -49.17 -40.08 -8.90
N HIS A 497 -49.41 -39.12 -8.01
CA HIS A 497 -49.52 -37.72 -8.36
C HIS A 497 -48.61 -36.89 -7.49
N PRO A 498 -47.30 -36.95 -7.74
CA PRO A 498 -46.24 -36.42 -6.92
C PRO A 498 -46.21 -34.93 -7.13
N MET A 499 -47.24 -34.25 -6.63
CA MET A 499 -47.42 -32.85 -6.87
C MET A 499 -46.16 -32.14 -6.40
N TYR A 500 -45.70 -31.18 -7.19
CA TYR A 500 -44.46 -30.54 -6.81
C TYR A 500 -44.80 -29.44 -5.86
N GLU A 501 -44.34 -29.57 -4.63
CA GLU A 501 -44.69 -28.59 -3.62
C GLU A 501 -43.49 -28.27 -2.75
N PHE A 502 -43.34 -27.01 -2.44
CA PHE A 502 -42.27 -26.56 -1.57
C PHE A 502 -42.55 -25.21 -0.95
N ILE A 503 -41.84 -24.91 0.12
CA ILE A 503 -41.92 -23.61 0.72
C ILE A 503 -40.87 -22.75 0.03
N TYR A 504 -41.28 -21.57 -0.40
CA TYR A 504 -40.41 -20.70 -1.16
C TYR A 504 -40.69 -19.26 -0.81
N CYS A 505 -39.96 -18.34 -1.41
CA CYS A 505 -40.18 -16.93 -1.17
C CYS A 505 -40.39 -16.15 -2.44
N LEU A 506 -41.43 -15.35 -2.47
CA LEU A 506 -41.70 -14.50 -3.61
C LEU A 506 -41.52 -13.05 -3.26
N GLU A 507 -40.77 -12.33 -4.08
CA GLU A 507 -40.59 -10.91 -3.84
C GLU A 507 -41.80 -10.15 -4.30
N LYS A 508 -42.18 -9.16 -3.53
CA LYS A 508 -43.31 -8.32 -3.85
C LYS A 508 -42.92 -6.87 -3.70
N PRO A 509 -43.64 -5.93 -4.30
CA PRO A 509 -43.41 -4.50 -4.20
C PRO A 509 -43.28 -4.14 -2.73
N ASN A 510 -44.05 -4.82 -1.91
CA ASN A 510 -43.98 -4.65 -0.47
C ASN A 510 -43.73 -5.99 0.17
N GLY A 511 -42.63 -6.09 0.90
CA GLY A 511 -42.32 -7.31 1.62
C GLY A 511 -41.67 -8.41 0.78
N SER A 512 -41.38 -9.51 1.46
CA SER A 512 -40.81 -10.72 0.89
C SER A 512 -41.58 -11.86 1.53
N CYS A 513 -42.36 -12.59 0.76
CA CYS A 513 -43.34 -13.47 1.37
C CYS A 513 -43.00 -14.93 1.29
N LEU A 514 -43.38 -15.68 2.31
CA LEU A 514 -43.42 -17.12 2.13
C LEU A 514 -44.61 -17.47 1.29
N ALA A 515 -44.43 -18.49 0.49
CA ALA A 515 -45.50 -18.98 -0.33
C ALA A 515 -45.39 -20.48 -0.44
N LEU A 516 -46.51 -21.13 -0.65
CA LEU A 516 -46.46 -22.51 -1.03
C LEU A 516 -46.46 -22.54 -2.53
N ILE A 517 -45.36 -22.94 -3.08
CA ILE A 517 -45.21 -22.93 -4.51
C ILE A 517 -45.39 -24.33 -4.97
N SER A 518 -46.22 -24.50 -5.96
CA SER A 518 -46.47 -25.82 -6.45
C SER A 518 -46.62 -25.78 -7.94
N ALA A 519 -46.40 -26.91 -8.56
CA ALA A 519 -46.42 -26.98 -10.00
C ALA A 519 -46.93 -28.31 -10.51
N GLU A 520 -47.44 -28.26 -11.73
CA GLU A 520 -47.80 -29.47 -12.44
C GLU A 520 -46.98 -29.58 -13.71
N LEU A 521 -46.58 -30.79 -14.03
CA LEU A 521 -45.87 -31.07 -15.26
C LEU A 521 -46.79 -31.75 -16.25
N ASP A 522 -46.43 -31.65 -17.50
CA ASP A 522 -47.10 -32.41 -18.53
C ASP A 522 -46.60 -33.83 -18.44
N GLN A 523 -47.13 -34.70 -19.27
CA GLN A 523 -46.69 -36.07 -19.27
C GLN A 523 -45.25 -36.14 -19.75
N ASN A 524 -44.86 -35.11 -20.49
CA ASN A 524 -43.55 -35.03 -21.11
C ASN A 524 -42.53 -34.29 -20.25
N GLY A 525 -42.93 -33.93 -19.03
CA GLY A 525 -41.99 -33.40 -18.04
C GLY A 525 -41.87 -31.88 -17.92
N TYR A 526 -42.38 -31.12 -18.86
CA TYR A 526 -42.31 -29.66 -18.74
C TYR A 526 -43.50 -29.09 -17.99
N CYS A 527 -43.29 -27.97 -17.30
CA CYS A 527 -44.37 -27.37 -16.52
C CYS A 527 -45.50 -26.81 -17.34
N ARG A 528 -46.70 -27.19 -16.94
CA ARG A 528 -47.92 -26.64 -17.45
C ARG A 528 -48.44 -25.49 -16.60
N HIS A 529 -48.13 -25.52 -15.29
CA HIS A 529 -48.68 -24.52 -14.40
C HIS A 529 -47.92 -24.35 -13.08
N THR A 530 -47.91 -23.13 -12.55
CA THR A 530 -47.44 -22.86 -11.18
C THR A 530 -48.51 -22.06 -10.43
N GLU A 531 -48.62 -22.27 -9.11
CA GLU A 531 -49.73 -21.67 -8.35
C GLU A 531 -49.43 -20.41 -7.54
N GLU A 532 -48.22 -20.30 -6.98
CA GLU A 532 -47.86 -19.12 -6.18
C GLU A 532 -48.82 -18.78 -5.03
N LYS A 533 -49.01 -19.68 -4.08
CA LYS A 533 -49.92 -19.44 -2.96
C LYS A 533 -49.25 -18.71 -1.80
N LEU A 534 -49.66 -17.47 -1.54
CA LEU A 534 -49.04 -16.71 -0.46
C LEU A 534 -49.53 -17.17 0.89
N LEU A 535 -48.60 -17.30 1.84
CA LEU A 535 -48.96 -17.71 3.19
C LEU A 535 -49.01 -16.55 4.17
N MET A 536 -48.76 -15.35 3.68
CA MET A 536 -48.74 -14.17 4.54
C MET A 536 -49.13 -12.92 3.78
N ALA A 537 -49.51 -11.89 4.53
CA ALA A 537 -49.77 -10.59 3.93
C ALA A 537 -48.49 -9.98 3.39
N GLU A 538 -48.62 -9.25 2.30
CA GLU A 538 -47.50 -8.65 1.60
C GLU A 538 -46.85 -7.49 2.34
N ASN A 539 -47.51 -6.99 3.35
CA ASN A 539 -47.03 -5.76 3.97
C ASN A 539 -45.76 -5.95 4.81
N PHE A 540 -45.26 -7.18 4.90
CA PHE A 540 -44.02 -7.37 5.66
C PHE A 540 -43.10 -8.43 5.07
N SER A 541 -41.84 -8.37 5.46
CA SER A 541 -40.83 -9.28 4.92
C SER A 541 -40.45 -10.40 5.88
N ILE A 542 -40.06 -11.53 5.30
CA ILE A 542 -39.41 -12.59 6.06
C ILE A 542 -37.96 -12.21 6.29
N ASN A 543 -37.33 -12.87 7.24
CA ASN A 543 -35.90 -12.72 7.42
C ASN A 543 -35.20 -13.66 6.48
N LYS A 544 -34.60 -13.10 5.46
CA LYS A 544 -34.05 -13.90 4.38
C LYS A 544 -32.76 -14.60 4.78
N SER A 545 -32.13 -14.12 5.85
CA SER A 545 -30.87 -14.70 6.30
C SER A 545 -31.12 -15.90 7.19
N MET A 546 -32.39 -16.14 7.52
CA MET A 546 -32.79 -17.28 8.34
C MET A 546 -33.39 -18.38 7.51
N GLY A 547 -33.15 -19.61 7.93
CA GLY A 547 -33.82 -20.74 7.32
C GLY A 547 -35.18 -20.91 7.97
N ILE A 548 -35.91 -21.94 7.57
CA ILE A 548 -37.23 -22.19 8.10
C ILE A 548 -37.34 -23.61 8.62
N VAL A 549 -38.29 -23.83 9.51
CA VAL A 549 -38.54 -25.17 10.02
C VAL A 549 -39.93 -25.62 9.62
N VAL A 550 -40.01 -26.77 8.98
CA VAL A 550 -41.27 -27.22 8.43
C VAL A 550 -41.74 -28.53 9.00
N ASP A 551 -42.97 -28.54 9.48
CA ASP A 551 -43.61 -29.75 9.94
C ASP A 551 -44.36 -30.42 8.79
N GLU A 552 -44.44 -31.74 8.85
CA GLU A 552 -45.19 -32.52 7.89
C GLU A 552 -46.40 -33.21 8.51
N VAL A 553 -46.31 -33.52 9.81
CA VAL A 553 -47.41 -34.21 10.49
C VAL A 553 -48.58 -33.26 10.55
N ARG A 554 -48.24 -32.00 10.82
CA ARG A 554 -49.15 -30.89 10.71
C ARG A 554 -48.51 -29.97 9.71
N GLU A 555 -49.30 -29.32 8.88
CA GLU A 555 -48.69 -28.54 7.84
C GLU A 555 -48.31 -27.14 8.31
N LEU A 556 -47.36 -27.09 9.22
CA LEU A 556 -46.94 -25.83 9.81
C LEU A 556 -45.53 -25.47 9.45
N VAL A 557 -45.34 -24.22 9.06
CA VAL A 557 -44.01 -23.70 8.80
C VAL A 557 -43.71 -22.57 9.76
N TYR A 558 -42.53 -22.64 10.37
CA TYR A 558 -42.10 -21.67 11.33
C TYR A 558 -40.98 -20.83 10.74
N TYR A 559 -41.09 -19.52 10.92
CA TYR A 559 -40.15 -18.61 10.28
C TYR A 559 -40.02 -17.30 11.01
N VAL A 560 -38.99 -16.55 10.69
CA VAL A 560 -38.78 -15.23 11.26
C VAL A 560 -39.22 -14.16 10.27
N ALA A 561 -40.05 -13.20 10.72
CA ALA A 561 -40.57 -12.17 9.83
C ALA A 561 -40.92 -10.87 10.57
N ASN A 562 -41.03 -9.77 9.82
CA ASN A 562 -41.37 -8.47 10.40
C ASN A 562 -42.86 -8.31 10.56
N GLU A 563 -43.46 -9.16 11.37
CA GLU A 563 -44.89 -9.17 11.51
C GLU A 563 -45.41 -7.96 12.28
N SER A 564 -44.74 -7.61 13.36
CA SER A 564 -45.23 -6.54 14.23
C SER A 564 -44.74 -5.17 13.81
N HIS A 565 -43.56 -5.11 13.22
CA HIS A 565 -42.90 -3.84 13.00
C HIS A 565 -41.71 -4.03 12.03
N PRO A 566 -41.43 -3.05 11.16
CA PRO A 566 -40.31 -3.04 10.24
C PRO A 566 -38.93 -3.12 10.88
N THR A 567 -38.81 -2.76 12.16
CA THR A 567 -37.52 -2.79 12.84
C THR A 567 -37.39 -3.99 13.76
N GLU A 568 -38.35 -4.91 13.68
CA GLU A 568 -38.37 -6.02 14.62
C GLU A 568 -38.63 -7.36 13.96
N TRP A 569 -37.88 -8.37 14.37
CA TRP A 569 -38.16 -9.73 13.90
C TRP A 569 -39.00 -10.51 14.88
N ASN A 570 -39.99 -11.24 14.37
CA ASN A 570 -40.80 -12.09 15.21
C ASN A 570 -40.74 -13.52 14.73
N ILE A 571 -40.98 -14.47 15.62
CA ILE A 571 -41.15 -15.85 15.17
C ILE A 571 -42.61 -16.13 14.94
N CYS A 572 -42.92 -16.55 13.72
CA CYS A 572 -44.29 -16.76 13.29
C CYS A 572 -44.51 -18.16 12.77
N VAL A 573 -45.76 -18.60 12.82
CA VAL A 573 -46.14 -19.88 12.26
C VAL A 573 -47.30 -19.71 11.31
N SER A 574 -47.30 -20.47 10.23
CA SER A 574 -48.43 -20.47 9.35
C SER A 574 -48.73 -21.87 8.86
N HIS A 575 -49.99 -22.10 8.54
CA HIS A 575 -50.42 -23.39 8.01
C HIS A 575 -50.38 -23.30 6.50
N TYR A 576 -49.58 -24.13 5.87
CA TYR A 576 -49.30 -23.92 4.46
C TYR A 576 -50.38 -24.45 3.54
N ARG A 577 -51.41 -25.03 4.12
CA ARG A 577 -52.54 -25.48 3.33
C ARG A 577 -53.71 -24.52 3.43
N THR A 578 -53.71 -23.66 4.45
CA THR A 578 -54.85 -22.79 4.69
C THR A 578 -54.49 -21.33 4.53
N GLY A 579 -53.24 -20.99 4.83
CA GLY A 579 -52.82 -19.59 4.88
C GLY A 579 -53.07 -19.01 6.27
N GLN A 580 -53.50 -19.87 7.19
CA GLN A 580 -53.79 -19.44 8.55
C GLN A 580 -52.49 -19.03 9.20
N HIS A 581 -52.51 -17.91 9.90
CA HIS A 581 -51.28 -17.33 10.41
C HIS A 581 -51.36 -16.89 11.86
N ALA A 582 -50.26 -17.05 12.59
CA ALA A 582 -50.15 -16.58 13.96
C ALA A 582 -48.73 -16.16 14.29
N GLN A 583 -48.61 -15.27 15.27
CA GLN A 583 -47.33 -14.80 15.76
C GLN A 583 -47.01 -15.45 17.10
N LEU A 584 -45.83 -16.05 17.22
CA LEU A 584 -45.49 -16.81 18.42
C LEU A 584 -44.65 -16.05 19.44
N THR A 585 -44.27 -14.82 19.13
CA THR A 585 -43.50 -14.04 20.10
C THR A 585 -44.13 -12.67 20.30
N GLU A 586 -43.82 -12.06 21.43
CA GLU A 586 -44.41 -10.78 21.80
C GLU A 586 -43.98 -9.65 20.89
N SER A 587 -44.93 -8.78 20.57
CA SER A 587 -44.58 -7.58 19.85
C SER A 587 -43.74 -6.69 20.74
N GLY A 588 -42.76 -6.03 20.16
CA GLY A 588 -41.90 -5.11 20.88
C GLY A 588 -40.59 -5.77 21.28
N ILE A 589 -40.52 -7.09 21.17
CA ILE A 589 -39.30 -7.82 21.48
C ILE A 589 -38.81 -8.52 20.22
N CYS A 590 -37.54 -8.29 19.90
CA CYS A 590 -36.98 -8.76 18.65
C CYS A 590 -36.23 -10.08 18.75
N PHE A 591 -36.52 -10.98 17.83
CA PHE A 591 -35.74 -12.19 17.70
C PHE A 591 -34.35 -11.89 17.19
N LYS A 592 -33.35 -12.48 17.79
CA LYS A 592 -32.00 -12.27 17.32
C LYS A 592 -31.38 -13.50 16.71
N SER A 593 -30.79 -13.33 15.53
CA SER A 593 -30.03 -14.40 14.91
C SER A 593 -28.55 -14.16 15.12
N GLU A 594 -27.85 -15.17 15.60
CA GLU A 594 -26.43 -15.07 15.85
C GLU A 594 -25.59 -15.26 14.60
N ARG A 595 -26.19 -15.73 13.51
CA ARG A 595 -25.43 -16.04 12.32
C ARG A 595 -26.23 -15.91 11.03
N ALA A 596 -25.54 -15.71 9.92
CA ALA A 596 -26.15 -15.79 8.61
C ALA A 596 -26.53 -17.25 8.34
N ASN A 597 -27.63 -17.46 7.62
CA ASN A 597 -28.14 -18.80 7.39
C ASN A 597 -28.37 -19.52 8.70
N GLY A 598 -28.95 -18.79 9.64
CA GLY A 598 -29.20 -19.31 10.97
C GLY A 598 -30.41 -20.21 11.00
N LYS A 599 -30.64 -20.83 12.15
CA LYS A 599 -31.71 -21.80 12.32
C LYS A 599 -32.48 -21.52 13.59
N LEU A 600 -33.74 -21.89 13.61
CA LEU A 600 -34.48 -21.86 14.87
C LEU A 600 -34.25 -23.16 15.62
N ALA A 601 -34.02 -23.06 16.93
CA ALA A 601 -33.89 -24.24 17.76
C ALA A 601 -35.25 -24.71 18.18
N LEU A 602 -36.01 -25.19 17.21
CA LEU A 602 -37.41 -25.51 17.43
C LEU A 602 -37.71 -26.98 17.51
N ASP A 603 -38.39 -27.35 18.58
CA ASP A 603 -38.98 -28.67 18.71
C ASP A 603 -40.43 -28.55 18.32
N LEU A 604 -40.84 -29.34 17.35
CA LEU A 604 -42.16 -29.17 16.78
C LEU A 604 -43.29 -29.37 17.77
N ASP A 605 -43.08 -30.20 18.79
CA ASP A 605 -44.16 -30.44 19.73
C ASP A 605 -44.08 -29.59 20.98
N HIS A 606 -42.87 -29.29 21.44
CA HIS A 606 -42.74 -28.68 22.76
C HIS A 606 -42.47 -27.19 22.82
N GLY A 607 -41.83 -26.63 21.81
CA GLY A 607 -41.44 -25.23 21.92
C GLY A 607 -40.05 -24.97 21.36
N PHE A 608 -39.51 -23.80 21.64
CA PHE A 608 -38.22 -23.42 21.10
C PHE A 608 -37.39 -22.56 22.02
N ALA A 609 -36.07 -22.61 21.81
CA ALA A 609 -35.16 -21.76 22.57
C ALA A 609 -34.49 -20.78 21.62
N CYS A 610 -34.44 -19.52 22.01
CA CYS A 610 -33.81 -18.53 21.17
C CYS A 610 -33.37 -17.31 21.92
N TYR A 611 -32.53 -16.51 21.29
CA TYR A 611 -32.19 -15.21 21.84
C TYR A 611 -33.21 -14.16 21.44
N MET A 612 -33.63 -13.38 22.42
CA MET A 612 -34.51 -12.26 22.17
C MET A 612 -33.86 -11.02 22.73
N THR A 613 -33.98 -9.91 22.01
CA THR A 613 -33.37 -8.67 22.39
C THR A 613 -34.33 -7.52 22.19
N SER A 614 -34.02 -6.37 22.76
CA SER A 614 -34.81 -5.18 22.51
C SER A 614 -33.97 -3.95 22.69
N VAL A 615 -34.49 -2.81 22.28
CA VAL A 615 -33.72 -1.58 22.34
C VAL A 615 -33.32 -1.23 23.76
N GLY A 616 -34.15 -1.59 24.74
CA GLY A 616 -33.86 -1.29 26.13
C GLY A 616 -33.27 -2.46 26.92
N SER A 617 -32.90 -3.55 26.25
CA SER A 617 -32.44 -4.73 26.98
C SER A 617 -31.50 -5.63 26.18
N PRO A 618 -30.44 -6.16 26.82
CA PRO A 618 -29.46 -7.05 26.25
C PRO A 618 -30.09 -8.36 25.87
N ALA A 619 -29.53 -9.02 24.86
CA ALA A 619 -30.09 -10.28 24.41
C ALA A 619 -30.07 -11.31 25.52
N GLU A 620 -31.15 -12.06 25.60
CA GLU A 620 -31.28 -13.13 26.58
C GLU A 620 -31.85 -14.34 25.90
N CYS A 621 -31.41 -15.52 26.32
CA CYS A 621 -31.91 -16.74 25.71
C CYS A 621 -33.06 -17.29 26.51
N ARG A 622 -34.19 -17.48 25.85
CA ARG A 622 -35.37 -17.93 26.54
C ARG A 622 -36.08 -19.05 25.83
N PHE A 623 -36.85 -19.81 26.61
CA PHE A 623 -37.62 -20.92 26.10
C PHE A 623 -39.10 -20.62 26.09
N TYR A 624 -39.69 -20.78 24.92
CA TYR A 624 -41.12 -20.65 24.74
C TYR A 624 -41.73 -22.03 24.64
N SER A 625 -42.74 -22.27 25.44
CA SER A 625 -43.38 -23.57 25.45
C SER A 625 -44.67 -23.55 24.67
N PHE A 626 -44.90 -24.57 23.87
CA PHE A 626 -46.13 -24.66 23.08
C PHE A 626 -47.32 -25.11 23.88
N ARG A 627 -48.47 -24.59 23.50
CA ARG A 627 -49.73 -25.06 24.01
C ARG A 627 -50.65 -25.42 22.86
N TRP A 628 -51.15 -26.64 22.88
CA TRP A 628 -51.99 -27.14 21.82
C TRP A 628 -53.43 -27.20 22.27
N LYS A 629 -54.34 -26.94 21.35
CA LYS A 629 -55.75 -27.02 21.67
C LYS A 629 -56.47 -27.96 20.71
N GLU A 630 -57.57 -28.52 21.19
CA GLU A 630 -58.45 -29.35 20.37
C GLU A 630 -59.09 -28.50 19.28
N ASN A 631 -59.29 -29.10 18.11
CA ASN A 631 -59.94 -28.42 17.00
C ASN A 631 -59.29 -27.09 16.68
N GLU A 632 -57.95 -27.09 16.68
CA GLU A 632 -57.18 -25.91 16.35
C GLU A 632 -55.97 -26.31 15.51
N VAL A 633 -55.50 -25.38 14.69
CA VAL A 633 -54.41 -25.65 13.77
C VAL A 633 -53.07 -25.13 14.27
N LEU A 634 -53.04 -23.91 14.77
CA LEU A 634 -51.79 -23.31 15.18
C LEU A 634 -51.62 -23.38 16.68
N PRO A 635 -50.39 -23.54 17.17
CA PRO A 635 -50.01 -23.50 18.56
C PRO A 635 -50.00 -22.08 19.10
N SER A 636 -50.14 -21.96 20.40
CA SER A 636 -49.83 -20.71 21.08
C SER A 636 -48.63 -20.95 21.97
N THR A 637 -47.97 -19.89 22.41
CA THR A 637 -46.83 -20.08 23.29
C THR A 637 -46.89 -19.29 24.57
N VAL A 638 -46.14 -19.76 25.55
CA VAL A 638 -45.92 -19.05 26.79
C VAL A 638 -44.42 -18.98 27.07
N TYR A 639 -43.98 -17.88 27.63
CA TYR A 639 -42.58 -17.70 27.98
C TYR A 639 -42.36 -18.32 29.35
N ALA A 640 -41.68 -19.47 29.36
CA ALA A 640 -41.59 -20.28 30.56
C ALA A 640 -40.24 -20.23 31.27
N ALA A 641 -39.16 -20.06 30.52
CA ALA A 641 -37.85 -20.17 31.15
C ALA A 641 -36.76 -19.38 30.46
N ASN A 642 -35.70 -19.08 31.21
CA ASN A 642 -34.48 -18.51 30.65
C ASN A 642 -33.36 -19.52 30.72
N ILE A 643 -32.42 -19.43 29.79
CA ILE A 643 -31.26 -20.30 29.84
C ILE A 643 -29.97 -19.50 29.96
N THR A 644 -29.18 -19.85 30.95
CA THR A 644 -27.90 -19.22 31.21
C THR A 644 -26.84 -20.29 31.30
N VAL A 645 -25.61 -19.95 30.97
CA VAL A 645 -24.53 -20.91 31.09
C VAL A 645 -23.91 -20.84 32.48
N SER A 646 -23.74 -22.00 33.13
CA SER A 646 -23.23 -22.04 34.48
C SER A 646 -21.74 -21.73 34.55
N GLY A 647 -21.29 -21.31 35.72
CA GLY A 647 -19.88 -21.05 35.96
C GLY A 647 -19.48 -19.64 35.55
N HIS A 648 -20.46 -18.89 35.06
CA HIS A 648 -20.24 -17.54 34.59
C HIS A 648 -21.05 -16.54 35.43
N PRO A 649 -20.63 -15.26 35.45
CA PRO A 649 -21.31 -14.14 36.06
C PRO A 649 -22.70 -13.96 35.48
N GLY A 650 -23.61 -13.47 36.29
CA GLY A 650 -24.98 -13.20 35.84
C GLY A 650 -25.04 -11.86 35.16
N GLN A 651 -26.24 -11.42 34.81
CA GLN A 651 -26.39 -10.20 34.03
C GLN A 651 -26.15 -8.98 34.91
N PRO A 652 -25.46 -7.96 34.38
CA PRO A 652 -25.21 -6.68 35.01
C PRO A 652 -26.47 -5.84 35.05
N ASP A 653 -26.56 -4.95 36.03
CA ASP A 653 -27.65 -3.98 36.08
C ASP A 653 -27.22 -2.72 35.37
N LEU A 654 -27.77 -2.49 34.19
CA LEU A 654 -27.30 -1.40 33.34
C LEU A 654 -28.19 -0.19 33.43
N HIS A 655 -27.58 0.99 33.42
CA HIS A 655 -28.31 2.24 33.48
C HIS A 655 -27.85 3.19 32.40
N PHE A 656 -28.82 3.64 31.61
CA PHE A 656 -28.57 4.46 30.45
C PHE A 656 -29.85 5.18 30.05
N ASP A 657 -29.70 6.19 29.22
CA ASP A 657 -30.86 6.79 28.58
C ASP A 657 -31.24 5.92 27.39
N SER A 658 -32.41 5.32 27.45
CA SER A 658 -32.81 4.44 26.37
C SER A 658 -32.85 5.25 25.09
N PRO A 659 -32.47 4.67 23.96
CA PRO A 659 -32.51 5.27 22.65
C PRO A 659 -33.92 5.70 22.31
N GLU A 660 -34.04 6.82 21.63
CA GLU A 660 -35.34 7.27 21.20
C GLU A 660 -35.62 6.68 19.84
N MET A 661 -36.57 5.77 19.78
CA MET A 661 -36.90 5.12 18.53
C MET A 661 -37.97 5.96 17.85
N ILE A 662 -37.66 6.45 16.67
CA ILE A 662 -38.50 7.43 16.00
C ILE A 662 -39.01 6.95 14.67
N GLU A 663 -40.29 7.12 14.43
CA GLU A 663 -40.79 6.90 13.08
C GLU A 663 -41.31 8.21 12.55
N PHE A 664 -41.10 8.45 11.27
CA PHE A 664 -41.58 9.66 10.64
C PHE A 664 -41.81 9.46 9.17
N GLN A 665 -42.57 10.35 8.56
CA GLN A 665 -42.84 10.24 7.14
C GLN A 665 -42.04 11.25 6.34
N SER A 666 -41.52 10.81 5.21
CA SER A 666 -40.81 11.71 4.30
C SER A 666 -41.75 12.76 3.74
N LYS A 667 -41.24 13.98 3.63
CA LYS A 667 -42.04 15.07 3.11
C LYS A 667 -42.01 15.10 1.60
N LYS A 668 -41.16 14.27 1.00
CA LYS A 668 -41.03 14.24 -0.45
C LYS A 668 -41.65 13.00 -1.08
N THR A 669 -41.57 11.86 -0.38
CA THR A 669 -42.02 10.61 -0.98
C THR A 669 -43.25 10.04 -0.32
N GLY A 670 -43.53 10.43 0.91
CA GLY A 670 -44.64 9.86 1.64
C GLY A 670 -44.29 8.53 2.29
N LEU A 671 -43.04 8.11 2.12
CA LEU A 671 -42.59 6.85 2.68
C LEU A 671 -42.30 6.98 4.16
N MET A 672 -42.57 5.91 4.88
CA MET A 672 -42.23 5.86 6.28
C MET A 672 -40.76 5.52 6.47
N HIS A 673 -40.12 6.22 7.39
CA HIS A 673 -38.75 5.98 7.74
C HIS A 673 -38.59 5.81 9.22
N TYR A 674 -37.55 5.11 9.60
CA TYR A 674 -37.23 4.96 11.00
C TYR A 674 -35.88 5.54 11.27
N ALA A 675 -35.73 6.07 12.47
CA ALA A 675 -34.49 6.69 12.90
C ALA A 675 -34.36 6.54 14.38
N MET A 676 -33.14 6.63 14.86
CA MET A 676 -32.92 6.52 16.29
C MET A 676 -31.93 7.55 16.79
N ILE A 677 -32.21 8.08 17.97
CA ILE A 677 -31.30 9.03 18.60
C ILE A 677 -30.76 8.52 19.92
N LEU A 678 -29.45 8.54 20.04
CA LEU A 678 -28.80 8.19 21.29
C LEU A 678 -28.48 9.48 22.02
N ARG A 679 -29.03 9.59 23.22
CA ARG A 679 -28.94 10.79 24.02
C ARG A 679 -27.54 10.95 24.60
N PRO A 680 -27.02 12.18 24.72
CA PRO A 680 -25.77 12.51 25.40
C PRO A 680 -25.92 12.22 26.89
N SER A 681 -24.81 11.89 27.53
CA SER A 681 -24.85 11.38 28.91
C SER A 681 -25.49 12.33 29.90
N ASN A 682 -25.25 13.63 29.73
CA ASN A 682 -25.89 14.62 30.58
C ASN A 682 -26.66 15.60 29.73
N PHE A 683 -27.95 15.35 29.64
CA PHE A 683 -28.78 16.02 28.65
C PHE A 683 -29.63 17.16 29.20
N ASP A 684 -29.51 18.30 28.53
CA ASP A 684 -30.31 19.49 28.79
C ASP A 684 -31.23 19.78 27.61
N PRO A 685 -32.54 19.60 27.76
CA PRO A 685 -33.57 19.76 26.74
C PRO A 685 -33.60 21.15 26.11
N TYR A 686 -33.03 22.14 26.80
CA TYR A 686 -33.06 23.50 26.29
C TYR A 686 -31.72 23.94 25.76
N LYS A 687 -30.79 23.00 25.66
CA LYS A 687 -29.50 23.28 25.06
C LYS A 687 -29.33 22.48 23.80
N LYS A 688 -28.48 22.96 22.90
CA LYS A 688 -28.23 22.21 21.70
C LYS A 688 -26.84 21.59 21.72
N TYR A 689 -26.73 20.44 21.10
CA TYR A 689 -25.52 19.64 21.11
C TYR A 689 -25.04 19.35 19.69
N PRO A 690 -23.75 19.10 19.49
CA PRO A 690 -23.13 18.76 18.22
C PRO A 690 -23.70 17.45 17.71
N VAL A 691 -23.83 17.36 16.40
CA VAL A 691 -24.46 16.21 15.77
C VAL A 691 -23.48 15.24 15.16
N PHE A 692 -23.59 13.99 15.56
CA PHE A 692 -22.83 12.93 14.94
C PHE A 692 -23.79 12.07 14.17
N HIS A 693 -23.68 12.10 12.87
CA HIS A 693 -24.64 11.42 12.05
C HIS A 693 -24.00 10.20 11.44
N TYR A 694 -24.45 9.04 11.87
CA TYR A 694 -23.85 7.81 11.42
C TYR A 694 -24.65 7.24 10.29
N VAL A 695 -23.98 6.89 9.22
CA VAL A 695 -24.67 6.40 8.06
C VAL A 695 -24.06 5.11 7.56
N TYR A 696 -24.92 4.27 7.01
CA TYR A 696 -24.48 3.19 6.16
C TYR A 696 -25.17 3.42 4.84
N GLY A 697 -26.46 3.15 4.83
CA GLY A 697 -27.34 3.57 3.75
C GLY A 697 -27.35 2.62 2.57
N GLY A 698 -26.48 1.63 2.63
CA GLY A 698 -26.39 0.67 1.54
C GLY A 698 -27.47 -0.38 1.70
N PRO A 699 -27.72 -1.14 0.65
CA PRO A 699 -28.66 -2.22 0.57
C PRO A 699 -28.20 -3.44 1.35
N GLY A 700 -29.16 -4.22 1.84
CA GLY A 700 -28.89 -5.48 2.51
C GLY A 700 -28.70 -5.29 4.00
N ILE A 701 -28.60 -4.05 4.43
CA ILE A 701 -28.34 -3.71 5.82
C ILE A 701 -29.41 -2.80 6.38
N GLN A 702 -29.79 -3.05 7.62
CA GLN A 702 -30.69 -2.20 8.35
C GLN A 702 -29.98 -1.66 9.59
N ILE A 703 -29.95 -0.35 9.75
CA ILE A 703 -29.22 0.26 10.86
C ILE A 703 -30.13 0.50 12.04
N VAL A 704 -31.32 1.00 11.75
CA VAL A 704 -32.26 1.29 12.81
C VAL A 704 -32.98 0.01 13.15
N HIS A 705 -32.78 -0.50 14.35
CA HIS A 705 -33.25 -1.82 14.68
C HIS A 705 -33.54 -1.97 16.16
N ASN A 706 -34.50 -2.83 16.48
CA ASN A 706 -34.88 -3.04 17.87
C ASN A 706 -33.98 -4.04 18.56
N ASP A 707 -32.73 -3.66 18.79
CA ASP A 707 -31.78 -4.51 19.49
C ASP A 707 -30.84 -3.68 20.36
N PHE A 708 -29.79 -4.30 20.87
CA PHE A 708 -28.92 -3.67 21.84
C PHE A 708 -27.55 -3.35 21.24
N SER A 709 -27.49 -3.29 19.92
CA SER A 709 -26.25 -3.04 19.18
C SER A 709 -25.80 -1.59 19.29
N TRP A 710 -26.67 -0.73 19.81
CA TRP A 710 -26.40 0.69 19.92
C TRP A 710 -25.47 1.00 21.08
N ILE A 711 -25.19 0.00 21.91
CA ILE A 711 -24.38 0.18 23.11
C ILE A 711 -22.99 0.72 22.80
N GLN A 712 -22.45 0.30 21.68
CA GLN A 712 -21.09 0.68 21.31
C GLN A 712 -20.94 2.18 21.08
N TYR A 713 -22.06 2.89 20.92
CA TYR A 713 -22.02 4.31 20.63
C TYR A 713 -22.18 5.18 21.87
N ILE A 714 -22.27 4.54 23.03
CA ILE A 714 -22.34 5.27 24.29
C ILE A 714 -21.07 6.07 24.50
N ARG A 715 -19.98 5.56 23.92
CA ARG A 715 -18.68 6.20 24.00
C ARG A 715 -18.67 7.59 23.38
N PHE A 716 -19.58 7.86 22.43
CA PHE A 716 -19.66 9.18 21.84
C PHE A 716 -20.59 10.05 22.64
N CYS A 717 -21.61 9.44 23.20
CA CYS A 717 -22.59 10.17 23.97
C CYS A 717 -22.00 10.68 25.27
N ARG A 718 -20.96 10.01 25.74
CA ARG A 718 -20.26 10.43 26.94
C ARG A 718 -19.33 11.59 26.66
N LEU A 719 -19.18 11.94 25.39
CA LEU A 719 -18.39 13.09 25.00
C LEU A 719 -19.27 14.25 24.55
N GLY A 720 -20.58 14.15 24.84
CA GLY A 720 -21.49 15.24 24.58
C GLY A 720 -22.06 15.25 23.16
N TYR A 721 -21.98 14.15 22.45
CA TYR A 721 -22.53 14.12 21.10
C TYR A 721 -23.91 13.52 21.06
N VAL A 722 -24.70 13.99 20.10
CA VAL A 722 -25.96 13.35 19.78
C VAL A 722 -25.71 12.40 18.61
N VAL A 723 -26.02 11.13 18.78
CA VAL A 723 -25.76 10.19 17.70
C VAL A 723 -27.05 9.80 17.03
N VAL A 724 -27.15 10.08 15.75
CA VAL A 724 -28.40 9.84 15.03
C VAL A 724 -28.23 8.84 13.89
N PHE A 725 -29.15 7.88 13.86
CA PHE A 725 -29.17 6.86 12.82
C PHE A 725 -30.44 7.00 12.03
N ILE A 726 -30.34 6.98 10.71
CA ILE A 726 -31.52 7.05 9.87
C ILE A 726 -31.43 5.97 8.80
N ASP A 727 -32.53 5.27 8.53
CA ASP A 727 -32.53 4.36 7.39
C ASP A 727 -32.94 5.12 6.14
N ASN A 728 -32.95 4.46 4.99
CA ASN A 728 -33.30 5.16 3.77
C ASN A 728 -33.78 4.24 2.67
N ARG A 729 -34.20 4.84 1.55
CA ARG A 729 -34.54 4.04 0.39
C ARG A 729 -33.33 3.25 -0.04
N GLY A 730 -33.53 2.00 -0.40
CA GLY A 730 -32.43 1.11 -0.70
C GLY A 730 -32.12 0.21 0.50
N SER A 731 -32.61 0.57 1.68
CA SER A 731 -32.37 -0.21 2.90
C SER A 731 -33.18 -1.50 2.93
N ALA A 732 -32.67 -2.46 3.68
CA ALA A 732 -33.19 -3.82 3.73
C ALA A 732 -34.52 -4.03 4.44
N HIS A 733 -35.18 -5.12 4.06
CA HIS A 733 -36.37 -5.67 4.72
C HIS A 733 -37.63 -4.83 4.62
N ARG A 734 -37.78 -4.10 3.53
CA ARG A 734 -39.00 -3.35 3.29
C ARG A 734 -39.77 -3.85 2.06
N GLY A 735 -39.06 -4.47 1.13
CA GLY A 735 -39.64 -4.87 -0.14
C GLY A 735 -38.90 -4.24 -1.31
N ILE A 736 -39.11 -4.78 -2.51
CA ILE A 736 -38.35 -4.30 -3.65
C ILE A 736 -38.71 -2.88 -4.05
N GLU A 737 -39.93 -2.46 -3.79
CA GLU A 737 -40.34 -1.11 -4.15
C GLU A 737 -39.54 -0.09 -3.38
N PHE A 738 -39.19 -0.42 -2.16
CA PHE A 738 -38.43 0.47 -1.33
C PHE A 738 -36.95 0.45 -1.72
N GLU A 739 -36.46 -0.75 -2.05
CA GLU A 739 -35.05 -0.92 -2.36
C GLU A 739 -34.67 -0.45 -3.76
N ARG A 740 -35.61 -0.51 -4.69
CA ARG A 740 -35.33 -0.34 -6.11
C ARG A 740 -34.92 1.05 -6.51
N HIS A 741 -35.14 2.03 -5.64
CA HIS A 741 -34.91 3.42 -5.99
C HIS A 741 -33.43 3.70 -6.21
N ILE A 742 -32.56 2.81 -5.74
CA ILE A 742 -31.13 3.03 -5.91
C ILE A 742 -30.61 2.30 -7.12
N HIS A 743 -31.51 1.73 -7.91
CA HIS A 743 -31.10 1.01 -9.10
C HIS A 743 -30.47 1.96 -10.09
N LYS A 744 -29.21 1.69 -10.42
CA LYS A 744 -28.40 2.53 -11.30
C LYS A 744 -28.28 3.95 -10.81
N LYS A 745 -28.54 4.17 -9.53
CA LYS A 745 -28.52 5.51 -8.97
C LYS A 745 -27.86 5.59 -7.62
N MET A 746 -26.88 4.74 -7.37
CA MET A 746 -26.26 4.77 -6.07
C MET A 746 -25.59 6.11 -5.83
N GLY A 747 -25.77 6.63 -4.62
CA GLY A 747 -25.21 7.92 -4.22
C GLY A 747 -26.10 9.08 -4.63
N THR A 748 -27.23 8.80 -5.26
CA THR A 748 -28.09 9.88 -5.72
C THR A 748 -29.38 10.01 -4.93
N VAL A 749 -29.83 8.92 -4.33
CA VAL A 749 -31.14 8.94 -3.67
C VAL A 749 -31.04 8.84 -2.17
N GLU A 750 -30.27 7.87 -1.71
CA GLU A 750 -30.17 7.55 -0.30
C GLU A 750 -29.50 8.66 0.49
N VAL A 751 -28.75 9.51 -0.20
CA VAL A 751 -28.08 10.63 0.44
C VAL A 751 -29.09 11.70 0.80
N GLU A 752 -30.15 11.83 0.01
CA GLU A 752 -31.16 12.84 0.27
C GLU A 752 -32.04 12.42 1.42
N ASP A 753 -32.27 11.13 1.55
CA ASP A 753 -33.10 10.65 2.62
C ASP A 753 -32.40 10.86 3.95
N GLN A 754 -31.09 10.73 3.95
CA GLN A 754 -30.33 10.94 5.16
C GLN A 754 -30.36 12.41 5.56
N VAL A 755 -30.30 13.30 4.58
CA VAL A 755 -30.32 14.72 4.86
C VAL A 755 -31.68 15.18 5.36
N GLU A 756 -32.74 14.75 4.69
CA GLU A 756 -34.08 15.15 5.10
C GLU A 756 -34.44 14.57 6.45
N GLY A 757 -34.01 13.34 6.70
CA GLY A 757 -34.32 12.69 7.95
C GLY A 757 -33.65 13.41 9.10
N LEU A 758 -32.43 13.91 8.88
CA LEU A 758 -31.74 14.62 9.94
C LEU A 758 -32.45 15.91 10.28
N GLN A 759 -32.91 16.62 9.27
CA GLN A 759 -33.57 17.89 9.50
C GLN A 759 -34.91 17.70 10.20
N MET A 760 -35.64 16.66 9.84
CA MET A 760 -36.91 16.41 10.49
C MET A 760 -36.74 16.00 11.93
N LEU A 761 -35.68 15.28 12.22
CA LEU A 761 -35.42 14.92 13.59
C LEU A 761 -35.10 16.16 14.39
N ALA A 762 -34.38 17.10 13.79
CA ALA A 762 -34.04 18.34 14.49
C ALA A 762 -35.29 19.09 14.92
N GLU A 763 -36.33 19.03 14.10
CA GLU A 763 -37.60 19.66 14.43
C GLU A 763 -38.33 18.89 15.53
N ARG A 764 -38.31 17.57 15.44
CA ARG A 764 -39.04 16.72 16.39
C ARG A 764 -38.37 16.67 17.75
N THR A 765 -37.07 16.91 17.76
CA THR A 765 -36.29 16.87 18.98
C THR A 765 -36.47 18.14 19.79
N GLY A 766 -37.10 19.15 19.20
CA GLY A 766 -37.29 20.41 19.90
C GLY A 766 -36.09 21.35 19.71
N GLY A 767 -35.27 21.08 18.71
CA GLY A 767 -34.13 21.94 18.45
C GLY A 767 -32.92 21.73 19.36
N PHE A 768 -32.72 20.53 19.91
CA PHE A 768 -31.54 20.36 20.75
C PHE A 768 -30.37 19.85 19.92
N MET A 769 -30.59 19.75 18.61
CA MET A 769 -29.51 19.35 17.73
C MET A 769 -29.02 20.57 16.96
N ASP A 770 -27.72 20.78 16.99
CA ASP A 770 -27.12 21.95 16.38
C ASP A 770 -26.71 21.70 14.93
N MET A 771 -27.39 22.37 14.00
CA MET A 771 -27.15 22.10 12.58
C MET A 771 -25.91 22.81 12.06
N SER A 772 -25.28 23.62 12.88
CA SER A 772 -24.05 24.28 12.50
C SER A 772 -22.84 23.47 12.88
N ARG A 773 -23.07 22.36 13.60
CA ARG A 773 -22.00 21.48 14.04
C ARG A 773 -22.31 20.04 13.71
N VAL A 774 -22.24 19.69 12.43
CA VAL A 774 -22.63 18.35 12.02
C VAL A 774 -21.47 17.60 11.37
N VAL A 775 -21.17 16.42 11.91
CA VAL A 775 -20.14 15.54 11.37
C VAL A 775 -20.75 14.21 10.95
N VAL A 776 -20.45 13.77 9.74
CA VAL A 776 -21.02 12.52 9.25
C VAL A 776 -19.99 11.44 9.11
N HIS A 777 -20.32 10.27 9.61
CA HIS A 777 -19.42 9.14 9.64
C HIS A 777 -20.06 7.87 9.11
N GLY A 778 -19.29 7.09 8.37
CA GLY A 778 -19.77 5.78 7.98
C GLY A 778 -18.63 4.90 7.52
N TRP A 779 -18.90 3.61 7.39
CA TRP A 779 -17.88 2.65 7.02
C TRP A 779 -18.36 1.82 5.83
N SER A 780 -17.44 1.45 4.96
CA SER A 780 -17.79 0.68 3.77
C SER A 780 -18.70 1.53 2.90
N TYR A 781 -19.94 1.09 2.71
CA TYR A 781 -20.88 1.88 1.93
C TYR A 781 -21.12 3.21 2.65
N GLY A 782 -21.02 3.17 3.96
CA GLY A 782 -21.20 4.38 4.75
C GLY A 782 -20.09 5.37 4.48
N GLY A 783 -18.90 4.88 4.19
CA GLY A 783 -17.77 5.76 3.92
C GLY A 783 -18.01 6.44 2.59
N TYR A 784 -18.58 5.67 1.68
CA TYR A 784 -18.95 6.18 0.37
C TYR A 784 -19.94 7.32 0.51
N MET A 785 -20.95 7.12 1.33
CA MET A 785 -21.93 8.17 1.53
C MET A 785 -21.45 9.33 2.37
N ALA A 786 -20.52 9.10 3.29
CA ALA A 786 -20.00 10.23 4.04
C ALA A 786 -19.33 11.21 3.07
N LEU A 787 -18.68 10.67 2.05
CA LEU A 787 -18.08 11.48 0.99
C LEU A 787 -19.14 12.13 0.13
N GLN A 788 -20.19 11.40 -0.17
CA GLN A 788 -21.25 11.92 -1.02
C GLN A 788 -21.95 13.08 -0.36
N MET A 789 -22.19 12.95 0.94
CA MET A 789 -22.93 13.96 1.66
C MET A 789 -22.20 15.25 1.88
N ILE A 790 -20.90 15.20 2.12
CA ILE A 790 -20.18 16.45 2.29
C ILE A 790 -19.94 17.12 0.95
N ALA A 791 -19.72 16.30 -0.08
CA ALA A 791 -19.52 16.83 -1.41
C ALA A 791 -20.78 17.50 -1.93
N LYS A 792 -21.94 16.95 -1.57
CA LYS A 792 -23.19 17.48 -2.08
C LYS A 792 -23.82 18.49 -1.14
N HIS A 793 -23.55 18.37 0.14
CA HIS A 793 -24.14 19.24 1.13
C HIS A 793 -23.13 19.78 2.14
N PRO A 794 -22.18 20.60 1.68
CA PRO A 794 -21.11 21.19 2.45
C PRO A 794 -21.65 22.22 3.42
N ASN A 795 -22.89 22.63 3.21
CA ASN A 795 -23.50 23.65 4.05
C ASN A 795 -24.29 23.02 5.18
N ILE A 796 -24.34 21.71 5.19
CA ILE A 796 -24.99 20.98 6.27
C ILE A 796 -23.93 20.27 7.08
N TYR A 797 -23.05 19.55 6.39
CA TYR A 797 -22.02 18.80 7.08
C TYR A 797 -20.72 19.57 7.11
N ARG A 798 -20.20 19.74 8.31
CA ARG A 798 -19.00 20.50 8.49
C ARG A 798 -17.81 19.61 8.15
N ALA A 799 -17.97 18.32 8.43
CA ALA A 799 -16.90 17.36 8.18
C ALA A 799 -17.45 15.97 7.94
N ALA A 800 -16.64 15.14 7.29
CA ALA A 800 -17.01 13.75 7.06
C ALA A 800 -15.85 12.82 7.36
N ILE A 801 -16.16 11.68 7.97
CA ILE A 801 -15.21 10.61 8.19
C ILE A 801 -15.62 9.39 7.37
N ALA A 802 -14.83 9.08 6.36
CA ALA A 802 -15.19 7.99 5.46
C ALA A 802 -14.26 6.81 5.62
N GLY A 803 -14.71 5.77 6.30
CA GLY A 803 -13.87 4.61 6.51
C GLY A 803 -14.20 3.50 5.52
N GLY A 804 -13.18 2.90 4.92
CA GLY A 804 -13.41 1.77 4.04
C GLY A 804 -14.24 2.18 2.85
N ALA A 805 -14.14 3.44 2.45
CA ALA A 805 -15.01 3.97 1.41
C ALA A 805 -14.80 3.32 0.06
N VAL A 806 -15.88 3.16 -0.67
CA VAL A 806 -15.82 2.68 -2.04
C VAL A 806 -15.84 3.85 -2.99
N SER A 807 -14.70 4.14 -3.61
CA SER A 807 -14.60 5.31 -4.49
C SER A 807 -15.05 5.02 -5.91
N ASP A 808 -14.94 3.77 -6.33
CA ASP A 808 -15.27 3.38 -7.68
C ASP A 808 -15.88 1.99 -7.74
N TRP A 809 -17.06 1.90 -8.32
CA TRP A 809 -17.80 0.65 -8.37
C TRP A 809 -17.17 -0.36 -9.29
N ARG A 810 -16.35 0.11 -10.22
CA ARG A 810 -15.72 -0.80 -11.16
C ARG A 810 -14.60 -1.58 -10.49
N LEU A 811 -14.19 -1.13 -9.31
CA LEU A 811 -13.13 -1.79 -8.57
C LEU A 811 -13.72 -2.77 -7.57
N TYR A 812 -15.05 -2.82 -7.51
CA TYR A 812 -15.71 -3.65 -6.51
C TYR A 812 -16.18 -4.94 -7.17
N ASP A 813 -16.77 -5.84 -6.40
CA ASP A 813 -17.05 -7.18 -6.91
C ASP A 813 -18.28 -7.29 -7.79
N THR A 814 -18.37 -8.41 -8.49
CA THR A 814 -19.40 -8.63 -9.49
C THR A 814 -20.81 -8.76 -8.94
N ALA A 815 -21.02 -9.64 -7.98
CA ALA A 815 -22.38 -9.96 -7.58
C ALA A 815 -23.07 -8.79 -6.92
N TYR A 816 -22.33 -8.01 -6.15
CA TYR A 816 -22.93 -6.88 -5.48
C TYR A 816 -23.18 -5.74 -6.43
N THR A 817 -22.15 -5.39 -7.18
CA THR A 817 -22.22 -4.17 -7.96
C THR A 817 -23.25 -4.25 -9.06
N GLU A 818 -23.30 -5.39 -9.73
CA GLU A 818 -24.12 -5.51 -10.92
C GLU A 818 -25.60 -5.68 -10.63
N ARG A 819 -25.97 -6.14 -9.45
CA ARG A 819 -27.39 -6.27 -9.21
C ARG A 819 -28.00 -4.90 -9.02
N TYR A 820 -27.19 -3.94 -8.59
CA TYR A 820 -27.69 -2.59 -8.38
C TYR A 820 -27.37 -1.68 -9.56
N MET A 821 -26.21 -1.87 -10.16
CA MET A 821 -25.76 -0.98 -11.22
C MET A 821 -26.10 -1.49 -12.63
N GLY A 822 -26.53 -2.74 -12.72
CA GLY A 822 -26.95 -3.32 -13.98
C GLY A 822 -25.81 -4.00 -14.74
N TYR A 823 -26.17 -4.71 -15.80
CA TYR A 823 -25.23 -5.39 -16.66
C TYR A 823 -25.82 -5.47 -18.07
N PRO A 824 -25.02 -5.21 -19.12
CA PRO A 824 -23.59 -4.95 -19.20
C PRO A 824 -23.22 -3.65 -18.54
N LEU A 825 -21.98 -3.57 -18.11
CA LEU A 825 -21.51 -2.40 -17.40
C LEU A 825 -21.60 -1.17 -18.29
N GLU A 826 -22.19 -0.10 -17.76
CA GLU A 826 -22.34 1.13 -18.51
C GLU A 826 -21.45 2.22 -17.94
N GLU A 827 -20.62 2.79 -18.79
CA GLU A 827 -19.63 3.74 -18.33
C GLU A 827 -20.25 4.97 -17.68
N HIS A 828 -21.36 5.45 -18.22
CA HIS A 828 -21.95 6.67 -17.69
C HIS A 828 -22.78 6.42 -16.44
N VAL A 829 -23.13 5.18 -16.18
CA VAL A 829 -23.90 4.86 -15.00
C VAL A 829 -22.94 4.69 -13.84
N TYR A 830 -21.85 4.01 -14.12
CA TYR A 830 -20.83 3.79 -13.12
C TYR A 830 -20.07 5.07 -12.83
N GLY A 831 -19.92 5.91 -13.85
CA GLY A 831 -19.28 7.19 -13.66
C GLY A 831 -20.11 8.08 -12.76
N ALA A 832 -21.42 8.09 -12.98
CA ALA A 832 -22.31 8.94 -12.19
C ALA A 832 -22.31 8.58 -10.71
N SER A 833 -22.16 7.29 -10.41
CA SER A 833 -22.19 6.83 -9.03
C SER A 833 -20.82 6.76 -8.37
N SER A 834 -19.78 7.10 -9.10
CA SER A 834 -18.44 7.06 -8.52
C SER A 834 -18.20 8.31 -7.68
N ILE A 835 -17.16 8.27 -6.86
CA ILE A 835 -16.76 9.45 -6.10
C ILE A 835 -15.89 10.35 -6.95
N THR A 836 -15.39 9.82 -8.05
CA THR A 836 -14.44 10.55 -8.87
C THR A 836 -15.04 11.88 -9.30
N GLY A 837 -16.30 11.86 -9.68
CA GLY A 837 -16.96 13.05 -10.19
C GLY A 837 -17.29 14.04 -9.08
N LEU A 838 -17.18 13.59 -7.84
CA LEU A 838 -17.47 14.44 -6.70
C LEU A 838 -16.23 15.01 -6.04
N VAL A 839 -15.05 14.65 -6.51
CA VAL A 839 -13.86 15.11 -5.82
C VAL A 839 -13.77 16.61 -5.91
N GLU A 840 -14.19 17.15 -7.03
CA GLU A 840 -14.20 18.58 -7.26
C GLU A 840 -15.05 19.32 -6.23
N LYS A 841 -16.09 18.65 -5.73
CA LYS A 841 -17.03 19.26 -4.81
C LYS A 841 -16.63 19.08 -3.36
N LEU A 842 -15.56 18.34 -3.12
CA LEU A 842 -15.10 18.14 -1.77
C LEU A 842 -14.62 19.47 -1.24
N PRO A 843 -14.69 19.69 0.08
CA PRO A 843 -14.37 20.93 0.75
C PRO A 843 -12.95 21.37 0.48
N ASP A 844 -12.77 22.68 0.33
CA ASP A 844 -11.46 23.25 0.07
C ASP A 844 -10.71 23.44 1.37
N GLU A 845 -11.44 23.69 2.44
CA GLU A 845 -10.83 23.91 3.73
C GLU A 845 -10.31 22.60 4.28
N PRO A 846 -9.25 22.65 5.07
CA PRO A 846 -8.67 21.56 5.81
C PRO A 846 -9.55 21.13 6.98
N ASN A 847 -9.31 19.92 7.44
CA ASN A 847 -9.99 19.31 8.58
C ASN A 847 -11.46 19.10 8.35
N ARG A 848 -11.87 19.04 7.09
CA ARG A 848 -13.25 18.74 6.78
C ARG A 848 -13.42 17.30 6.29
N LEU A 849 -12.38 16.73 5.71
CA LEU A 849 -12.48 15.36 5.22
C LEU A 849 -11.42 14.45 5.81
N MET A 850 -11.87 13.32 6.34
CA MET A 850 -10.98 12.29 6.84
C MET A 850 -11.25 10.96 6.16
N LEU A 851 -10.18 10.27 5.79
CA LEU A 851 -10.28 8.98 5.13
C LEU A 851 -9.57 7.93 5.98
N VAL A 852 -10.27 6.85 6.29
CA VAL A 852 -9.68 5.79 7.09
C VAL A 852 -9.73 4.48 6.35
N HIS A 853 -8.62 3.78 6.25
CA HIS A 853 -8.66 2.55 5.50
C HIS A 853 -7.65 1.52 5.98
N GLY A 854 -8.03 0.26 5.91
CA GLY A 854 -7.10 -0.82 6.17
C GLY A 854 -6.22 -1.05 4.96
N LEU A 855 -5.03 -1.57 5.17
CA LEU A 855 -4.16 -1.85 4.05
C LEU A 855 -4.40 -3.25 3.49
N MET A 856 -4.96 -4.12 4.33
CA MET A 856 -5.16 -5.52 3.98
C MET A 856 -6.63 -5.83 3.75
N ASP A 857 -7.40 -4.80 3.47
CA ASP A 857 -8.84 -4.96 3.33
C ASP A 857 -9.19 -5.63 2.01
N GLU A 858 -9.71 -6.85 2.13
CA GLU A 858 -10.02 -7.68 0.97
C GLU A 858 -11.43 -7.44 0.44
N ASN A 859 -12.20 -6.66 1.18
CA ASN A 859 -13.58 -6.39 0.81
C ASN A 859 -13.66 -5.12 0.00
N VAL A 860 -13.22 -4.03 0.59
CA VAL A 860 -13.06 -2.79 -0.13
C VAL A 860 -11.58 -2.56 -0.24
N HIS A 861 -11.06 -2.68 -1.42
CA HIS A 861 -9.64 -2.72 -1.58
C HIS A 861 -8.99 -1.38 -1.39
N PHE A 862 -7.72 -1.41 -1.07
CA PHE A 862 -6.95 -0.20 -0.88
C PHE A 862 -6.92 0.59 -2.16
N ALA A 863 -7.07 -0.11 -3.29
CA ALA A 863 -7.11 0.54 -4.59
C ALA A 863 -8.20 1.61 -4.64
N HIS A 864 -9.28 1.42 -3.88
CA HIS A 864 -10.33 2.42 -3.85
C HIS A 864 -9.82 3.70 -3.21
N LEU A 865 -8.98 3.55 -2.19
CA LEU A 865 -8.45 4.69 -1.48
C LEU A 865 -7.42 5.41 -2.31
N THR A 866 -6.58 4.64 -3.01
CA THR A 866 -5.52 5.26 -3.77
C THR A 866 -6.10 6.02 -4.94
N HIS A 867 -7.22 5.55 -5.44
CA HIS A 867 -7.92 6.25 -6.50
C HIS A 867 -8.43 7.59 -6.00
N LEU A 868 -9.04 7.57 -4.81
CA LEU A 868 -9.60 8.77 -4.22
C LEU A 868 -8.54 9.77 -3.81
N VAL A 869 -7.46 9.29 -3.23
CA VAL A 869 -6.37 10.15 -2.81
C VAL A 869 -5.72 10.79 -4.02
N ASP A 870 -5.55 10.01 -5.08
CA ASP A 870 -4.92 10.54 -6.27
C ASP A 870 -5.75 11.65 -6.88
N GLU A 871 -7.07 11.50 -6.85
CA GLU A 871 -7.92 12.55 -7.38
C GLU A 871 -7.85 13.80 -6.53
N CYS A 872 -7.76 13.63 -5.21
CA CYS A 872 -7.65 14.79 -4.34
C CYS A 872 -6.37 15.56 -4.63
N ILE A 873 -5.30 14.83 -4.92
CA ILE A 873 -4.02 15.46 -5.19
C ILE A 873 -4.12 16.28 -6.46
N LYS A 874 -4.75 15.73 -7.48
CA LYS A 874 -4.93 16.41 -8.74
C LYS A 874 -5.80 17.65 -8.61
N LYS A 875 -6.81 17.57 -7.76
CA LYS A 875 -7.76 18.66 -7.61
C LYS A 875 -7.34 19.66 -6.53
N GLY A 876 -6.34 19.33 -5.74
CA GLY A 876 -5.87 20.24 -4.70
C GLY A 876 -6.76 20.22 -3.46
N LYS A 877 -7.41 19.08 -3.22
CA LYS A 877 -8.30 18.96 -2.07
C LYS A 877 -7.57 18.35 -0.88
N TRP A 878 -7.75 18.97 0.27
CA TRP A 878 -7.13 18.52 1.51
C TRP A 878 -7.84 17.31 2.07
N HIS A 879 -7.09 16.38 2.63
CA HIS A 879 -7.68 15.27 3.38
C HIS A 879 -6.75 14.77 4.47
N GLU A 880 -7.34 14.26 5.54
CA GLU A 880 -6.57 13.57 6.56
C GLU A 880 -6.65 12.08 6.31
N LEU A 881 -5.51 11.41 6.32
CA LEU A 881 -5.50 9.99 6.03
C LEU A 881 -4.94 9.15 7.17
N VAL A 882 -5.71 8.14 7.57
CA VAL A 882 -5.28 7.19 8.58
C VAL A 882 -5.28 5.79 8.01
N ILE A 883 -4.15 5.10 8.13
CA ILE A 883 -4.02 3.75 7.60
C ILE A 883 -3.61 2.77 8.67
N PHE A 884 -4.19 1.59 8.59
CA PHE A 884 -3.89 0.49 9.48
C PHE A 884 -3.28 -0.69 8.71
N PRO A 885 -1.95 -0.76 8.63
CA PRO A 885 -1.20 -1.67 7.79
C PRO A 885 -1.46 -3.14 8.07
N ASN A 886 -1.90 -3.45 9.29
CA ASN A 886 -2.13 -4.83 9.65
C ASN A 886 -3.60 -5.14 9.87
N GLU A 887 -4.47 -4.26 9.41
CA GLU A 887 -5.90 -4.45 9.59
C GLU A 887 -6.61 -4.70 8.29
N ARG A 888 -7.76 -5.33 8.42
CA ARG A 888 -8.58 -5.74 7.30
C ARG A 888 -9.67 -4.73 7.07
N HIS A 889 -10.89 -5.20 6.79
CA HIS A 889 -11.99 -4.29 6.52
C HIS A 889 -12.35 -3.47 7.73
N GLY A 890 -12.47 -4.12 8.88
CA GLY A 890 -12.68 -3.41 10.12
C GLY A 890 -11.38 -3.38 10.90
N VAL A 891 -11.40 -2.78 12.07
CA VAL A 891 -10.23 -2.76 12.92
C VAL A 891 -10.47 -3.64 14.14
N ARG A 892 -9.70 -4.73 14.25
CA ARG A 892 -9.97 -5.73 15.27
C ARG A 892 -8.98 -5.71 16.42
N ASN A 893 -7.75 -5.27 16.18
CA ASN A 893 -6.78 -5.26 17.25
C ASN A 893 -7.23 -4.28 18.31
N ASN A 894 -7.14 -4.68 19.57
CA ASN A 894 -7.67 -3.87 20.65
C ASN A 894 -7.02 -2.49 20.73
N ASP A 895 -5.72 -2.41 20.44
CA ASP A 895 -5.05 -1.12 20.53
C ASP A 895 -5.24 -0.33 19.26
N ALA A 896 -5.35 -1.02 18.15
CA ALA A 896 -5.63 -0.33 16.90
C ALA A 896 -7.03 0.27 16.94
N SER A 897 -7.93 -0.44 17.61
CA SER A 897 -9.31 0.00 17.74
C SER A 897 -9.37 1.24 18.64
N ILE A 898 -8.59 1.24 19.70
CA ILE A 898 -8.53 2.39 20.60
C ILE A 898 -7.98 3.60 19.88
N TYR A 899 -6.92 3.38 19.11
CA TYR A 899 -6.31 4.45 18.36
C TYR A 899 -7.27 5.04 17.35
N LEU A 900 -8.00 4.19 16.64
CA LEU A 900 -8.92 4.69 15.66
C LEU A 900 -10.00 5.53 16.29
N ASP A 901 -10.50 5.07 17.43
CA ASP A 901 -11.56 5.83 18.07
C ASP A 901 -11.05 7.17 18.51
N ALA A 902 -9.83 7.20 19.02
CA ALA A 902 -9.29 8.46 19.51
C ALA A 902 -9.12 9.47 18.39
N ARG A 903 -8.76 9.01 17.20
CA ARG A 903 -8.57 9.94 16.10
C ARG A 903 -9.87 10.37 15.48
N MET A 904 -10.86 9.50 15.46
CA MET A 904 -12.13 9.92 14.94
C MET A 904 -12.73 10.98 15.85
N MET A 905 -12.55 10.78 17.15
CA MET A 905 -13.12 11.66 18.13
C MET A 905 -12.36 12.98 18.20
N TYR A 906 -11.05 12.92 18.10
CA TYR A 906 -10.25 14.12 18.12
C TYR A 906 -10.58 14.98 16.91
N PHE A 907 -10.66 14.33 15.76
CA PHE A 907 -10.95 14.99 14.52
C PHE A 907 -12.30 15.66 14.59
N ALA A 908 -13.28 14.95 15.12
CA ALA A 908 -14.63 15.49 15.20
C ALA A 908 -14.66 16.77 16.02
N GLN A 909 -13.84 16.86 17.06
CA GLN A 909 -13.85 18.07 17.88
C GLN A 909 -13.36 19.26 17.10
N GLN A 910 -12.36 19.03 16.27
CA GLN A 910 -11.77 20.13 15.56
C GLN A 910 -12.70 20.59 14.47
N ALA A 911 -13.46 19.64 13.94
CA ALA A 911 -14.43 19.93 12.89
C ALA A 911 -15.58 20.80 13.38
N ILE A 912 -16.01 20.58 14.62
CA ILE A 912 -17.17 21.30 15.13
C ILE A 912 -16.79 22.55 15.89
N GLN A 913 -15.65 22.54 16.54
CA GLN A 913 -15.29 23.60 17.47
C GLN A 913 -14.68 24.80 16.73
N GLY A 914 -15.54 25.54 16.02
CA GLY A 914 -15.13 26.69 15.22
C GLY A 914 -16.34 27.56 14.89
N GLU B 34 17.68 41.24 22.38
CA GLU B 34 16.24 41.06 22.26
C GLU B 34 15.79 41.45 20.85
N ASN B 35 14.75 40.77 20.36
CA ASN B 35 14.17 41.03 19.04
C ASN B 35 12.65 40.95 19.07
N GLU B 36 12.03 41.69 18.17
CA GLU B 36 10.58 41.70 18.02
C GLU B 36 10.12 40.52 17.18
N PRO B 37 9.14 39.72 17.63
CA PRO B 37 8.56 38.67 16.84
C PRO B 37 8.00 39.26 15.57
N ALA B 38 8.38 38.70 14.43
CA ALA B 38 7.83 39.17 13.17
C ALA B 38 6.41 38.70 13.08
N ARG B 39 5.56 39.47 12.45
CA ARG B 39 4.23 38.95 12.20
C ARG B 39 4.39 37.76 11.29
N PHE B 40 3.71 36.67 11.58
CA PHE B 40 3.71 35.58 10.64
C PHE B 40 2.38 35.58 9.92
N GLU B 41 2.43 35.65 8.60
CA GLU B 41 1.21 35.69 7.85
C GLU B 41 0.69 34.31 7.54
N THR B 42 -0.49 34.01 8.03
CA THR B 42 -1.11 32.72 7.77
C THR B 42 -1.91 32.82 6.49
N ARG B 43 -2.23 31.67 5.90
CA ARG B 43 -3.08 31.66 4.73
C ARG B 43 -3.76 30.33 4.49
N SER B 44 -4.78 30.36 3.64
CA SER B 44 -5.59 29.20 3.30
C SER B 44 -4.85 28.17 2.48
N PHE B 45 -5.25 26.91 2.64
CA PHE B 45 -4.67 25.85 1.86
C PHE B 45 -4.75 26.15 0.38
N SER B 46 -5.86 26.72 -0.05
CA SER B 46 -6.05 27.02 -1.47
C SER B 46 -5.06 28.07 -1.95
N GLN B 47 -4.58 28.89 -1.02
CA GLN B 47 -3.64 29.95 -1.34
C GLN B 47 -2.23 29.39 -1.38
N LEU B 48 -2.00 28.32 -0.62
CA LEU B 48 -0.71 27.66 -0.64
C LEU B 48 -0.57 26.89 -1.94
N ILE B 49 -1.69 26.37 -2.45
CA ILE B 49 -1.70 25.70 -3.75
C ILE B 49 -1.36 26.69 -4.86
N ASP B 50 -1.96 27.88 -4.81
CA ASP B 50 -1.67 28.87 -5.83
C ASP B 50 -0.25 29.37 -5.74
N HIS B 51 0.26 29.45 -4.53
CA HIS B 51 1.63 29.91 -4.34
C HIS B 51 2.60 28.92 -4.96
N ALA B 52 2.44 27.65 -4.64
CA ALA B 52 3.31 26.63 -5.17
C ALA B 52 3.19 26.52 -6.68
N ARG B 53 1.98 26.71 -7.19
CA ARG B 53 1.73 26.62 -8.61
C ARG B 53 2.36 27.76 -9.39
N SER B 54 2.20 28.98 -8.89
CA SER B 54 2.76 30.14 -9.55
C SER B 54 4.28 30.08 -9.48
N TRP B 55 4.77 29.59 -8.36
CA TRP B 55 6.20 29.50 -8.16
C TRP B 55 6.87 28.61 -9.17
N LYS B 56 6.29 27.45 -9.45
CA LYS B 56 6.94 26.56 -10.40
C LYS B 56 7.06 27.20 -11.76
N THR B 57 6.07 28.02 -12.11
CA THR B 57 6.18 28.75 -13.36
C THR B 57 7.36 29.72 -13.32
N GLU B 58 7.54 30.39 -12.19
CA GLU B 58 8.61 31.35 -12.02
C GLU B 58 10.00 30.75 -11.86
N VAL B 59 10.10 29.61 -11.18
CA VAL B 59 11.42 29.06 -10.89
C VAL B 59 12.07 28.59 -12.17
N ARG B 60 11.26 28.14 -13.12
CA ARG B 60 11.78 27.73 -14.41
C ARG B 60 12.28 28.92 -15.21
N GLY B 61 11.84 30.11 -14.81
CA GLY B 61 12.22 31.33 -15.51
C GLY B 61 13.57 31.84 -15.01
N MET B 62 14.12 31.17 -14.01
CA MET B 62 15.40 31.57 -13.47
C MET B 62 16.53 30.84 -14.17
N THR B 63 16.18 29.96 -15.09
CA THR B 63 17.18 29.18 -15.79
C THR B 63 16.94 29.23 -17.29
N THR B 64 17.85 28.65 -18.03
CA THR B 64 17.74 28.58 -19.48
C THR B 64 17.97 27.15 -19.93
N GLN B 65 17.66 26.87 -21.18
CA GLN B 65 17.96 25.54 -21.68
C GLN B 65 19.46 25.37 -21.72
N GLY B 66 19.93 24.29 -21.11
CA GLY B 66 21.35 23.98 -21.11
C GLY B 66 21.59 22.68 -21.86
N PHE B 67 22.76 22.12 -21.66
CA PHE B 67 23.09 20.88 -22.32
C PHE B 67 23.62 19.82 -21.37
N THR B 68 23.30 18.57 -21.66
CA THR B 68 23.46 17.46 -20.72
C THR B 68 24.78 16.74 -20.85
N LYS B 69 25.51 17.03 -21.90
CA LYS B 69 26.85 16.47 -22.06
C LYS B 69 27.73 17.50 -22.73
N ILE B 70 28.98 17.55 -22.33
CA ILE B 70 29.96 18.37 -23.03
C ILE B 70 31.15 17.53 -23.43
N SER B 71 31.57 17.64 -24.68
CA SER B 71 32.78 16.97 -25.13
C SER B 71 33.49 17.77 -26.19
N LEU B 72 34.80 17.65 -26.25
CA LEU B 72 35.56 18.31 -27.30
C LEU B 72 36.25 17.28 -28.17
N MET B 73 36.37 17.56 -29.46
CA MET B 73 37.18 16.73 -30.31
C MET B 73 38.04 17.55 -31.26
N ARG B 74 39.18 17.00 -31.60
CA ARG B 74 40.04 17.57 -32.61
C ARG B 74 39.76 16.95 -33.96
N ALA B 75 38.79 17.52 -34.68
CA ALA B 75 38.43 16.98 -35.98
C ALA B 75 39.62 17.10 -36.94
N GLU B 76 40.35 18.18 -36.79
CA GLU B 76 41.55 18.46 -37.57
C GLU B 76 42.63 19.02 -36.67
N LYS B 77 43.88 18.89 -37.08
CA LYS B 77 44.97 19.34 -36.24
C LYS B 77 44.80 20.80 -35.83
N ASP B 78 44.27 21.62 -36.73
CA ASP B 78 44.12 23.04 -36.48
C ASP B 78 42.71 23.46 -36.05
N ARG B 79 41.83 22.51 -35.78
CA ARG B 79 40.47 22.88 -35.37
C ARG B 79 39.96 22.06 -34.20
N LEU B 80 39.34 22.75 -33.25
CA LEU B 80 38.74 22.12 -32.09
C LEU B 80 37.23 22.36 -32.13
N ASN B 81 36.47 21.29 -32.02
CA ASN B 81 35.03 21.36 -32.13
C ASN B 81 34.33 20.87 -30.88
N MET B 82 33.47 21.72 -30.33
CA MET B 82 32.71 21.35 -29.16
C MET B 82 31.36 20.78 -29.52
N TYR B 83 31.01 19.69 -28.86
CA TYR B 83 29.72 19.05 -29.06
C TYR B 83 28.97 18.94 -27.74
N ALA B 84 27.66 19.05 -27.79
CA ALA B 84 26.83 18.89 -26.60
C ALA B 84 25.41 18.48 -26.95
N ILE B 85 24.71 17.91 -25.97
CA ILE B 85 23.31 17.50 -26.19
C ILE B 85 22.32 18.48 -25.59
N SER B 86 21.41 18.96 -26.43
CA SER B 86 20.43 19.96 -26.06
C SER B 86 19.13 19.73 -26.79
N SER B 87 18.05 20.36 -26.31
CA SER B 87 16.79 20.27 -27.00
C SER B 87 16.75 21.17 -28.23
N VAL B 88 15.94 20.77 -29.20
CA VAL B 88 15.65 21.59 -30.36
C VAL B 88 14.70 22.71 -29.96
N PRO B 89 15.03 23.97 -30.25
CA PRO B 89 14.28 25.14 -29.83
C PRO B 89 12.81 24.99 -30.18
N GLY B 90 11.96 25.29 -29.20
CA GLY B 90 10.51 25.21 -29.35
C GLY B 90 9.94 23.86 -28.91
N THR B 91 10.82 22.87 -28.75
CA THR B 91 10.40 21.53 -28.35
C THR B 91 11.35 20.89 -27.34
N ASN B 92 11.01 19.69 -26.89
CA ASN B 92 11.82 18.94 -25.93
C ASN B 92 12.58 17.78 -26.59
N THR B 93 12.59 17.75 -27.92
CA THR B 93 13.29 16.73 -28.67
C THR B 93 14.78 16.94 -28.58
N GLN B 94 15.52 15.87 -28.29
CA GLN B 94 16.97 15.99 -28.11
C GLN B 94 17.73 15.75 -29.39
N SER B 95 18.83 16.47 -29.54
CA SER B 95 19.73 16.29 -30.67
C SER B 95 21.14 16.74 -30.32
N ILE B 96 22.09 16.39 -31.17
CA ILE B 96 23.47 16.79 -30.96
C ILE B 96 23.77 18.11 -31.65
N PHE B 97 24.33 19.04 -30.89
CA PHE B 97 24.67 20.38 -31.34
C PHE B 97 26.18 20.58 -31.27
N SER B 98 26.71 21.47 -32.11
CA SER B 98 28.14 21.74 -32.05
C SER B 98 28.52 23.16 -32.44
N VAL B 99 29.70 23.59 -31.99
CA VAL B 99 30.28 24.86 -32.41
C VAL B 99 31.77 24.71 -32.66
N THR B 100 32.29 25.42 -33.65
CA THR B 100 33.73 25.44 -33.89
C THR B 100 34.38 26.48 -32.99
N ILE B 101 35.43 26.07 -32.29
CA ILE B 101 36.16 27.00 -31.45
C ILE B 101 37.24 27.70 -32.28
N PRO B 102 37.21 29.03 -32.34
CA PRO B 102 38.09 29.86 -33.12
C PRO B 102 39.44 30.00 -32.43
N LEU B 103 40.23 28.93 -32.51
CA LEU B 103 41.43 28.82 -31.69
C LEU B 103 42.41 29.95 -31.95
N GLU B 104 42.49 30.42 -33.18
CA GLU B 104 43.43 31.50 -33.49
C GLU B 104 43.11 32.75 -32.69
N LEU B 105 41.83 32.92 -32.38
CA LEU B 105 41.31 34.06 -31.65
C LEU B 105 41.29 33.80 -30.14
N VAL B 106 40.99 32.57 -29.76
CA VAL B 106 40.91 32.20 -28.36
C VAL B 106 42.30 32.26 -27.72
N GLU B 107 43.31 31.94 -28.50
CA GLU B 107 44.71 31.96 -28.08
C GLU B 107 45.17 33.38 -27.72
N LYS B 108 44.45 34.38 -28.22
CA LYS B 108 44.85 35.77 -28.01
C LYS B 108 44.23 36.33 -26.74
N ALA B 109 43.30 35.59 -26.15
CA ALA B 109 42.63 36.06 -24.95
C ALA B 109 43.44 35.69 -23.72
N GLN B 110 44.66 36.20 -23.63
CA GLN B 110 45.58 35.82 -22.55
C GLN B 110 45.44 36.71 -21.32
N VAL B 111 44.55 37.69 -21.43
CA VAL B 111 44.26 38.64 -20.36
C VAL B 111 42.78 38.64 -20.10
N ALA B 112 42.35 39.32 -19.03
CA ALA B 112 40.94 39.37 -18.69
C ALA B 112 40.22 40.39 -19.58
N ASP B 113 40.12 40.02 -20.85
CA ASP B 113 39.52 40.80 -21.91
C ASP B 113 38.03 40.50 -22.01
N ARG B 114 37.35 41.14 -22.93
CA ARG B 114 35.96 40.80 -23.19
C ARG B 114 35.93 39.36 -23.63
N LYS B 115 34.99 38.59 -23.10
CA LYS B 115 34.92 37.18 -23.41
C LYS B 115 34.07 36.94 -24.63
N PHE B 116 34.44 35.92 -25.38
CA PHE B 116 33.76 35.61 -26.62
C PHE B 116 32.60 34.68 -26.38
N GLU B 117 31.54 34.83 -27.13
CA GLU B 117 30.48 33.85 -27.07
C GLU B 117 30.53 32.91 -28.25
N LEU B 118 30.31 31.64 -27.96
CA LEU B 118 30.21 30.63 -28.99
C LEU B 118 28.79 30.10 -28.99
N LYS B 119 28.16 30.11 -30.15
CA LYS B 119 26.80 29.61 -30.24
C LYS B 119 26.74 28.23 -30.85
N LEU B 120 26.16 27.32 -30.10
CA LEU B 120 26.03 25.92 -30.48
C LEU B 120 24.86 25.78 -31.45
N LYS B 121 25.02 24.96 -32.47
CA LYS B 121 23.96 24.74 -33.46
C LYS B 121 23.67 23.27 -33.67
N SER B 122 22.41 22.94 -33.94
CA SER B 122 22.04 21.55 -34.13
C SER B 122 22.65 21.01 -35.42
N GLY B 123 22.93 19.69 -35.44
CA GLY B 123 23.45 19.00 -36.62
C GLY B 123 24.97 18.99 -36.63
N SER B 253 24.52 3.97 -23.67
CA SER B 253 24.14 2.57 -23.76
C SER B 253 24.75 1.84 -24.97
N ALA B 254 25.54 2.56 -25.78
CA ALA B 254 26.21 2.02 -26.96
C ALA B 254 27.56 2.68 -27.16
N LYS B 255 28.50 1.90 -27.69
CA LYS B 255 29.84 2.41 -27.95
C LYS B 255 30.39 1.95 -29.28
N VAL B 256 31.25 2.77 -29.87
CA VAL B 256 32.01 2.37 -31.04
C VAL B 256 33.42 2.06 -30.63
N CYS B 257 33.93 0.90 -31.03
CA CYS B 257 35.25 0.48 -30.60
C CYS B 257 36.31 1.44 -31.13
N PRO B 258 37.14 2.03 -30.28
CA PRO B 258 38.21 2.95 -30.65
C PRO B 258 39.14 2.33 -31.67
N ALA B 259 39.33 1.02 -31.59
CA ALA B 259 40.22 0.30 -32.49
C ALA B 259 39.63 0.11 -33.88
N ASP B 260 38.29 0.16 -33.97
CA ASP B 260 37.63 -0.17 -35.22
C ASP B 260 36.27 0.52 -35.34
N SER B 261 36.19 1.50 -36.24
CA SER B 261 35.00 2.33 -36.39
C SER B 261 33.79 1.57 -36.94
N SER B 262 34.02 0.39 -37.50
CA SER B 262 32.92 -0.40 -38.08
C SER B 262 32.22 -1.25 -37.02
N LEU B 263 32.81 -1.32 -35.83
CA LEU B 263 32.29 -2.17 -34.77
C LEU B 263 31.56 -1.36 -33.72
N LEU B 264 30.38 -1.85 -33.35
CA LEU B 264 29.59 -1.26 -32.30
C LEU B 264 29.22 -2.30 -31.27
N ALA B 265 29.06 -1.88 -30.03
CA ALA B 265 28.56 -2.78 -29.00
C ALA B 265 27.61 -2.03 -28.09
N TYR B 266 26.58 -2.72 -27.66
CA TYR B 266 25.56 -2.08 -26.85
C TYR B 266 24.76 -3.07 -26.03
N VAL B 267 24.05 -2.55 -25.05
CA VAL B 267 23.16 -3.39 -24.29
C VAL B 267 21.71 -3.15 -24.66
N LEU B 268 21.07 -4.20 -25.12
CA LEU B 268 19.68 -4.13 -25.54
C LEU B 268 18.88 -5.14 -24.76
N ASN B 269 17.85 -4.68 -24.06
CA ASN B 269 17.04 -5.55 -23.24
C ASN B 269 17.90 -6.33 -22.25
N LYS B 270 18.90 -5.65 -21.69
CA LYS B 270 19.81 -6.21 -20.70
C LYS B 270 20.63 -7.41 -21.18
N GLN B 271 20.93 -7.44 -22.48
CA GLN B 271 21.86 -8.41 -23.04
C GLN B 271 22.86 -7.71 -23.95
N VAL B 272 24.04 -8.28 -24.10
CA VAL B 272 25.11 -7.63 -24.85
C VAL B 272 25.11 -8.01 -26.32
N TYR B 273 25.14 -7.01 -27.17
CA TYR B 273 25.16 -7.24 -28.62
C TYR B 273 26.36 -6.61 -29.26
N ILE B 274 26.92 -7.30 -30.24
CA ILE B 274 28.00 -6.77 -31.06
C ILE B 274 27.58 -6.73 -32.52
N GLU B 275 27.74 -5.56 -33.11
CA GLU B 275 27.25 -5.27 -34.44
C GLU B 275 28.34 -4.76 -35.38
N LYS B 276 28.34 -5.26 -36.61
CA LYS B 276 29.23 -4.76 -37.64
C LYS B 276 28.48 -4.19 -38.81
N ASN B 277 28.69 -2.92 -39.08
CA ASN B 277 28.07 -2.28 -40.23
C ASN B 277 26.56 -2.52 -40.24
N GLY B 278 25.93 -2.46 -39.07
CA GLY B 278 24.48 -2.60 -38.95
C GLY B 278 24.00 -4.05 -38.72
N LYS B 279 24.89 -5.02 -38.81
CA LYS B 279 24.50 -6.41 -38.62
C LYS B 279 24.96 -6.98 -37.29
N ILE B 280 24.11 -7.73 -36.62
CA ILE B 280 24.52 -8.36 -35.37
C ILE B 280 25.32 -9.62 -35.68
N ILE B 281 26.53 -9.70 -35.12
CA ILE B 281 27.36 -10.86 -35.34
C ILE B 281 27.46 -11.72 -34.09
N HIS B 282 27.18 -11.12 -32.94
CA HIS B 282 27.20 -11.84 -31.68
C HIS B 282 26.22 -11.25 -30.69
N ARG B 283 25.58 -12.11 -29.92
CA ARG B 283 24.77 -11.65 -28.80
C ARG B 283 24.88 -12.60 -27.65
N THR B 284 24.70 -12.08 -26.44
CA THR B 284 24.56 -12.93 -25.28
C THR B 284 23.10 -13.30 -25.13
N SER B 285 22.84 -14.38 -24.39
CA SER B 285 21.47 -14.78 -24.13
C SER B 285 21.32 -15.32 -22.73
N SER B 286 20.11 -15.27 -22.20
CA SER B 286 19.81 -15.87 -20.92
C SER B 286 18.47 -16.57 -20.96
N ASN B 287 18.29 -17.56 -20.09
CA ASN B 287 17.04 -18.30 -19.99
C ASN B 287 16.11 -17.72 -18.94
N SER B 288 16.51 -16.60 -18.36
CA SER B 288 15.74 -15.96 -17.30
C SER B 288 15.96 -14.47 -17.27
N LYS B 289 14.96 -13.75 -16.80
CA LYS B 289 15.05 -12.30 -16.65
C LYS B 289 15.97 -11.92 -15.51
N HIS B 290 16.28 -12.89 -14.66
CA HIS B 290 17.11 -12.68 -13.49
C HIS B 290 18.58 -12.96 -13.79
N ILE B 291 18.87 -13.34 -15.02
CA ILE B 291 20.26 -13.48 -15.42
C ILE B 291 20.53 -12.44 -16.49
N THR B 292 21.47 -11.57 -16.19
CA THR B 292 21.69 -10.36 -16.98
C THR B 292 23.11 -10.21 -17.43
N ASN B 293 23.31 -9.59 -18.58
CA ASN B 293 24.65 -9.36 -19.09
C ASN B 293 24.79 -7.96 -19.70
N GLY B 294 25.83 -7.24 -19.25
CA GLY B 294 26.13 -5.90 -19.76
C GLY B 294 25.57 -4.79 -18.89
N VAL B 295 24.72 -5.16 -17.94
CA VAL B 295 24.14 -4.19 -17.03
C VAL B 295 24.59 -4.51 -15.63
N PRO B 296 25.16 -3.56 -14.90
CA PRO B 296 25.61 -3.72 -13.53
C PRO B 296 24.49 -4.17 -12.64
N SER B 297 24.82 -4.99 -11.67
CA SER B 297 23.83 -5.46 -10.72
C SER B 297 23.17 -4.26 -10.04
N TYR B 298 21.91 -4.41 -9.68
CA TYR B 298 21.15 -3.30 -9.11
C TYR B 298 21.87 -2.61 -7.98
N ILE B 299 22.42 -3.37 -7.06
CA ILE B 299 23.06 -2.77 -5.90
C ILE B 299 24.32 -2.04 -6.31
N VAL B 300 24.99 -2.55 -7.33
CA VAL B 300 26.21 -1.96 -7.80
C VAL B 300 25.92 -0.64 -8.51
N GLN B 301 24.86 -0.63 -9.30
CA GLN B 301 24.47 0.58 -10.01
C GLN B 301 23.90 1.62 -9.07
N GLU B 302 23.16 1.15 -8.08
CA GLU B 302 22.47 2.02 -7.15
C GLU B 302 23.37 2.63 -6.08
N GLU B 303 24.24 1.81 -5.47
CA GLU B 303 25.04 2.29 -4.36
C GLU B 303 26.52 2.43 -4.67
N LEU B 304 27.04 1.59 -5.55
CA LEU B 304 28.47 1.60 -5.83
C LEU B 304 28.74 2.40 -7.10
N GLU B 305 27.67 2.98 -7.63
CA GLU B 305 27.71 3.91 -8.74
C GLU B 305 28.45 3.47 -9.98
N ARG B 306 28.17 2.27 -10.45
CA ARG B 306 28.68 1.89 -11.76
C ARG B 306 27.53 1.75 -12.72
N PHE B 307 27.58 2.48 -13.81
CA PHE B 307 26.44 2.52 -14.72
C PHE B 307 26.69 1.79 -16.02
N GLU B 308 27.83 1.11 -16.12
CA GLU B 308 28.14 0.40 -17.35
C GLU B 308 28.72 -0.97 -17.10
N GLY B 309 28.37 -1.90 -17.97
CA GLY B 309 28.95 -3.23 -17.97
C GLY B 309 29.69 -3.53 -19.27
N ILE B 310 29.85 -2.54 -20.14
CA ILE B 310 30.48 -2.76 -21.45
C ILE B 310 31.75 -1.97 -21.65
N TRP B 311 32.82 -2.67 -22.00
CA TRP B 311 34.07 -1.98 -22.30
C TRP B 311 34.75 -2.49 -23.56
N TRP B 312 35.35 -1.59 -24.32
CA TRP B 312 36.19 -1.95 -25.46
C TRP B 312 37.66 -1.79 -25.17
N SER B 313 38.49 -2.64 -25.76
CA SER B 313 39.92 -2.36 -25.81
C SER B 313 40.19 -1.25 -26.82
N GLU B 314 41.18 -0.43 -26.52
CA GLU B 314 41.56 0.68 -27.39
C GLU B 314 42.31 0.26 -28.65
N SER B 315 43.12 -0.78 -28.52
CA SER B 315 44.01 -1.20 -29.58
C SER B 315 43.47 -2.30 -30.46
N LYS B 316 42.48 -3.05 -29.96
CA LYS B 316 42.10 -4.28 -30.61
C LYS B 316 40.61 -4.59 -30.51
N THR B 317 40.13 -5.45 -31.40
CA THR B 317 38.72 -5.79 -31.46
C THR B 317 38.30 -6.83 -30.43
N ARG B 318 38.39 -6.43 -29.16
CA ARG B 318 38.02 -7.29 -28.04
C ARG B 318 37.16 -6.53 -27.02
N LEU B 319 36.14 -7.19 -26.51
CA LEU B 319 35.18 -6.58 -25.61
C LEU B 319 35.05 -7.30 -24.28
N LEU B 320 34.92 -6.53 -23.20
CA LEU B 320 34.72 -7.06 -21.86
C LEU B 320 33.33 -6.71 -21.35
N TYR B 321 32.67 -7.64 -20.66
CA TYR B 321 31.39 -7.29 -20.05
C TYR B 321 31.05 -8.05 -18.78
N GLU B 322 30.11 -7.48 -18.02
CA GLU B 322 29.63 -8.05 -16.75
C GLU B 322 28.51 -9.10 -16.88
N HIS B 323 28.62 -10.14 -16.05
CA HIS B 323 27.60 -11.19 -15.84
C HIS B 323 26.95 -11.07 -14.47
N VAL B 324 25.60 -11.05 -14.45
CA VAL B 324 24.85 -10.87 -13.20
C VAL B 324 23.83 -11.99 -12.95
N ASN B 325 23.86 -12.54 -11.73
CA ASN B 325 22.91 -13.58 -11.32
C ASN B 325 22.08 -13.19 -10.09
N GLU B 326 20.79 -12.89 -10.30
CA GLU B 326 19.90 -12.39 -9.26
C GLU B 326 18.99 -13.46 -8.64
N GLU B 327 19.22 -14.71 -8.97
CA GLU B 327 18.26 -15.75 -8.62
C GLU B 327 18.01 -15.93 -7.12
N LYS B 328 19.00 -15.60 -6.28
CA LYS B 328 18.82 -15.76 -4.84
C LYS B 328 18.52 -14.44 -4.14
N VAL B 329 18.33 -13.39 -4.92
CA VAL B 329 18.05 -12.09 -4.37
C VAL B 329 16.58 -12.02 -3.94
N ALA B 330 16.35 -11.49 -2.74
CA ALA B 330 15.00 -11.42 -2.18
C ALA B 330 14.09 -10.55 -3.03
N GLU B 331 12.83 -10.94 -3.09
CA GLU B 331 11.82 -10.21 -3.85
C GLU B 331 11.21 -9.05 -3.08
N SER B 332 10.77 -8.05 -3.83
CA SER B 332 9.97 -6.96 -3.31
C SER B 332 8.78 -6.68 -4.22
N GLN B 333 7.59 -6.76 -3.67
CA GLN B 333 6.40 -6.52 -4.45
C GLN B 333 6.06 -5.04 -4.49
N PHE B 334 5.70 -4.55 -5.66
CA PHE B 334 5.17 -3.19 -5.77
C PHE B 334 3.84 -3.20 -6.47
N GLY B 335 3.01 -2.22 -6.14
CA GLY B 335 1.70 -2.10 -6.75
C GLY B 335 0.66 -1.64 -5.74
N VAL B 336 -0.59 -1.71 -6.13
CA VAL B 336 -1.67 -1.25 -5.28
C VAL B 336 -2.53 -2.42 -4.85
N ASN B 337 -2.77 -2.54 -3.55
CA ASN B 337 -3.53 -3.70 -3.09
C ASN B 337 -4.92 -3.75 -3.69
N GLY B 338 -5.26 -4.92 -4.18
CA GLY B 338 -6.52 -5.17 -4.85
C GLY B 338 -6.37 -5.22 -6.36
N ASP B 339 -5.25 -4.72 -6.86
CA ASP B 339 -4.96 -4.74 -8.29
C ASP B 339 -4.18 -6.00 -8.62
N PRO B 340 -4.14 -6.41 -9.90
CA PRO B 340 -3.40 -7.55 -10.39
C PRO B 340 -1.93 -7.42 -10.02
N PRO B 341 -1.25 -8.53 -9.72
CA PRO B 341 0.17 -8.63 -9.45
C PRO B 341 0.99 -8.25 -10.66
N VAL B 342 2.15 -7.69 -10.41
CA VAL B 342 3.12 -7.38 -11.45
C VAL B 342 4.45 -8.00 -11.08
N ALA B 343 5.35 -8.12 -12.04
CA ALA B 343 6.62 -8.77 -11.77
C ALA B 343 7.29 -8.15 -10.54
N PRO B 344 7.75 -8.97 -9.59
CA PRO B 344 8.47 -8.59 -8.40
C PRO B 344 9.81 -7.97 -8.74
N MET B 345 10.22 -7.04 -7.90
CA MET B 345 11.52 -6.41 -7.98
C MET B 345 12.53 -7.26 -7.22
N LYS B 346 13.74 -7.37 -7.74
CA LYS B 346 14.79 -8.02 -6.97
C LYS B 346 15.57 -7.01 -6.18
N TYR B 347 15.50 -7.13 -4.86
CA TYR B 347 16.08 -6.15 -3.95
C TYR B 347 16.77 -6.81 -2.77
N PRO B 348 18.09 -6.71 -2.68
CA PRO B 348 18.88 -7.18 -1.57
C PRO B 348 18.53 -6.37 -0.34
N ARG B 349 18.59 -6.99 0.81
CA ARG B 349 18.38 -6.32 2.09
C ARG B 349 19.55 -6.59 3.02
N ALA B 350 19.72 -5.74 4.01
CA ALA B 350 20.79 -5.97 4.95
C ALA B 350 20.65 -7.37 5.55
N GLY B 351 21.75 -8.11 5.58
CA GLY B 351 21.79 -9.46 6.13
C GLY B 351 21.34 -10.53 5.13
N THR B 352 21.01 -10.12 3.92
CA THR B 352 20.51 -11.02 2.87
C THR B 352 21.53 -11.18 1.75
N LYS B 353 21.35 -12.22 0.92
CA LYS B 353 22.24 -12.48 -0.20
C LYS B 353 22.06 -11.49 -1.34
N ASN B 354 23.17 -11.16 -1.98
CA ASN B 354 23.16 -10.27 -3.13
C ASN B 354 23.28 -11.04 -4.43
N ALA B 355 23.27 -10.33 -5.54
CA ALA B 355 23.48 -10.96 -6.84
C ALA B 355 24.91 -11.40 -6.98
N TYR B 356 25.13 -12.48 -7.70
CA TYR B 356 26.46 -12.97 -7.98
C TYR B 356 27.00 -12.35 -9.28
N SER B 357 28.27 -11.94 -9.26
CA SER B 357 28.84 -11.31 -10.45
C SER B 357 30.15 -11.94 -10.91
N THR B 358 30.34 -11.96 -12.23
CA THR B 358 31.59 -12.40 -12.86
C THR B 358 31.78 -11.65 -14.18
N LEU B 359 33.00 -11.53 -14.66
CA LEU B 359 33.22 -10.92 -15.97
C LEU B 359 33.39 -11.95 -17.08
N ARG B 360 33.06 -11.54 -18.30
CA ARG B 360 33.24 -12.35 -19.49
C ARG B 360 33.83 -11.52 -20.62
N MET B 361 34.43 -12.18 -21.60
CA MET B 361 34.92 -11.49 -22.81
C MET B 361 34.33 -12.00 -24.10
N VAL B 362 34.21 -11.10 -25.07
CA VAL B 362 33.95 -11.51 -26.43
C VAL B 362 35.14 -11.12 -27.31
N ILE B 363 35.74 -12.10 -27.94
CA ILE B 363 36.89 -11.87 -28.79
C ILE B 363 36.46 -11.93 -30.24
N LEU B 364 36.74 -10.87 -30.99
CA LEU B 364 36.33 -10.83 -32.38
C LEU B 364 37.50 -10.98 -33.33
N GLU B 365 37.58 -12.12 -34.00
CA GLU B 365 38.67 -12.39 -34.93
C GLU B 365 38.15 -12.46 -36.35
N ASN B 366 38.32 -11.39 -37.10
CA ASN B 366 37.85 -11.35 -38.48
C ASN B 366 36.36 -11.66 -38.59
N GLY B 367 35.57 -11.17 -37.64
CA GLY B 367 34.13 -11.39 -37.64
C GLY B 367 33.71 -12.66 -36.90
N LYS B 368 34.69 -13.44 -36.46
CA LYS B 368 34.41 -14.66 -35.72
C LYS B 368 34.41 -14.41 -34.22
N ALA B 369 33.24 -14.40 -33.62
CA ALA B 369 33.15 -14.10 -32.19
C ALA B 369 33.37 -15.34 -31.34
N TYR B 370 34.09 -15.15 -30.24
CA TYR B 370 34.21 -16.18 -29.21
C TYR B 370 33.73 -15.59 -27.91
N ASP B 371 32.99 -16.36 -27.12
CA ASP B 371 32.48 -15.85 -25.87
C ASP B 371 33.05 -16.63 -24.69
N VAL B 372 33.99 -16.00 -24.00
CA VAL B 372 34.80 -16.69 -23.01
C VAL B 372 34.66 -16.13 -21.59
N PRO B 373 34.22 -16.93 -20.62
CA PRO B 373 34.06 -16.57 -19.23
C PRO B 373 35.40 -16.45 -18.55
N LEU B 374 35.46 -15.67 -17.49
CA LEU B 374 36.63 -15.66 -16.62
C LEU B 374 36.62 -16.92 -15.77
N LYS B 375 37.80 -17.48 -15.51
CA LYS B 375 37.87 -18.63 -14.63
C LYS B 375 37.35 -18.19 -13.27
N ASP B 376 36.52 -19.02 -12.66
CA ASP B 376 35.71 -18.63 -11.51
C ASP B 376 36.49 -18.19 -10.27
N GLU B 377 37.65 -18.79 -10.05
CA GLU B 377 38.41 -18.49 -8.85
C GLU B 377 39.47 -17.42 -9.05
N VAL B 378 39.50 -16.81 -10.23
CA VAL B 378 40.53 -15.83 -10.52
C VAL B 378 40.47 -14.66 -9.55
N ILE B 379 39.28 -14.21 -9.22
CA ILE B 379 39.17 -13.11 -8.29
C ILE B 379 39.20 -13.64 -6.86
N TYR B 380 38.40 -14.65 -6.60
CA TYR B 380 38.23 -15.17 -5.26
C TYR B 380 39.54 -15.63 -4.64
N LYS B 381 40.37 -16.28 -5.43
CA LYS B 381 41.62 -16.83 -4.93
C LYS B 381 42.55 -15.75 -4.38
N HIS B 382 42.50 -14.58 -5.00
CA HIS B 382 43.36 -13.48 -4.59
C HIS B 382 42.60 -12.54 -3.67
N CYS B 383 41.30 -12.72 -3.61
CA CYS B 383 40.41 -11.85 -2.86
C CYS B 383 39.39 -12.66 -2.05
N PRO B 384 39.80 -13.24 -0.91
CA PRO B 384 39.07 -14.20 -0.09
C PRO B 384 37.79 -13.60 0.49
N PHE B 385 37.73 -12.27 0.51
CA PHE B 385 36.61 -11.54 1.08
C PHE B 385 35.70 -10.99 0.01
N TYR B 386 35.93 -11.36 -1.23
CA TYR B 386 35.23 -10.79 -2.37
C TYR B 386 33.73 -10.90 -2.29
N GLU B 387 33.06 -9.76 -2.46
CA GLU B 387 31.62 -9.69 -2.57
C GLU B 387 31.21 -8.98 -3.85
N TYR B 388 31.85 -7.84 -4.11
CA TYR B 388 31.44 -7.01 -5.23
C TYR B 388 32.58 -6.78 -6.20
N ILE B 389 32.22 -6.63 -7.46
CA ILE B 389 33.09 -5.98 -8.41
C ILE B 389 32.63 -4.54 -8.42
N THR B 390 33.52 -3.62 -8.10
CA THR B 390 33.09 -2.24 -8.01
C THR B 390 33.52 -1.48 -9.24
N ARG B 391 34.65 -1.86 -9.81
CA ARG B 391 35.11 -1.24 -11.04
C ARG B 391 35.80 -2.26 -11.93
N ALA B 392 35.80 -2.02 -13.23
CA ALA B 392 36.50 -2.89 -14.15
C ALA B 392 36.84 -2.17 -15.43
N GLY B 393 37.84 -2.67 -16.14
CA GLY B 393 38.15 -2.16 -17.46
C GLY B 393 39.43 -2.76 -18.02
N PHE B 394 39.76 -2.36 -19.24
CA PHE B 394 40.98 -2.83 -19.88
C PHE B 394 42.19 -2.08 -19.39
N PHE B 395 43.32 -2.77 -19.41
CA PHE B 395 44.61 -2.19 -19.15
C PHE B 395 45.15 -1.65 -20.46
N SER B 396 46.33 -1.06 -20.43
CA SER B 396 46.86 -0.47 -21.65
C SER B 396 47.10 -1.54 -22.70
N ASP B 397 46.94 -1.14 -23.95
CA ASP B 397 47.14 -1.97 -25.13
C ASP B 397 46.14 -3.12 -25.24
N GLY B 398 45.13 -3.14 -24.36
CA GLY B 398 44.01 -4.06 -24.51
C GLY B 398 44.40 -5.49 -24.20
N THR B 399 45.53 -5.69 -23.54
CA THR B 399 46.03 -7.05 -23.36
C THR B 399 45.58 -7.69 -22.07
N THR B 400 45.21 -6.85 -21.12
CA THR B 400 44.92 -7.30 -19.77
C THR B 400 43.67 -6.63 -19.25
N VAL B 401 42.99 -7.27 -18.31
CA VAL B 401 41.81 -6.72 -17.67
C VAL B 401 42.01 -6.54 -16.18
N TRP B 402 41.69 -5.37 -15.66
CA TRP B 402 41.80 -5.17 -14.22
C TRP B 402 40.42 -5.01 -13.62
N VAL B 403 40.29 -5.43 -12.37
CA VAL B 403 39.08 -5.16 -11.64
C VAL B 403 39.41 -4.62 -10.26
N GLN B 404 38.47 -3.86 -9.72
CA GLN B 404 38.54 -3.43 -8.33
C GLN B 404 37.43 -4.11 -7.59
N VAL B 405 37.76 -4.78 -6.50
CA VAL B 405 36.78 -5.53 -5.77
C VAL B 405 36.77 -5.18 -4.30
N MET B 406 35.64 -5.45 -3.65
CA MET B 406 35.49 -5.15 -2.23
C MET B 406 34.83 -6.22 -1.41
N SER B 407 35.09 -6.16 -0.13
CA SER B 407 34.45 -6.98 0.88
C SER B 407 33.02 -6.54 1.08
N ARG B 408 32.23 -7.38 1.72
CA ARG B 408 30.82 -7.12 1.87
C ARG B 408 30.52 -5.83 2.63
N ASP B 409 31.31 -5.54 3.65
CA ASP B 409 31.11 -4.34 4.44
C ASP B 409 31.94 -3.20 3.89
N GLN B 410 32.60 -3.46 2.79
CA GLN B 410 33.42 -2.48 2.10
C GLN B 410 34.52 -1.91 2.97
N ALA B 411 34.98 -2.68 3.95
CA ALA B 411 36.12 -2.28 4.76
C ALA B 411 37.43 -2.62 4.06
N GLN B 412 37.36 -3.52 3.10
CA GLN B 412 38.56 -3.94 2.39
C GLN B 412 38.37 -3.74 0.90
N CYS B 413 39.44 -3.35 0.24
CA CYS B 413 39.39 -3.16 -1.20
C CYS B 413 40.69 -3.59 -1.85
N SER B 414 40.58 -4.24 -2.99
CA SER B 414 41.76 -4.65 -3.73
C SER B 414 41.63 -4.37 -5.21
N LEU B 415 42.74 -4.01 -5.81
CA LEU B 415 42.82 -3.88 -7.25
C LEU B 415 43.66 -5.03 -7.77
N LEU B 416 43.12 -5.79 -8.71
CA LEU B 416 43.85 -6.91 -9.25
C LEU B 416 43.85 -6.91 -10.76
N LEU B 417 45.00 -7.25 -11.30
CA LEU B 417 45.24 -7.22 -12.73
C LEU B 417 45.23 -8.63 -13.29
N ILE B 418 44.31 -8.88 -14.22
CA ILE B 418 44.04 -10.21 -14.77
C ILE B 418 44.44 -10.35 -16.25
N PRO B 419 45.41 -11.21 -16.58
CA PRO B 419 45.90 -11.48 -17.92
C PRO B 419 44.92 -12.32 -18.71
N TYR B 420 45.14 -12.37 -20.02
CA TYR B 420 44.28 -13.11 -20.93
C TYR B 420 44.22 -14.60 -20.64
N THR B 421 45.30 -15.15 -20.10
CA THR B 421 45.40 -16.58 -19.87
C THR B 421 44.56 -17.07 -18.70
N ASP B 422 44.02 -16.14 -17.91
CA ASP B 422 43.20 -16.51 -16.77
C ASP B 422 41.71 -16.54 -17.12
N PHE B 423 41.43 -16.34 -18.40
CA PHE B 423 40.10 -16.58 -18.92
C PHE B 423 39.98 -18.02 -19.37
N LEU B 424 38.78 -18.57 -19.33
CA LEU B 424 38.59 -19.97 -19.69
C LEU B 424 38.48 -20.11 -21.20
N LEU B 425 39.60 -19.86 -21.86
CA LEU B 425 39.69 -19.89 -23.30
C LEU B 425 39.59 -21.32 -23.78
N PRO B 426 39.06 -21.54 -24.98
CA PRO B 426 39.08 -22.79 -25.69
C PRO B 426 40.52 -23.03 -26.08
N GLU B 427 40.93 -24.29 -26.23
CA GLU B 427 42.34 -24.58 -26.50
C GLU B 427 42.83 -23.93 -27.79
N GLU B 428 41.92 -23.72 -28.74
CA GLU B 428 42.27 -23.10 -30.01
C GLU B 428 42.76 -21.66 -29.84
N LEU B 429 42.37 -21.01 -28.75
CA LEU B 429 42.83 -19.66 -28.44
C LEU B 429 43.96 -19.62 -27.39
N GLY B 430 44.43 -20.80 -26.96
CA GLY B 430 45.44 -20.93 -25.92
C GLY B 430 45.48 -22.36 -25.41
N PRO B 461 67.02 -5.70 -8.59
CA PRO B 461 66.31 -6.83 -7.99
C PRO B 461 65.75 -7.75 -9.08
N PRO B 462 65.46 -9.04 -8.78
CA PRO B 462 64.92 -10.05 -9.68
C PRO B 462 63.41 -9.89 -9.86
N ARG B 463 63.01 -8.74 -10.37
CA ARG B 463 61.60 -8.44 -10.60
C ARG B 463 61.08 -9.06 -11.88
N GLY B 464 59.78 -9.37 -11.90
CA GLY B 464 59.18 -10.09 -13.02
C GLY B 464 58.12 -9.31 -13.81
N LYS B 465 57.24 -10.08 -14.44
CA LYS B 465 56.16 -9.61 -15.30
C LYS B 465 54.83 -10.18 -14.85
N LEU B 466 53.77 -9.85 -15.57
CA LEU B 466 52.45 -10.32 -15.18
C LEU B 466 52.28 -11.78 -15.52
N ARG B 467 52.79 -12.62 -14.62
CA ARG B 467 52.82 -14.06 -14.76
C ARG B 467 51.40 -14.64 -14.73
N GLY B 468 50.54 -13.99 -13.96
CA GLY B 468 49.15 -14.43 -13.79
C GLY B 468 48.40 -13.37 -12.99
N THR B 469 47.13 -13.62 -12.73
CA THR B 469 46.36 -12.64 -11.96
C THR B 469 47.00 -12.38 -10.61
N VAL B 470 47.14 -11.10 -10.29
CA VAL B 470 47.74 -10.68 -9.02
C VAL B 470 47.13 -9.38 -8.52
N GLN B 471 47.05 -9.23 -7.20
CA GLN B 471 46.70 -7.92 -6.64
C GLN B 471 47.85 -6.95 -6.88
N ILE B 472 47.52 -5.76 -7.34
CA ILE B 472 48.53 -4.74 -7.52
C ILE B 472 48.36 -3.61 -6.51
N HIS B 473 47.23 -3.64 -5.80
CA HIS B 473 47.02 -2.77 -4.64
C HIS B 473 46.04 -3.36 -3.66
N LYS B 474 46.31 -3.17 -2.37
CA LYS B 474 45.34 -3.51 -1.34
C LYS B 474 45.19 -2.38 -0.33
N ALA B 475 43.97 -2.18 0.12
CA ALA B 475 43.68 -1.19 1.15
C ALA B 475 42.71 -1.73 2.16
N ARG B 476 42.88 -1.31 3.40
CA ARG B 476 41.96 -1.68 4.45
C ARG B 476 41.66 -0.51 5.33
N ASN B 477 40.42 -0.40 5.77
CA ASN B 477 40.06 0.64 6.70
C ASN B 477 39.50 0.02 7.97
N ASP B 478 39.18 0.86 8.93
CA ASP B 478 38.56 0.40 10.16
C ASP B 478 37.06 0.57 10.08
N TYR B 479 36.63 1.34 9.10
CA TYR B 479 35.24 1.71 8.98
C TYR B 479 34.73 1.34 7.60
N TRP B 480 35.23 2.03 6.59
CA TRP B 480 34.88 1.69 5.22
C TRP B 480 35.79 2.37 4.21
N ILE B 481 35.81 1.82 3.01
CA ILE B 481 36.44 2.45 1.86
C ILE B 481 35.37 2.84 0.86
N ASN B 482 35.40 4.08 0.43
CA ASN B 482 34.41 4.57 -0.52
C ASN B 482 34.81 4.24 -1.94
N THR B 483 33.83 4.10 -2.82
CA THR B 483 34.13 3.88 -4.22
C THR B 483 34.40 5.20 -4.91
N HIS B 484 35.05 5.12 -6.05
CA HIS B 484 35.38 6.30 -6.83
C HIS B 484 35.71 5.91 -8.25
N ASN B 485 35.82 6.90 -9.11
CA ASN B 485 36.16 6.64 -10.50
C ASN B 485 37.58 7.04 -10.86
N ALA B 486 38.42 7.30 -9.87
CA ALA B 486 39.78 7.71 -10.15
C ALA B 486 40.69 6.52 -10.31
N ILE B 487 40.39 5.66 -11.27
CA ILE B 487 41.26 4.55 -11.61
C ILE B 487 41.67 4.67 -13.06
N TYR B 488 42.96 4.67 -13.31
CA TYR B 488 43.42 4.76 -14.67
C TYR B 488 44.76 4.08 -14.85
N PRO B 489 44.86 3.05 -15.71
CA PRO B 489 46.08 2.35 -16.00
C PRO B 489 47.01 3.26 -16.76
N LEU B 490 48.28 3.23 -16.44
CA LEU B 490 49.24 4.00 -17.21
C LEU B 490 49.98 3.11 -18.17
N LYS B 491 50.42 3.68 -19.27
CA LYS B 491 51.22 2.97 -20.23
C LYS B 491 52.54 2.61 -19.60
N ILE B 492 53.00 1.38 -19.80
CA ILE B 492 54.30 0.99 -19.25
C ILE B 492 55.42 1.58 -20.09
N THR B 493 56.41 2.17 -19.41
CA THR B 493 57.54 2.78 -20.10
C THR B 493 58.49 1.74 -20.65
N ASP B 494 58.74 0.69 -19.85
CA ASP B 494 59.71 -0.35 -20.21
C ASP B 494 59.02 -1.68 -20.38
N GLU B 495 59.06 -2.23 -21.59
CA GLU B 495 58.42 -3.52 -21.82
C GLU B 495 59.18 -4.64 -21.11
N GLU B 496 60.49 -4.46 -20.95
CA GLU B 496 61.32 -5.42 -20.23
C GLU B 496 61.02 -5.35 -18.74
N HIS B 497 60.69 -4.14 -18.31
CA HIS B 497 60.36 -3.85 -16.92
C HIS B 497 59.04 -3.12 -16.85
N PRO B 498 57.94 -3.82 -17.07
CA PRO B 498 56.61 -3.31 -17.24
C PRO B 498 56.08 -2.91 -15.89
N MET B 499 56.66 -1.85 -15.33
CA MET B 499 56.36 -1.44 -13.99
C MET B 499 54.87 -1.23 -13.90
N TYR B 500 54.27 -1.68 -12.81
CA TYR B 500 52.83 -1.57 -12.72
C TYR B 500 52.53 -0.21 -12.17
N GLU B 501 51.89 0.62 -12.97
CA GLU B 501 51.63 1.98 -12.57
C GLU B 501 50.23 2.40 -12.98
N PHE B 502 49.57 3.11 -12.10
CA PHE B 502 48.24 3.62 -12.37
C PHE B 502 47.87 4.78 -11.48
N ILE B 503 46.89 5.55 -11.90
CA ILE B 503 46.35 6.59 -11.07
C ILE B 503 45.25 5.97 -10.24
N TYR B 504 45.29 6.21 -8.94
CA TYR B 504 44.35 5.59 -8.03
C TYR B 504 44.00 6.55 -6.92
N CYS B 505 43.14 6.13 -6.01
CA CYS B 505 42.79 6.98 -4.89
C CYS B 505 42.96 6.27 -3.56
N LEU B 506 43.62 6.94 -2.64
CA LEU B 506 43.82 6.41 -1.30
C LEU B 506 43.04 7.21 -0.29
N GLU B 507 42.28 6.52 0.55
CA GLU B 507 41.54 7.21 1.59
C GLU B 507 42.48 7.56 2.73
N LYS B 508 42.29 8.73 3.28
CA LYS B 508 43.08 9.20 4.39
C LYS B 508 42.15 9.75 5.45
N PRO B 509 42.60 9.87 6.71
CA PRO B 509 41.87 10.44 7.81
C PRO B 509 41.29 11.77 7.38
N ASN B 510 42.05 12.48 6.58
CA ASN B 510 41.61 13.74 6.00
C ASN B 510 41.72 13.66 4.50
N GLY B 511 40.60 13.84 3.83
CA GLY B 511 40.61 13.86 2.38
C GLY B 511 40.61 12.49 1.71
N SER B 512 40.59 12.53 0.38
CA SER B 512 40.64 11.37 -0.49
C SER B 512 41.61 11.74 -1.60
N CYS B 513 42.75 11.08 -1.67
CA CYS B 513 43.82 11.61 -2.49
C CYS B 513 44.06 10.86 -3.76
N LEU B 514 44.46 11.56 -4.81
CA LEU B 514 45.05 10.86 -5.93
C LEU B 514 46.44 10.45 -5.56
N ALA B 515 46.82 9.31 -6.07
CA ALA B 515 48.15 8.81 -5.85
C ALA B 515 48.62 8.09 -7.10
N LEU B 516 49.92 8.07 -7.30
CA LEU B 516 50.46 7.18 -8.29
C LEU B 516 50.80 5.91 -7.59
N ILE B 517 50.07 4.88 -7.90
CA ILE B 517 50.25 3.63 -7.23
C ILE B 517 51.01 2.75 -8.16
N SER B 518 52.05 2.15 -7.63
CA SER B 518 52.85 1.31 -8.45
C SER B 518 53.31 0.12 -7.66
N ALA B 519 53.66 -0.92 -8.38
CA ALA B 519 54.01 -2.16 -7.72
C ALA B 519 55.07 -2.93 -8.49
N GLU B 520 55.78 -3.76 -7.76
CA GLU B 520 56.71 -4.70 -8.35
C GLU B 520 56.28 -6.11 -8.01
N LEU B 521 56.44 -7.00 -8.96
CA LEU B 521 56.17 -8.41 -8.76
C LEU B 521 57.46 -9.18 -8.65
N ASP B 522 57.38 -10.33 -8.03
CA ASP B 522 58.48 -11.25 -8.04
C ASP B 522 58.53 -11.92 -9.39
N GLN B 523 59.51 -12.77 -9.60
CA GLN B 523 59.61 -13.46 -10.87
C GLN B 523 58.43 -14.41 -11.01
N ASN B 524 57.87 -14.79 -9.86
CA ASN B 524 56.79 -15.75 -9.78
C ASN B 524 55.41 -15.10 -9.80
N GLY B 525 55.37 -13.79 -9.99
CA GLY B 525 54.12 -13.08 -10.24
C GLY B 525 53.43 -12.42 -9.04
N TYR B 526 53.83 -12.74 -7.82
CA TYR B 526 53.21 -12.10 -6.66
C TYR B 526 53.90 -10.81 -6.28
N CYS B 527 53.15 -9.86 -5.71
CA CYS B 527 53.74 -8.58 -5.34
C CYS B 527 54.74 -8.64 -4.22
N ARG B 528 55.87 -8.01 -4.49
CA ARG B 528 56.90 -7.79 -3.49
C ARG B 528 56.77 -6.43 -2.82
N HIS B 529 56.20 -5.45 -3.55
CA HIS B 529 56.14 -4.10 -3.01
C HIS B 529 55.10 -3.20 -3.68
N THR B 530 54.53 -2.28 -2.90
CA THR B 530 53.72 -1.19 -3.44
C THR B 530 54.21 0.15 -2.89
N GLU B 531 54.11 1.22 -3.69
CA GLU B 531 54.72 2.50 -3.30
C GLU B 531 53.81 3.58 -2.70
N GLU B 532 52.56 3.65 -3.14
CA GLU B 532 51.63 4.66 -2.62
C GLU B 532 52.11 6.11 -2.67
N LYS B 533 52.41 6.64 -3.85
CA LYS B 533 52.90 8.01 -3.98
C LYS B 533 51.78 9.03 -4.08
N LEU B 534 51.65 9.89 -3.08
CA LEU B 534 50.56 10.87 -3.09
C LEU B 534 50.87 12.01 -4.03
N LEU B 535 49.87 12.43 -4.80
CA LEU B 535 50.04 13.54 -5.73
C LEU B 535 49.45 14.84 -5.21
N MET B 536 48.90 14.80 -4.01
CA MET B 536 48.27 15.98 -3.43
C MET B 536 48.34 15.97 -1.92
N ALA B 537 48.14 17.14 -1.33
CA ALA B 537 48.03 17.24 0.12
C ALA B 537 46.77 16.56 0.62
N GLU B 538 46.87 15.97 1.79
CA GLU B 538 45.79 15.20 2.39
C GLU B 538 44.62 16.04 2.87
N ASN B 539 44.81 17.34 2.95
CA ASN B 539 43.79 18.17 3.58
C ASN B 539 42.53 18.34 2.74
N PHE B 540 42.50 17.76 1.54
CA PHE B 540 41.28 17.87 0.74
C PHE B 540 40.96 16.63 -0.07
N SER B 541 39.71 16.52 -0.50
CA SER B 541 39.24 15.35 -1.22
C SER B 541 39.10 15.58 -2.71
N ILE B 542 39.29 14.52 -3.49
CA ILE B 542 38.90 14.50 -4.88
C ILE B 542 37.41 14.32 -5.00
N ASN B 543 36.87 14.64 -6.16
CA ASN B 543 35.48 14.33 -6.43
C ASN B 543 35.39 12.91 -6.93
N LYS B 544 34.87 12.05 -6.09
CA LYS B 544 34.90 10.63 -6.37
C LYS B 544 33.90 10.22 -7.43
N SER B 545 32.92 11.08 -7.69
CA SER B 545 31.90 10.78 -8.68
C SER B 545 32.35 11.16 -10.07
N MET B 546 33.52 11.80 -10.15
CA MET B 546 34.11 12.20 -11.42
C MET B 546 35.24 11.29 -11.82
N GLY B 547 35.38 11.07 -13.12
CA GLY B 547 36.53 10.36 -13.63
C GLY B 547 37.68 11.33 -13.79
N ILE B 548 38.79 10.86 -14.30
CA ILE B 548 39.97 11.69 -14.48
C ILE B 548 40.46 11.62 -15.92
N VAL B 549 41.21 12.62 -16.32
CA VAL B 549 41.81 12.63 -17.64
C VAL B 549 43.32 12.62 -17.52
N VAL B 550 43.95 11.65 -18.17
CA VAL B 550 45.38 11.47 -18.00
C VAL B 550 46.15 11.60 -19.29
N ASP B 551 47.16 12.46 -19.27
CA ASP B 551 48.09 12.61 -20.37
C ASP B 551 49.26 11.66 -20.21
N GLU B 552 49.79 11.21 -21.33
CA GLU B 552 50.96 10.36 -21.37
C GLU B 552 52.17 11.06 -21.98
N VAL B 553 51.92 12.00 -22.89
CA VAL B 553 53.01 12.71 -23.57
C VAL B 553 53.71 13.56 -22.53
N ARG B 554 52.89 14.15 -21.67
CA ARG B 554 53.33 14.83 -20.48
C ARG B 554 52.65 14.11 -19.36
N GLU B 555 53.31 13.94 -18.23
CA GLU B 555 52.70 13.14 -17.20
C GLU B 555 51.74 13.95 -16.33
N LEU B 556 50.67 14.40 -16.94
CA LEU B 556 49.70 15.24 -16.25
C LEU B 556 48.37 14.56 -16.09
N VAL B 557 47.83 14.65 -14.88
CA VAL B 557 46.49 14.15 -14.60
C VAL B 557 45.60 15.30 -14.18
N TYR B 558 44.43 15.35 -14.80
CA TYR B 558 43.47 16.40 -14.52
C TYR B 558 42.29 15.82 -13.78
N TYR B 559 41.87 16.52 -12.74
CA TYR B 559 40.83 15.99 -11.87
C TYR B 559 40.08 17.08 -11.14
N VAL B 560 38.95 16.73 -10.58
CA VAL B 560 38.15 17.64 -9.78
C VAL B 560 38.38 17.39 -8.30
N ALA B 561 38.68 18.44 -7.53
CA ALA B 561 38.97 18.28 -6.10
C ALA B 561 38.65 19.54 -5.29
N ASN B 562 38.52 19.37 -3.97
CA ASN B 562 38.23 20.49 -3.08
C ASN B 562 39.49 21.23 -2.69
N GLU B 563 40.16 21.80 -3.67
CA GLU B 563 41.43 22.44 -3.42
C GLU B 563 41.29 23.74 -2.66
N SER B 564 40.32 24.56 -3.04
CA SER B 564 40.18 25.88 -2.44
C SER B 564 39.33 25.89 -1.19
N HIS B 565 38.37 24.99 -1.12
CA HIS B 565 37.37 25.05 -0.08
C HIS B 565 36.57 23.73 -0.03
N PRO B 566 36.16 23.28 1.15
CA PRO B 566 35.34 22.09 1.37
C PRO B 566 33.97 22.11 0.68
N THR B 567 33.45 23.29 0.33
CA THR B 567 32.15 23.38 -0.31
C THR B 567 32.27 23.64 -1.79
N GLU B 568 33.48 23.56 -2.32
CA GLU B 568 33.69 23.94 -3.71
C GLU B 568 34.56 22.95 -4.47
N TRP B 569 34.17 22.63 -5.70
CA TRP B 569 35.01 21.80 -6.54
C TRP B 569 35.84 22.63 -7.50
N ASN B 570 37.11 22.27 -7.65
CA ASN B 570 37.96 22.94 -8.60
C ASN B 570 38.54 21.95 -9.59
N ILE B 571 38.91 22.42 -10.77
CA ILE B 571 39.65 21.57 -11.69
C ILE B 571 41.13 21.79 -11.48
N CYS B 572 41.84 20.72 -11.18
CA CYS B 572 43.24 20.76 -10.86
C CYS B 572 44.07 19.86 -11.75
N VAL B 573 45.34 20.18 -11.85
CA VAL B 573 46.28 19.34 -12.58
C VAL B 573 47.48 19.03 -11.72
N SER B 574 47.98 17.81 -11.84
CA SER B 574 49.20 17.48 -11.16
C SER B 574 50.09 16.63 -12.05
N HIS B 575 51.39 16.72 -11.80
CA HIS B 575 52.36 15.93 -12.54
C HIS B 575 52.62 14.67 -11.74
N TYR B 576 52.33 13.52 -12.32
CA TYR B 576 52.32 12.31 -11.52
C TYR B 576 53.70 11.72 -11.28
N ARG B 577 54.70 12.35 -11.82
CA ARG B 577 56.07 11.92 -11.58
C ARG B 577 56.76 12.80 -10.55
N THR B 578 56.23 14.00 -10.32
CA THR B 578 56.89 14.96 -9.45
C THR B 578 56.07 15.27 -8.21
N GLY B 579 54.75 15.20 -8.34
CA GLY B 579 53.85 15.63 -7.28
C GLY B 579 53.56 17.13 -7.41
N GLN B 580 54.06 17.73 -8.48
CA GLN B 580 53.86 19.15 -8.72
C GLN B 580 52.38 19.39 -8.97
N HIS B 581 51.85 20.43 -8.37
CA HIS B 581 50.41 20.64 -8.39
C HIS B 581 50.01 22.07 -8.70
N ALA B 582 48.91 22.22 -9.44
CA ALA B 582 48.33 23.53 -9.72
C ALA B 582 46.83 23.46 -9.84
N GLN B 583 46.18 24.59 -9.60
CA GLN B 583 44.74 24.72 -9.72
C GLN B 583 44.39 25.49 -10.99
N LEU B 584 43.51 24.92 -11.82
CA LEU B 584 43.21 25.52 -13.12
C LEU B 584 41.95 26.37 -13.15
N THR B 585 41.24 26.46 -12.04
CA THR B 585 40.04 27.29 -12.01
C THR B 585 40.07 28.23 -10.83
N GLU B 586 39.31 29.31 -10.92
CA GLU B 586 39.31 30.34 -9.89
C GLU B 586 38.71 29.87 -8.59
N SER B 587 39.32 30.28 -7.49
CA SER B 587 38.73 30.00 -6.19
C SER B 587 37.45 30.81 -6.06
N GLY B 588 36.45 30.21 -5.44
CA GLY B 588 35.18 30.87 -5.20
C GLY B 588 34.14 30.48 -6.24
N ILE B 589 34.59 29.84 -7.32
CA ILE B 589 33.67 29.37 -8.35
C ILE B 589 33.75 27.85 -8.44
N CYS B 590 32.60 27.21 -8.38
CA CYS B 590 32.54 25.77 -8.29
C CYS B 590 32.32 25.07 -9.62
N PHE B 591 33.10 24.05 -9.87
CA PHE B 591 32.87 23.17 -11.01
C PHE B 591 31.62 22.36 -10.81
N LYS B 592 30.79 22.27 -11.83
CA LYS B 592 29.59 21.47 -11.71
C LYS B 592 29.62 20.24 -12.61
N SER B 593 29.29 19.10 -12.02
CA SER B 593 29.12 17.88 -12.79
C SER B 593 27.64 17.62 -13.01
N GLU B 594 27.28 17.37 -14.25
CA GLU B 594 25.89 17.11 -14.60
C GLU B 594 25.48 15.67 -14.34
N ARG B 595 26.44 14.79 -14.07
CA ARG B 595 26.12 13.38 -13.93
C ARG B 595 27.08 12.63 -13.01
N ALA B 596 26.63 11.52 -12.47
CA ALA B 596 27.50 10.60 -11.76
C ALA B 596 28.43 9.94 -12.78
N ASN B 597 29.67 9.65 -12.37
CA ASN B 597 30.67 9.11 -13.28
C ASN B 597 30.84 10.03 -14.47
N GLY B 598 30.91 11.32 -14.19
CA GLY B 598 31.02 12.33 -15.21
C GLY B 598 32.44 12.44 -15.73
N LYS B 599 32.61 13.25 -16.75
CA LYS B 599 33.89 13.41 -17.42
C LYS B 599 34.21 14.87 -17.63
N LEU B 600 35.48 15.20 -17.68
CA LEU B 600 35.87 16.54 -18.10
C LEU B 600 35.96 16.59 -19.61
N ALA B 601 35.43 17.65 -20.20
CA ALA B 601 35.55 17.85 -21.64
C ALA B 601 36.87 18.52 -21.94
N LEU B 602 37.95 17.78 -21.71
CA LEU B 602 39.28 18.35 -21.77
C LEU B 602 40.06 17.95 -23.00
N ASP B 603 40.58 18.95 -23.69
CA ASP B 603 41.56 18.77 -24.73
C ASP B 603 42.93 19.01 -24.13
N LEU B 604 43.80 18.03 -24.24
CA LEU B 604 45.04 18.09 -23.51
C LEU B 604 45.92 19.27 -23.92
N ASP B 605 45.81 19.72 -25.16
CA ASP B 605 46.66 20.82 -25.59
C ASP B 605 46.01 22.18 -25.48
N HIS B 606 44.70 22.26 -25.71
CA HIS B 606 44.08 23.56 -25.88
C HIS B 606 43.28 24.10 -24.71
N GLY B 607 42.71 23.23 -23.87
CA GLY B 607 41.82 23.73 -22.84
C GLY B 607 40.60 22.85 -22.66
N PHE B 608 39.62 23.35 -21.91
CA PHE B 608 38.44 22.55 -21.61
C PHE B 608 37.17 23.38 -21.52
N ALA B 609 36.05 22.71 -21.75
CA ALA B 609 34.75 23.34 -21.59
C ALA B 609 34.00 22.68 -20.45
N CYS B 610 33.40 23.48 -19.59
CA CYS B 610 32.65 22.93 -18.48
C CYS B 610 31.64 23.89 -17.92
N TYR B 611 30.73 23.36 -17.11
CA TYR B 611 29.84 24.21 -16.36
C TYR B 611 30.46 24.65 -15.06
N MET B 612 30.36 25.94 -14.77
CA MET B 612 30.79 26.48 -13.51
C MET B 612 29.63 27.21 -12.86
N THR B 613 29.51 27.08 -11.57
CA THR B 613 28.41 27.67 -10.83
C THR B 613 28.91 28.30 -9.55
N SER B 614 28.08 29.11 -8.92
CA SER B 614 28.43 29.64 -7.62
C SER B 614 27.18 29.98 -6.85
N VAL B 615 27.33 30.27 -5.57
CA VAL B 615 26.18 30.51 -4.73
C VAL B 615 25.37 31.71 -5.22
N GLY B 616 26.03 32.69 -5.81
CA GLY B 616 25.35 33.88 -6.29
C GLY B 616 25.07 33.88 -7.80
N SER B 617 25.28 32.75 -8.47
CA SER B 617 25.14 32.74 -9.93
C SER B 617 24.79 31.37 -10.51
N PRO B 618 23.88 31.32 -11.51
CA PRO B 618 23.43 30.13 -12.19
C PRO B 618 24.57 29.52 -12.97
N ALA B 619 24.52 28.21 -13.16
CA ALA B 619 25.58 27.54 -13.87
C ALA B 619 25.69 28.06 -15.28
N GLU B 620 26.93 28.24 -15.73
CA GLU B 620 27.20 28.70 -17.07
C GLU B 620 28.31 27.86 -17.66
N CYS B 621 28.24 27.61 -18.96
CA CYS B 621 29.28 26.81 -19.59
C CYS B 621 30.34 27.69 -20.18
N ARG B 622 31.57 27.45 -19.79
CA ARG B 622 32.66 28.29 -20.23
C ARG B 622 33.86 27.51 -20.70
N PHE B 623 34.66 28.14 -21.54
CA PHE B 623 35.88 27.55 -22.05
C PHE B 623 37.11 28.20 -21.45
N TYR B 624 37.96 27.36 -20.92
CA TYR B 624 39.25 27.78 -20.41
C TYR B 624 40.32 27.38 -21.39
N SER B 625 41.15 28.34 -21.77
CA SER B 625 42.19 28.09 -22.74
C SER B 625 43.54 27.92 -22.05
N PHE B 626 44.29 26.91 -22.48
CA PHE B 626 45.60 26.64 -21.90
C PHE B 626 46.66 27.58 -22.39
N ARG B 627 47.61 27.87 -21.51
CA ARG B 627 48.81 28.57 -21.87
C ARG B 627 50.02 27.78 -21.41
N TRP B 628 50.92 27.51 -22.35
CA TRP B 628 52.09 26.73 -22.07
C TRP B 628 53.32 27.60 -22.03
N LYS B 629 54.26 27.25 -21.16
CA LYS B 629 55.49 28.00 -21.06
C LYS B 629 56.70 27.09 -21.23
N GLU B 630 57.79 27.67 -21.71
CA GLU B 630 59.05 26.97 -21.81
C GLU B 630 59.58 26.62 -20.43
N ASN B 631 60.23 25.46 -20.33
CA ASN B 631 60.83 25.03 -19.06
C ASN B 631 59.82 25.03 -17.92
N GLU B 632 58.62 24.55 -18.21
CA GLU B 632 57.57 24.44 -17.22
C GLU B 632 56.79 23.15 -17.42
N VAL B 633 56.21 22.64 -16.35
CA VAL B 633 55.52 21.36 -16.37
C VAL B 633 54.01 21.50 -16.48
N LEU B 634 53.44 22.39 -15.68
CA LEU B 634 52.00 22.51 -15.65
C LEU B 634 51.53 23.69 -16.49
N PRO B 635 50.37 23.59 -17.12
CA PRO B 635 49.70 24.64 -17.85
C PRO B 635 49.07 25.65 -16.91
N SER B 636 48.85 26.85 -17.41
CA SER B 636 47.97 27.80 -16.75
C SER B 636 46.77 28.02 -17.64
N THR B 637 45.69 28.55 -17.11
CA THR B 637 44.53 28.81 -17.95
C THR B 637 44.02 30.22 -17.85
N VAL B 638 43.29 30.60 -18.90
CA VAL B 638 42.57 31.85 -18.93
C VAL B 638 41.13 31.59 -19.37
N TYR B 639 40.20 32.34 -18.79
CA TYR B 639 38.80 32.21 -19.14
C TYR B 639 38.52 33.05 -20.37
N ALA B 640 38.34 32.37 -21.50
CA ALA B 640 38.31 33.05 -22.80
C ALA B 640 36.92 33.17 -23.41
N ALA B 641 36.04 32.21 -23.14
CA ALA B 641 34.77 32.23 -23.85
C ALA B 641 33.64 31.54 -23.09
N ASN B 642 32.41 31.90 -23.44
CA ASN B 642 31.23 31.23 -22.95
C ASN B 642 30.54 30.47 -24.08
N ILE B 643 29.86 29.38 -23.74
CA ILE B 643 29.10 28.66 -24.74
C ILE B 643 27.62 28.62 -24.42
N THR B 644 26.82 29.03 -25.38
CA THR B 644 25.38 29.06 -25.25
C THR B 644 24.77 28.32 -26.44
N VAL B 645 23.59 27.74 -26.25
CA VAL B 645 22.93 27.07 -27.36
C VAL B 645 22.02 28.04 -28.10
N SER B 646 22.16 28.08 -29.42
CA SER B 646 21.40 29.03 -30.23
C SER B 646 19.93 28.65 -30.34
N GLY B 647 19.09 29.63 -30.64
CA GLY B 647 17.67 29.40 -30.86
C GLY B 647 16.89 29.46 -29.55
N HIS B 648 17.61 29.69 -28.47
CA HIS B 648 17.01 29.74 -27.14
C HIS B 648 17.18 31.13 -26.52
N PRO B 649 16.34 31.49 -25.55
CA PRO B 649 16.41 32.71 -24.76
C PRO B 649 17.73 32.79 -24.02
N GLY B 650 18.20 34.02 -23.80
CA GLY B 650 19.45 34.25 -23.09
C GLY B 650 19.19 34.21 -21.59
N GLN B 651 20.22 34.53 -20.82
CA GLN B 651 20.12 34.38 -19.38
C GLN B 651 19.27 35.51 -18.79
N PRO B 652 18.39 35.21 -17.83
CA PRO B 652 17.56 36.15 -17.10
C PRO B 652 18.39 36.96 -16.12
N ASP B 653 17.93 38.17 -15.83
CA ASP B 653 18.55 38.98 -14.79
C ASP B 653 17.85 38.72 -13.46
N LEU B 654 18.52 38.01 -12.57
CA LEU B 654 17.88 37.55 -11.35
C LEU B 654 18.23 38.43 -10.17
N HIS B 655 17.24 38.64 -9.31
CA HIS B 655 17.43 39.46 -8.12
C HIS B 655 16.91 38.74 -6.89
N PHE B 656 17.79 38.60 -5.91
CA PHE B 656 17.52 37.86 -4.70
C PHE B 656 18.50 38.26 -3.62
N ASP B 657 18.19 37.91 -2.39
CA ASP B 657 19.16 38.01 -1.32
C ASP B 657 20.07 36.81 -1.40
N SER B 658 21.35 37.06 -1.67
CA SER B 658 22.27 35.94 -1.80
C SER B 658 22.30 35.19 -0.48
N PRO B 659 22.41 33.87 -0.50
CA PRO B 659 22.52 33.01 0.65
C PRO B 659 23.71 33.40 1.49
N GLU B 660 23.56 33.31 2.80
CA GLU B 660 24.68 33.59 3.67
C GLU B 660 25.45 32.31 3.89
N MET B 661 26.66 32.25 3.36
CA MET B 661 27.47 31.06 3.50
C MET B 661 28.28 31.20 4.77
N ILE B 662 28.08 30.28 5.69
CA ILE B 662 28.63 30.40 7.03
C ILE B 662 29.56 29.27 7.38
N GLU B 663 30.71 29.59 7.93
CA GLU B 663 31.54 28.55 8.50
C GLU B 663 31.65 28.80 9.99
N PHE B 664 31.66 27.74 10.76
CA PHE B 664 31.79 27.85 12.20
C PHE B 664 32.39 26.61 12.79
N GLN B 665 32.89 26.71 14.01
CA GLN B 665 33.49 25.57 14.66
C GLN B 665 32.57 24.99 15.72
N SER B 666 32.53 23.68 15.79
CA SER B 666 31.77 22.99 16.83
C SER B 666 32.34 23.28 18.19
N LYS B 667 31.46 23.47 19.16
CA LYS B 667 31.90 23.77 20.51
C LYS B 667 32.19 22.49 21.28
N LYS B 668 31.87 21.35 20.68
CA LYS B 668 32.09 20.07 21.35
C LYS B 668 33.24 19.29 20.75
N THR B 669 33.44 19.38 19.44
CA THR B 669 34.44 18.55 18.79
C THR B 669 35.61 19.35 18.24
N GLY B 670 35.43 20.64 18.01
CA GLY B 670 36.47 21.45 17.42
C GLY B 670 36.48 21.34 15.89
N LEU B 671 35.54 20.57 15.35
CA LEU B 671 35.48 20.39 13.91
C LEU B 671 34.86 21.59 13.23
N MET B 672 35.32 21.87 12.03
CA MET B 672 34.72 22.92 11.24
C MET B 672 33.48 22.41 10.54
N HIS B 673 32.44 23.23 10.54
CA HIS B 673 31.21 22.93 9.85
C HIS B 673 30.81 24.06 8.96
N TYR B 674 30.03 23.73 7.96
CA TYR B 674 29.50 24.74 7.08
C TYR B 674 27.99 24.71 7.14
N ALA B 675 27.39 25.87 6.98
CA ALA B 675 25.97 26.03 7.02
C ALA B 675 25.57 27.18 6.14
N MET B 676 24.32 27.18 5.72
CA MET B 676 23.84 28.26 4.89
C MET B 676 22.47 28.73 5.30
N ILE B 677 22.27 30.04 5.24
CA ILE B 677 20.96 30.60 5.52
C ILE B 677 20.36 31.34 4.34
N LEU B 678 19.14 30.97 4.01
CA LEU B 678 18.41 31.66 2.96
C LEU B 678 17.49 32.66 3.63
N ARG B 679 17.68 33.92 3.26
CA ARG B 679 17.00 35.04 3.87
C ARG B 679 15.54 35.08 3.41
N PRO B 680 14.59 35.47 4.28
CA PRO B 680 13.20 35.72 3.95
C PRO B 680 13.10 36.92 3.02
N SER B 681 12.08 36.94 2.18
CA SER B 681 11.99 37.92 1.09
C SER B 681 12.01 39.37 1.56
N ASN B 682 11.37 39.64 2.68
CA ASN B 682 11.38 40.98 3.25
C ASN B 682 11.92 40.91 4.67
N PHE B 683 13.20 41.21 4.79
CA PHE B 683 13.92 40.94 6.01
C PHE B 683 14.15 42.15 6.90
N ASP B 684 13.79 41.99 8.15
CA ASP B 684 14.02 42.96 9.21
C ASP B 684 15.01 42.41 10.24
N PRO B 685 16.22 42.95 10.31
CA PRO B 685 17.32 42.51 11.16
C PRO B 685 16.99 42.53 12.65
N TYR B 686 15.96 43.30 13.02
CA TYR B 686 15.60 43.42 14.43
C TYR B 686 14.34 42.64 14.77
N LYS B 687 13.87 41.85 13.81
CA LYS B 687 12.73 40.99 14.05
C LYS B 687 13.15 39.55 13.96
N LYS B 688 12.40 38.67 14.60
CA LYS B 688 12.72 37.27 14.50
C LYS B 688 11.67 36.54 13.66
N TYR B 689 12.13 35.52 12.96
CA TYR B 689 11.32 34.79 12.01
C TYR B 689 11.30 33.30 12.35
N PRO B 690 10.27 32.56 11.95
CA PRO B 690 10.12 31.13 12.14
C PRO B 690 11.21 30.39 11.40
N VAL B 691 11.66 29.30 12.00
CA VAL B 691 12.79 28.55 11.47
C VAL B 691 12.38 27.29 10.73
N PHE B 692 12.85 27.18 9.50
CA PHE B 692 12.68 25.97 8.74
C PHE B 692 14.03 25.33 8.59
N HIS B 693 14.21 24.20 9.22
CA HIS B 693 15.51 23.58 9.26
C HIS B 693 15.50 22.36 8.38
N TYR B 694 16.23 22.44 7.29
CA TYR B 694 16.24 21.36 6.34
C TYR B 694 17.42 20.47 6.58
N VAL B 695 17.18 19.19 6.65
CA VAL B 695 18.24 18.27 6.95
C VAL B 695 18.27 17.12 5.98
N TYR B 696 19.46 16.64 5.72
CA TYR B 696 19.65 15.33 5.12
C TYR B 696 20.48 14.56 6.10
N GLY B 697 21.75 14.91 6.16
CA GLY B 697 22.62 14.49 7.25
C GLY B 697 23.24 13.13 7.02
N GLY B 698 22.80 12.46 5.95
CA GLY B 698 23.31 11.13 5.65
C GLY B 698 24.63 11.25 4.92
N PRO B 699 25.36 10.16 4.84
CA PRO B 699 26.63 10.01 4.17
C PRO B 699 26.48 10.03 2.66
N GLY B 700 27.52 10.48 1.98
CA GLY B 700 27.59 10.46 0.53
C GLY B 700 27.02 11.73 -0.08
N ILE B 701 26.38 12.53 0.74
CA ILE B 701 25.72 13.75 0.29
C ILE B 701 26.24 14.97 1.04
N GLN B 702 26.39 16.06 0.30
CA GLN B 702 26.74 17.34 0.86
C GLN B 702 25.63 18.34 0.56
N ILE B 703 25.09 18.97 1.59
CA ILE B 703 23.96 19.89 1.40
C ILE B 703 24.44 21.31 1.24
N VAL B 704 25.40 21.69 2.07
CA VAL B 704 25.91 23.04 1.99
C VAL B 704 26.96 23.08 0.91
N HIS B 705 26.69 23.84 -0.14
CA HIS B 705 27.53 23.76 -1.32
C HIS B 705 27.52 25.06 -2.10
N ASN B 706 28.62 25.35 -2.76
CA ASN B 706 28.74 26.59 -3.53
C ASN B 706 28.13 26.45 -4.92
N ASP B 707 26.81 26.33 -4.98
CA ASP B 707 26.10 26.26 -6.26
C ASP B 707 24.76 26.97 -6.18
N PHE B 708 23.93 26.77 -7.18
CA PHE B 708 22.69 27.53 -7.32
C PHE B 708 21.48 26.66 -7.05
N SER B 709 21.69 25.54 -6.38
CA SER B 709 20.64 24.57 -6.08
C SER B 709 19.67 25.05 -5.00
N TRP B 710 20.05 26.13 -4.34
CA TRP B 710 19.25 26.69 -3.25
C TRP B 710 18.04 27.46 -3.76
N ILE B 711 17.97 27.68 -5.06
CA ILE B 711 16.90 28.46 -5.67
C ILE B 711 15.52 27.90 -5.38
N GLN B 712 15.43 26.60 -5.30
CA GLN B 712 14.14 25.95 -5.10
C GLN B 712 13.52 26.28 -3.76
N TYR B 713 14.31 26.83 -2.84
CA TYR B 713 13.82 27.13 -1.50
C TYR B 713 13.37 28.57 -1.34
N ILE B 714 13.44 29.33 -2.42
CA ILE B 714 12.96 30.72 -2.40
C ILE B 714 11.47 30.73 -2.11
N ARG B 715 10.80 29.66 -2.49
CA ARG B 715 9.37 29.50 -2.28
C ARG B 715 9.00 29.52 -0.80
N PHE B 716 9.94 29.16 0.08
CA PHE B 716 9.66 29.20 1.51
C PHE B 716 10.01 30.56 2.07
N CYS B 717 11.04 31.17 1.49
CA CYS B 717 11.49 32.46 1.95
C CYS B 717 10.48 33.54 1.62
N ARG B 718 9.67 33.29 0.60
CA ARG B 718 8.63 34.21 0.23
C ARG B 718 7.43 34.09 1.16
N LEU B 719 7.45 33.10 2.03
CA LEU B 719 6.41 32.91 3.01
C LEU B 719 6.88 33.32 4.40
N GLY B 720 8.02 34.00 4.46
CA GLY B 720 8.50 34.54 5.72
C GLY B 720 9.32 33.56 6.55
N TYR B 721 9.82 32.50 5.93
CA TYR B 721 10.63 31.54 6.68
C TYR B 721 12.11 31.78 6.51
N VAL B 722 12.86 31.44 7.54
CA VAL B 722 14.30 31.36 7.43
C VAL B 722 14.67 29.92 7.16
N VAL B 723 15.38 29.67 6.06
CA VAL B 723 15.72 28.29 5.73
C VAL B 723 17.19 28.05 6.01
N VAL B 724 17.45 27.10 6.89
CA VAL B 724 18.83 26.86 7.31
C VAL B 724 19.29 25.44 6.97
N PHE B 725 20.47 25.37 6.38
CA PHE B 725 21.10 24.11 6.03
C PHE B 725 22.37 23.95 6.81
N ILE B 726 22.57 22.79 7.41
CA ILE B 726 23.79 22.54 8.15
C ILE B 726 24.35 21.17 7.73
N ASP B 727 25.65 21.07 7.51
CA ASP B 727 26.24 19.75 7.29
C ASP B 727 26.60 19.14 8.63
N ASN B 728 27.11 17.91 8.63
CA ASN B 728 27.44 17.28 9.90
C ASN B 728 28.45 16.17 9.75
N ARG B 729 28.86 15.61 10.88
CA ARG B 729 29.72 14.43 10.86
C ARG B 729 29.00 13.31 10.13
N GLY B 730 29.72 12.60 9.30
CA GLY B 730 29.10 11.60 8.43
C GLY B 730 28.89 12.15 7.03
N SER B 731 28.95 13.47 6.87
CA SER B 731 28.74 14.11 5.57
C SER B 731 29.93 13.93 4.63
N ALA B 732 29.66 14.00 3.34
CA ALA B 732 30.61 13.69 2.29
C ALA B 732 31.73 14.70 2.06
N HIS B 733 32.81 14.20 1.47
CA HIS B 733 33.94 14.97 0.95
C HIS B 733 34.80 15.67 1.98
N ARG B 734 34.91 15.08 3.17
CA ARG B 734 35.80 15.62 4.18
C ARG B 734 36.94 14.66 4.53
N GLY B 735 36.73 13.38 4.30
CA GLY B 735 37.69 12.36 4.70
C GLY B 735 37.05 11.34 5.63
N ILE B 736 37.69 10.20 5.80
CA ILE B 736 37.09 9.13 6.59
C ILE B 736 36.99 9.48 8.07
N GLU B 737 37.88 10.31 8.57
CA GLU B 737 37.85 10.67 9.98
C GLU B 737 36.58 11.44 10.30
N PHE B 738 36.11 12.21 9.35
CA PHE B 738 34.92 13.00 9.53
C PHE B 738 33.68 12.13 9.37
N GLU B 739 33.73 11.20 8.41
CA GLU B 739 32.59 10.36 8.11
C GLU B 739 32.38 9.22 9.10
N ARG B 740 33.45 8.74 9.70
CA ARG B 740 33.45 7.51 10.48
C ARG B 740 32.66 7.56 11.77
N HIS B 741 32.33 8.76 12.21
CA HIS B 741 31.68 8.92 13.50
C HIS B 741 30.29 8.31 13.53
N ILE B 742 29.72 8.04 12.36
CA ILE B 742 28.38 7.47 12.30
C ILE B 742 28.44 5.96 12.17
N HIS B 743 29.65 5.41 12.26
CA HIS B 743 29.80 3.96 12.14
C HIS B 743 29.10 3.27 13.29
N LYS B 744 28.13 2.44 12.94
CA LYS B 744 27.29 1.72 13.89
C LYS B 744 26.55 2.65 14.83
N LYS B 745 26.43 3.91 14.46
CA LYS B 745 25.80 4.90 15.32
C LYS B 745 24.87 5.83 14.58
N MET B 746 24.25 5.36 13.52
CA MET B 746 23.38 6.25 12.78
C MET B 746 22.24 6.73 13.65
N GLY B 747 21.95 8.02 13.55
CA GLY B 747 20.88 8.66 14.32
C GLY B 747 21.35 9.09 15.69
N THR B 748 22.62 8.86 16.01
CA THR B 748 23.11 9.20 17.34
C THR B 748 24.05 10.39 17.35
N VAL B 749 24.73 10.63 16.24
CA VAL B 749 25.76 11.67 16.22
C VAL B 749 25.37 12.87 15.39
N GLU B 750 24.93 12.61 14.17
CA GLU B 750 24.64 13.64 13.20
C GLU B 750 23.46 14.50 13.61
N VAL B 751 22.63 13.97 14.50
CA VAL B 751 21.47 14.70 14.98
C VAL B 751 21.92 15.80 15.93
N GLU B 752 23.00 15.56 16.67
CA GLU B 752 23.50 16.54 17.61
C GLU B 752 24.19 17.67 16.90
N ASP B 753 24.84 17.36 15.80
CA ASP B 753 25.53 18.38 15.05
C ASP B 753 24.54 19.34 14.44
N GLN B 754 23.38 18.80 14.03
CA GLN B 754 22.35 19.64 13.45
C GLN B 754 21.75 20.56 14.50
N VAL B 755 21.60 20.05 15.72
CA VAL B 755 21.04 20.86 16.79
C VAL B 755 21.99 21.95 17.25
N GLU B 756 23.25 21.60 17.43
CA GLU B 756 24.23 22.58 17.87
C GLU B 756 24.47 23.63 16.81
N GLY B 757 24.48 23.21 15.56
CA GLY B 757 24.71 24.13 14.46
C GLY B 757 23.59 25.14 14.36
N LEU B 758 22.36 24.71 14.62
CA LEU B 758 21.24 25.63 14.56
C LEU B 758 21.34 26.68 15.64
N GLN B 759 21.72 26.27 16.83
CA GLN B 759 21.81 27.20 17.94
C GLN B 759 22.93 28.21 17.73
N MET B 760 24.05 27.76 17.19
CA MET B 760 25.15 28.67 16.94
C MET B 760 24.83 29.66 15.86
N LEU B 761 24.07 29.23 14.88
CA LEU B 761 23.66 30.17 13.86
C LEU B 761 22.74 31.22 14.44
N ALA B 762 21.88 30.81 15.37
CA ALA B 762 20.97 31.76 16.00
C ALA B 762 21.73 32.87 16.70
N GLU B 763 22.88 32.53 17.28
CA GLU B 763 23.73 33.52 17.94
C GLU B 763 24.42 34.42 16.92
N ARG B 764 24.90 33.82 15.83
CA ARG B 764 25.66 34.55 14.82
C ARG B 764 24.77 35.44 13.97
N THR B 765 23.51 35.07 13.88
CA THR B 765 22.55 35.81 13.08
C THR B 765 22.07 37.06 13.80
N GLY B 766 22.41 37.18 15.08
CA GLY B 766 21.95 38.33 15.86
C GLY B 766 20.58 38.10 16.47
N GLY B 767 20.15 36.85 16.55
CA GLY B 767 18.87 36.55 17.15
C GLY B 767 17.65 36.80 16.27
N PHE B 768 17.78 36.73 14.94
CA PHE B 768 16.59 36.94 14.13
C PHE B 768 15.90 35.62 13.84
N MET B 769 16.42 34.55 14.43
CA MET B 769 15.78 33.26 14.29
C MET B 769 15.07 32.91 15.59
N ASP B 770 13.80 32.55 15.46
CA ASP B 770 12.98 32.26 16.62
C ASP B 770 13.02 30.80 17.01
N MET B 771 13.59 30.51 18.18
CA MET B 771 13.78 29.12 18.59
C MET B 771 12.52 28.50 19.17
N SER B 772 11.47 29.29 19.31
CA SER B 772 10.21 28.78 19.80
C SER B 772 9.31 28.35 18.64
N ARG B 773 9.77 28.60 17.42
CA ARG B 773 9.02 28.24 16.22
C ARG B 773 9.91 27.52 15.23
N VAL B 774 10.26 26.27 15.54
CA VAL B 774 11.18 25.54 14.69
C VAL B 774 10.55 24.27 14.12
N VAL B 775 10.58 24.16 12.80
CA VAL B 775 10.08 22.99 12.09
C VAL B 775 11.21 22.34 11.29
N VAL B 776 11.37 21.04 11.45
CA VAL B 776 12.45 20.34 10.75
C VAL B 776 11.93 19.42 9.68
N HIS B 777 12.55 19.51 8.52
CA HIS B 777 12.14 18.76 7.35
C HIS B 777 13.30 18.05 6.68
N GLY B 778 13.05 16.85 6.20
CA GLY B 778 14.04 16.17 5.39
C GLY B 778 13.43 15.03 4.61
N TRP B 779 14.17 14.51 3.65
CA TRP B 779 13.68 13.45 2.79
C TRP B 779 14.67 12.30 2.77
N SER B 780 14.17 11.09 2.68
CA SER B 780 15.02 9.90 2.68
C SER B 780 15.74 9.83 4.03
N TYR B 781 17.06 9.94 4.02
CA TYR B 781 17.79 9.94 5.27
C TYR B 781 17.37 11.15 6.10
N GLY B 782 17.01 12.22 5.41
CA GLY B 782 16.56 13.41 6.08
C GLY B 782 15.25 13.17 6.81
N GLY B 783 14.41 12.30 6.26
CA GLY B 783 13.13 12.02 6.91
C GLY B 783 13.40 11.23 8.18
N TYR B 784 14.39 10.37 8.09
CA TYR B 784 14.84 9.60 9.23
C TYR B 784 15.29 10.51 10.35
N MET B 785 16.09 11.51 10.01
CA MET B 785 16.56 12.44 11.01
C MET B 785 15.51 13.43 11.48
N ALA B 786 14.55 13.78 10.65
CA ALA B 786 13.50 14.67 11.11
C ALA B 786 12.75 13.99 12.27
N LEU B 787 12.59 12.67 12.16
CA LEU B 787 11.99 11.88 13.23
C LEU B 787 12.89 11.80 14.44
N GLN B 788 14.18 11.63 14.19
CA GLN B 788 15.14 11.49 15.27
C GLN B 788 15.21 12.76 16.09
N MET B 789 15.18 13.90 15.40
CA MET B 789 15.33 15.17 16.07
C MET B 789 14.15 15.59 16.90
N ILE B 790 12.94 15.31 16.45
CA ILE B 790 11.80 15.68 17.27
C ILE B 790 11.64 14.72 18.42
N ALA B 791 11.96 13.45 18.19
CA ALA B 791 11.89 12.46 19.23
C ALA B 791 12.89 12.73 20.34
N LYS B 792 14.06 13.24 19.95
CA LYS B 792 15.11 13.47 20.91
C LYS B 792 15.11 14.89 21.46
N HIS B 793 14.63 15.83 20.67
CA HIS B 793 14.63 17.22 21.07
C HIS B 793 13.29 17.92 20.81
N PRO B 794 12.24 17.51 21.51
CA PRO B 794 10.88 18.00 21.40
C PRO B 794 10.78 19.42 21.92
N ASN B 795 11.81 19.86 22.65
CA ASN B 795 11.80 21.18 23.24
C ASN B 795 12.48 22.18 22.34
N ILE B 796 13.01 21.70 21.22
CA ILE B 796 13.63 22.55 20.23
C ILE B 796 12.75 22.59 19.00
N TYR B 797 12.36 21.40 18.53
CA TYR B 797 11.55 21.32 17.34
C TYR B 797 10.09 21.17 17.68
N ARG B 798 9.29 22.06 17.14
CA ARG B 798 7.89 22.07 17.42
C ARG B 798 7.21 21.01 16.57
N ALA B 799 7.76 20.80 15.38
CA ALA B 799 7.20 19.83 14.46
C ALA B 799 8.25 19.28 13.51
N ALA B 800 7.96 18.12 12.95
CA ALA B 800 8.84 17.52 11.96
C ALA B 800 8.07 16.99 10.78
N ILE B 801 8.64 17.17 9.58
CA ILE B 801 8.11 16.59 8.36
C ILE B 801 9.11 15.57 7.83
N ALA B 802 8.74 14.30 7.87
CA ALA B 802 9.65 13.25 7.47
C ALA B 802 9.20 12.58 6.19
N GLY B 803 9.83 12.92 5.08
CA GLY B 803 9.45 12.33 3.81
C GLY B 803 10.37 11.18 3.43
N GLY B 804 9.79 10.07 2.98
CA GLY B 804 10.61 8.97 2.50
C GLY B 804 11.47 8.42 3.61
N ALA B 805 11.01 8.53 4.84
CA ALA B 805 11.83 8.18 5.99
C ALA B 805 12.18 6.72 6.05
N VAL B 806 13.38 6.42 6.51
CA VAL B 806 13.80 5.06 6.75
C VAL B 806 13.60 4.71 8.21
N SER B 807 12.60 3.89 8.51
CA SER B 807 12.28 3.57 9.90
C SER B 807 13.11 2.41 10.44
N ASP B 808 13.56 1.53 9.56
CA ASP B 808 14.30 0.35 9.96
C ASP B 808 15.36 -0.01 8.95
N TRP B 809 16.59 -0.11 9.42
CA TRP B 809 17.72 -0.37 8.54
C TRP B 809 17.72 -1.78 7.99
N ARG B 810 17.02 -2.68 8.66
CA ARG B 810 16.98 -4.06 8.21
C ARG B 810 16.10 -4.21 6.98
N LEU B 811 15.31 -3.17 6.69
CA LEU B 811 14.43 -3.20 5.54
C LEU B 811 15.10 -2.51 4.36
N TYR B 812 16.30 -2.00 4.59
CA TYR B 812 16.98 -1.25 3.54
C TYR B 812 18.02 -2.13 2.87
N ASP B 813 18.71 -1.62 1.87
CA ASP B 813 19.56 -2.47 1.05
C ASP B 813 20.91 -2.81 1.66
N THR B 814 21.56 -3.81 1.07
CA THR B 814 22.79 -4.37 1.59
C THR B 814 23.99 -3.44 1.53
N ALA B 815 24.29 -2.90 0.36
CA ALA B 815 25.55 -2.19 0.20
C ALA B 815 25.60 -0.92 1.02
N TYR B 816 24.48 -0.24 1.14
CA TYR B 816 24.47 0.99 1.90
C TYR B 816 24.49 0.71 3.38
N THR B 817 23.60 -0.15 3.82
CA THR B 817 23.38 -0.31 5.24
C THR B 817 24.59 -0.90 5.93
N GLU B 818 25.19 -1.89 5.32
CA GLU B 818 26.24 -2.65 5.97
C GLU B 818 27.58 -1.94 6.02
N ARG B 819 27.83 -0.99 5.12
CA ARG B 819 29.10 -0.31 5.22
C ARG B 819 29.12 0.61 6.42
N TYR B 820 27.94 1.05 6.84
CA TYR B 820 27.86 1.94 7.99
C TYR B 820 27.50 1.18 9.26
N MET B 821 26.65 0.18 9.14
CA MET B 821 26.16 -0.54 10.31
C MET B 821 26.96 -1.80 10.63
N GLY B 822 27.82 -2.22 9.71
CA GLY B 822 28.68 -3.36 9.93
C GLY B 822 28.07 -4.68 9.47
N TYR B 823 28.89 -5.72 9.46
CA TYR B 823 28.47 -7.05 9.09
C TYR B 823 29.34 -8.06 9.84
N PRO B 824 28.76 -9.14 10.39
CA PRO B 824 27.39 -9.63 10.33
C PRO B 824 26.44 -8.70 11.04
N LEU B 825 25.19 -8.75 10.62
CA LEU B 825 24.18 -7.86 11.16
C LEU B 825 24.02 -8.10 12.65
N GLU B 826 24.05 -7.02 13.43
CA GLU B 826 23.89 -7.12 14.87
C GLU B 826 22.58 -6.54 15.32
N GLU B 827 21.80 -7.33 16.03
CA GLU B 827 20.46 -6.93 16.40
C GLU B 827 20.43 -5.68 17.26
N HIS B 828 21.38 -5.54 18.17
CA HIS B 828 21.36 -4.40 19.07
C HIS B 828 21.92 -3.14 18.44
N VAL B 829 22.64 -3.28 17.35
CA VAL B 829 23.19 -2.12 16.66
C VAL B 829 22.13 -1.57 15.76
N TYR B 830 21.45 -2.46 15.07
CA TYR B 830 20.38 -2.07 14.17
C TYR B 830 19.17 -1.60 14.95
N GLY B 831 18.94 -2.19 16.12
CA GLY B 831 17.86 -1.76 16.97
C GLY B 831 18.09 -0.35 17.47
N ALA B 832 19.32 -0.06 17.88
CA ALA B 832 19.65 1.26 18.41
C ALA B 832 19.45 2.38 17.38
N SER B 833 19.72 2.08 16.12
CA SER B 833 19.61 3.07 15.06
C SER B 833 18.25 3.11 14.38
N SER B 834 17.33 2.25 14.79
CA SER B 834 16.01 2.24 14.18
C SER B 834 15.16 3.34 14.78
N ILE B 835 14.05 3.65 14.12
CA ILE B 835 13.09 4.60 14.66
C ILE B 835 12.16 3.92 15.64
N THR B 836 12.14 2.60 15.61
CA THR B 836 11.20 1.85 16.42
C THR B 836 11.35 2.22 17.89
N GLY B 837 12.59 2.35 18.33
CA GLY B 837 12.87 2.62 19.74
C GLY B 837 12.56 4.07 20.11
N LEU B 838 12.35 4.90 19.10
CA LEU B 838 12.06 6.30 19.33
C LEU B 838 10.58 6.64 19.21
N VAL B 839 9.75 5.66 18.88
CA VAL B 839 8.35 6.00 18.67
C VAL B 839 7.74 6.48 19.97
N GLU B 840 8.17 5.89 21.06
CA GLU B 840 7.72 6.27 22.38
C GLU B 840 7.99 7.73 22.68
N LYS B 841 9.06 8.27 22.11
CA LYS B 841 9.50 9.62 22.39
C LYS B 841 8.88 10.64 21.44
N LEU B 842 8.12 10.16 20.47
CA LEU B 842 7.48 11.06 19.54
C LEU B 842 6.44 11.86 20.30
N PRO B 843 6.14 13.08 19.86
CA PRO B 843 5.26 14.01 20.52
C PRO B 843 3.87 13.46 20.70
N ASP B 844 3.27 13.77 21.84
CA ASP B 844 1.93 13.30 22.15
C ASP B 844 0.89 14.19 21.52
N GLU B 845 1.23 15.46 21.38
CA GLU B 845 0.30 16.41 20.80
C GLU B 845 0.19 16.18 19.31
N PRO B 846 -0.96 16.50 18.74
CA PRO B 846 -1.25 16.49 17.32
C PRO B 846 -0.57 17.63 16.59
N ASN B 847 -0.44 17.46 15.29
CA ASN B 847 0.14 18.43 14.37
C ASN B 847 1.61 18.69 14.64
N ARG B 848 2.27 17.73 15.29
CA ARG B 848 3.70 17.86 15.50
C ARG B 848 4.49 16.95 14.56
N LEU B 849 3.88 15.85 14.12
CA LEU B 849 4.58 14.94 13.22
C LEU B 849 3.82 14.70 11.93
N MET B 850 4.51 14.87 10.82
CA MET B 850 3.97 14.57 9.51
C MET B 850 4.85 13.57 8.77
N LEU B 851 4.22 12.59 8.13
CA LEU B 851 4.91 11.58 7.38
C LEU B 851 4.47 11.63 5.93
N VAL B 852 5.42 11.72 5.02
CA VAL B 852 5.10 11.77 3.60
C VAL B 852 5.79 10.64 2.86
N HIS B 853 5.05 9.89 2.07
CA HIS B 853 5.71 8.79 1.40
C HIS B 853 5.05 8.43 0.08
N GLY B 854 5.87 8.01 -0.87
CA GLY B 854 5.36 7.47 -2.12
C GLY B 854 4.92 6.04 -1.92
N LEU B 855 3.97 5.58 -2.72
CA LEU B 855 3.54 4.21 -2.60
C LEU B 855 4.40 3.28 -3.47
N MET B 856 5.02 3.85 -4.49
CA MET B 856 5.80 3.08 -5.45
C MET B 856 7.29 3.29 -5.29
N ASP B 857 7.68 3.75 -4.11
CA ASP B 857 9.07 4.08 -3.85
C ASP B 857 9.91 2.83 -3.72
N GLU B 858 10.81 2.64 -4.68
CA GLU B 858 11.64 1.45 -4.75
C GLU B 858 12.94 1.61 -3.98
N ASN B 859 13.20 2.82 -3.51
CA ASN B 859 14.43 3.11 -2.79
C ASN B 859 14.22 2.95 -1.31
N VAL B 860 13.29 3.72 -0.77
CA VAL B 860 12.86 3.53 0.60
C VAL B 860 11.47 2.99 0.51
N HIS B 861 11.30 1.76 0.87
CA HIS B 861 10.06 1.09 0.60
C HIS B 861 8.95 1.54 1.50
N PHE B 862 7.74 1.34 1.03
CA PHE B 862 6.56 1.70 1.79
C PHE B 862 6.52 0.90 3.09
N ALA B 863 7.17 -0.27 3.08
CA ALA B 863 7.25 -1.10 4.26
C ALA B 863 7.86 -0.33 5.43
N HIS B 864 8.74 0.63 5.14
CA HIS B 864 9.32 1.43 6.19
C HIS B 864 8.25 2.29 6.86
N LEU B 865 7.33 2.79 6.05
CA LEU B 865 6.28 3.64 6.56
C LEU B 865 5.27 2.84 7.34
N THR B 866 4.94 1.65 6.85
CA THR B 866 3.92 0.86 7.50
C THR B 866 4.43 0.38 8.84
N HIS B 867 5.72 0.18 8.93
CA HIS B 867 6.33 -0.19 10.20
C HIS B 867 6.21 0.95 11.19
N LEU B 868 6.50 2.16 10.74
CA LEU B 868 6.44 3.34 11.59
C LEU B 868 5.03 3.68 12.00
N VAL B 869 4.10 3.60 11.08
CA VAL B 869 2.71 3.89 11.36
C VAL B 869 2.15 2.88 12.34
N ASP B 870 2.51 1.62 12.16
CA ASP B 870 2.02 0.60 13.05
C ASP B 870 2.49 0.80 14.47
N GLU B 871 3.74 1.25 14.62
CA GLU B 871 4.24 1.52 15.95
C GLU B 871 3.54 2.71 16.58
N CYS B 872 3.23 3.72 15.78
CA CYS B 872 2.52 4.87 16.31
C CYS B 872 1.15 4.47 16.82
N ILE B 873 0.50 3.55 16.11
CA ILE B 873 -0.82 3.10 16.49
C ILE B 873 -0.75 2.38 17.82
N LYS B 874 0.25 1.53 17.99
CA LYS B 874 0.44 0.79 19.22
C LYS B 874 0.74 1.71 20.40
N LYS B 875 1.51 2.76 20.14
CA LYS B 875 1.93 3.66 21.20
C LYS B 875 0.96 4.81 21.44
N GLY B 876 -0.01 4.98 20.54
CA GLY B 876 -0.98 6.06 20.71
C GLY B 876 -0.44 7.41 20.29
N LYS B 877 0.50 7.41 19.35
CA LYS B 877 1.09 8.66 18.88
C LYS B 877 0.40 9.16 17.64
N TRP B 878 0.08 10.45 17.63
CA TRP B 878 -0.59 11.08 16.52
C TRP B 878 0.37 11.34 15.37
N HIS B 879 -0.11 11.19 14.16
CA HIS B 879 0.66 11.60 12.99
C HIS B 879 -0.23 11.99 11.82
N GLU B 880 0.25 12.92 11.00
CA GLU B 880 -0.42 13.23 9.75
C GLU B 880 0.25 12.47 8.63
N LEU B 881 -0.55 11.80 7.81
CA LEU B 881 0.02 11.00 6.75
C LEU B 881 -0.43 11.43 5.35
N VAL B 882 0.54 11.65 4.48
CA VAL B 882 0.27 11.98 3.09
C VAL B 882 0.91 10.95 2.18
N ILE B 883 0.11 10.37 1.29
CA ILE B 883 0.60 9.35 0.38
C ILE B 883 0.35 9.72 -1.06
N PHE B 884 1.32 9.40 -1.89
CA PHE B 884 1.25 9.62 -3.33
C PHE B 884 1.30 8.29 -4.08
N PRO B 885 0.13 7.71 -4.39
CA PRO B 885 -0.03 6.37 -4.93
C PRO B 885 0.68 6.13 -6.24
N ASN B 886 0.92 7.20 -7.00
CA ASN B 886 1.55 7.05 -8.30
C ASN B 886 2.94 7.65 -8.33
N GLU B 887 3.51 7.92 -7.18
CA GLU B 887 4.83 8.51 -7.12
C GLU B 887 5.86 7.58 -6.53
N ARG B 888 7.10 7.85 -6.88
CA ARG B 888 8.24 7.04 -6.50
C ARG B 888 8.91 7.64 -5.29
N HIS B 889 10.24 7.66 -5.29
CA HIS B 889 10.97 8.18 -4.14
C HIS B 889 10.73 9.67 -3.95
N GLY B 890 10.83 10.42 -5.04
CA GLY B 890 10.48 11.83 -5.00
C GLY B 890 9.13 12.03 -5.63
N VAL B 891 8.67 13.26 -5.68
CA VAL B 891 7.41 13.56 -6.34
C VAL B 891 7.67 14.33 -7.63
N ARG B 892 7.35 13.73 -8.77
CA ARG B 892 7.73 14.30 -10.05
C ARG B 892 6.57 14.91 -10.82
N ASN B 893 5.35 14.44 -10.59
CA ASN B 893 4.24 15.00 -11.32
C ASN B 893 4.05 16.44 -10.91
N ASN B 894 3.84 17.32 -11.87
CA ASN B 894 3.78 18.74 -11.59
C ASN B 894 2.68 19.11 -10.60
N ASP B 895 1.54 18.43 -10.68
CA ASP B 895 0.45 18.76 -9.79
C ASP B 895 0.61 18.07 -8.46
N ALA B 896 1.20 16.89 -8.48
CA ALA B 896 1.49 16.21 -7.23
C ALA B 896 2.52 16.99 -6.43
N SER B 897 3.46 17.60 -7.16
CA SER B 897 4.51 18.39 -6.54
C SER B 897 3.93 19.65 -5.93
N ILE B 898 2.98 20.27 -6.61
CA ILE B 898 2.31 21.45 -6.08
C ILE B 898 1.52 21.12 -4.84
N TYR B 899 0.82 19.99 -4.88
CA TYR B 899 0.05 19.55 -3.75
C TYR B 899 0.92 19.29 -2.55
N LEU B 900 2.04 18.62 -2.76
CA LEU B 900 2.92 18.31 -1.65
C LEU B 900 3.45 19.57 -1.01
N ASP B 901 3.81 20.53 -1.84
CA ASP B 901 4.36 21.74 -1.28
C ASP B 901 3.30 22.46 -0.47
N ALA B 902 2.07 22.46 -0.96
CA ALA B 902 1.03 23.17 -0.26
C ALA B 902 0.75 22.57 1.10
N ARG B 903 0.86 21.24 1.21
CA ARG B 903 0.59 20.61 2.49
C ARG B 903 1.75 20.73 3.44
N MET B 904 2.96 20.72 2.94
CA MET B 904 4.09 20.91 3.83
C MET B 904 4.04 22.31 4.41
N MET B 905 3.66 23.26 3.57
CA MET B 905 3.64 24.66 3.96
C MET B 905 2.46 24.96 4.87
N TYR B 906 1.32 24.36 4.58
CA TYR B 906 0.14 24.57 5.41
C TYR B 906 0.41 24.00 6.79
N PHE B 907 0.97 22.80 6.81
CA PHE B 907 1.27 22.12 8.06
C PHE B 907 2.22 22.94 8.88
N ALA B 908 3.25 23.48 8.24
CA ALA B 908 4.25 24.25 8.94
C ALA B 908 3.64 25.45 9.63
N GLN B 909 2.62 26.07 9.01
CA GLN B 909 2.01 27.24 9.65
C GLN B 909 1.32 26.86 10.92
N GLN B 910 0.69 25.71 10.92
CA GLN B 910 -0.09 25.32 12.06
C GLN B 910 0.84 24.89 13.18
N ALA B 911 1.98 24.35 12.80
CA ALA B 911 2.99 23.93 13.75
C ALA B 911 3.61 25.09 14.51
N ILE B 912 3.79 26.22 13.83
CA ILE B 912 4.47 27.35 14.45
C ILE B 912 3.51 28.35 15.07
N GLN B 913 2.33 28.49 14.47
CA GLN B 913 1.42 29.56 14.85
C GLN B 913 0.60 29.17 16.09
N GLY B 914 1.26 29.17 17.24
CA GLY B 914 0.65 28.79 18.51
C GLY B 914 1.49 29.28 19.69
#